data_2YZB
#
_entry.id   2YZB
#
_cell.length_a   84.480
_cell.length_b   123.240
_cell.length_c   284.550
_cell.angle_alpha   90.00
_cell.angle_beta   90.00
_cell.angle_gamma   90.00
#
_symmetry.space_group_name_H-M   'P 21 21 21'
#
loop_
_entity.id
_entity.type
_entity.pdbx_description
1 polymer Uricase
2 non-polymer 'URIC ACID'
3 water water
#
_entity_poly.entity_id   1
_entity_poly.type   'polypeptide(L)'
_entity_poly.pdbx_seq_one_letter_code
;MTATAETSTGTKVVLGQNQYGKAEVRLVKVTRNTARHEIQDLNVTSQLRGDFEAAHTAGDNAHVVATDTQKNTVYAFARD
GFATTEEFLLRLGKHFTEGFDWVTGGRWAAQQFFWDRINDHDHAFSRNKSEVRTAVLEISGSEQAIVAGIEGLTVLKSTG
SEFHGFPRDKYTTLQETTDRILATDVSARWRYNTVEVDFDAVYASVRGLLLKAFAETHSLALQQTMYEMGRAVIETHPEI
DEIKMSLPNKHHFLVDLQPFGQDNPNEVFYAADRPYGLIEATIQREGSRADHPIWSNIAGFC
;
_entity_poly.pdbx_strand_id   A,B,C,D,E,F,G,H
#
# COMPACT_ATOMS: atom_id res chain seq x y z
N THR A 11 -44.57 -35.52 9.07
CA THR A 11 -44.13 -36.82 8.47
C THR A 11 -44.74 -37.03 7.09
N LYS A 12 -45.83 -36.31 6.82
CA LYS A 12 -46.50 -36.42 5.53
C LYS A 12 -45.87 -35.42 4.58
N VAL A 13 -46.08 -35.61 3.28
CA VAL A 13 -45.54 -34.71 2.27
C VAL A 13 -46.67 -33.89 1.66
N VAL A 14 -46.41 -32.59 1.48
CA VAL A 14 -47.40 -31.67 0.92
C VAL A 14 -46.86 -30.88 -0.28
N LEU A 15 -47.73 -30.63 -1.27
CA LEU A 15 -47.33 -29.87 -2.44
C LEU A 15 -47.49 -28.41 -2.07
N GLY A 16 -46.40 -27.65 -2.13
CA GLY A 16 -46.46 -26.24 -1.81
C GLY A 16 -46.65 -25.41 -3.07
N GLN A 17 -46.00 -24.25 -3.12
CA GLN A 17 -46.12 -23.40 -4.30
C GLN A 17 -45.63 -24.13 -5.54
N ASN A 18 -46.27 -23.88 -6.66
CA ASN A 18 -45.88 -24.50 -7.92
C ASN A 18 -46.35 -23.70 -9.12
N GLN A 19 -45.68 -23.88 -10.24
CA GLN A 19 -46.04 -23.19 -11.47
C GLN A 19 -45.36 -23.91 -12.62
N TYR A 20 -45.93 -23.80 -13.82
CA TYR A 20 -45.36 -24.48 -14.97
C TYR A 20 -45.81 -23.79 -16.25
N GLY A 21 -45.03 -23.95 -17.31
CA GLY A 21 -45.42 -23.36 -18.57
C GLY A 21 -44.32 -23.52 -19.60
N LYS A 22 -44.38 -22.70 -20.63
CA LYS A 22 -43.35 -22.76 -21.67
C LYS A 22 -42.42 -21.57 -21.48
N ALA A 23 -41.12 -21.86 -21.43
CA ALA A 23 -40.13 -20.82 -21.24
C ALA A 23 -39.36 -20.48 -22.53
N GLU A 24 -38.92 -19.23 -22.61
CA GLU A 24 -38.16 -18.73 -23.73
C GLU A 24 -38.70 -19.02 -25.13
N VAL A 25 -39.90 -18.53 -25.39
CA VAL A 25 -40.53 -18.66 -26.70
C VAL A 25 -40.05 -17.44 -27.49
N ARG A 26 -39.19 -17.65 -28.49
CA ARG A 26 -38.65 -16.55 -29.28
C ARG A 26 -39.59 -16.09 -30.38
N LEU A 27 -40.02 -14.84 -30.25
CA LEU A 27 -40.96 -14.26 -31.17
C LEU A 27 -40.48 -13.00 -31.89
N VAL A 28 -40.66 -12.98 -33.20
CA VAL A 28 -40.32 -11.82 -33.98
C VAL A 28 -41.62 -11.44 -34.69
N LYS A 29 -42.11 -10.25 -34.38
CA LYS A 29 -43.35 -9.77 -34.98
C LYS A 29 -43.02 -8.65 -35.95
N VAL A 30 -43.28 -8.89 -37.23
CA VAL A 30 -43.02 -7.88 -38.24
C VAL A 30 -44.33 -7.17 -38.59
N THR A 31 -44.29 -5.85 -38.55
CA THR A 31 -45.45 -5.05 -38.91
C THR A 31 -45.13 -4.55 -40.32
N ARG A 32 -45.93 -4.95 -41.29
CA ARG A 32 -45.68 -4.53 -42.65
C ARG A 32 -46.93 -4.06 -43.37
N ASN A 33 -47.69 -3.20 -42.70
CA ASN A 33 -48.92 -2.63 -43.26
C ASN A 33 -48.48 -1.83 -44.48
N THR A 34 -47.43 -1.03 -44.29
CA THR A 34 -46.89 -0.21 -45.36
C THR A 34 -45.47 -0.68 -45.65
N ALA A 35 -44.82 -0.06 -46.62
CA ALA A 35 -43.46 -0.41 -46.98
C ALA A 35 -42.48 -0.16 -45.83
N ARG A 36 -42.91 0.64 -44.86
CA ARG A 36 -42.09 0.97 -43.70
C ARG A 36 -42.27 -0.12 -42.63
N HIS A 37 -41.47 -1.17 -42.72
CA HIS A 37 -41.58 -2.27 -41.75
C HIS A 37 -41.07 -1.94 -40.36
N GLU A 38 -41.73 -2.54 -39.36
CA GLU A 38 -41.33 -2.37 -37.96
C GLU A 38 -41.04 -3.77 -37.42
N ILE A 39 -40.11 -3.85 -36.48
CA ILE A 39 -39.73 -5.13 -35.90
C ILE A 39 -39.90 -5.13 -34.39
N GLN A 40 -40.52 -6.19 -33.86
CA GLN A 40 -40.69 -6.37 -32.42
C GLN A 40 -40.09 -7.75 -32.15
N ASP A 41 -39.11 -7.80 -31.27
CA ASP A 41 -38.37 -9.03 -30.96
C ASP A 41 -38.46 -9.35 -29.48
N LEU A 42 -39.08 -10.48 -29.14
CA LEU A 42 -39.24 -10.86 -27.75
C LEU A 42 -38.85 -12.31 -27.44
N ASN A 43 -38.53 -12.55 -26.18
CA ASN A 43 -38.20 -13.88 -25.66
C ASN A 43 -39.26 -13.99 -24.57
N VAL A 44 -40.29 -14.79 -24.82
CA VAL A 44 -41.42 -14.89 -23.88
C VAL A 44 -41.50 -16.15 -23.03
N THR A 45 -41.90 -15.98 -21.78
CA THR A 45 -42.06 -17.11 -20.88
C THR A 45 -43.44 -17.03 -20.24
N SER A 46 -44.16 -18.15 -20.27
CA SER A 46 -45.50 -18.23 -19.72
C SER A 46 -45.62 -19.35 -18.71
N GLN A 47 -46.09 -19.03 -17.50
CA GLN A 47 -46.27 -20.05 -16.47
C GLN A 47 -47.59 -19.84 -15.74
N LEU A 48 -48.30 -20.93 -15.49
CA LEU A 48 -49.59 -20.86 -14.83
C LEU A 48 -49.56 -21.29 -13.36
N ARG A 49 -50.53 -20.78 -12.60
CA ARG A 49 -50.67 -21.10 -11.18
C ARG A 49 -52.13 -21.40 -10.92
N GLY A 50 -52.39 -22.31 -9.99
CA GLY A 50 -53.75 -22.66 -9.67
C GLY A 50 -53.82 -24.03 -9.03
N ASP A 51 -54.88 -24.76 -9.33
CA ASP A 51 -55.05 -26.10 -8.76
C ASP A 51 -54.46 -27.19 -9.64
N PHE A 52 -53.23 -27.59 -9.34
CA PHE A 52 -52.55 -28.61 -10.12
C PHE A 52 -52.12 -29.76 -9.21
N GLU A 53 -52.81 -29.88 -8.09
CA GLU A 53 -52.55 -30.91 -7.09
C GLU A 53 -52.56 -32.33 -7.68
N ALA A 54 -53.63 -32.66 -8.39
CA ALA A 54 -53.78 -33.98 -8.99
C ALA A 54 -52.70 -34.29 -10.02
N ALA A 55 -52.31 -33.28 -10.80
CA ALA A 55 -51.27 -33.46 -11.81
C ALA A 55 -49.96 -33.93 -11.16
N HIS A 56 -49.62 -33.35 -10.02
CA HIS A 56 -48.38 -33.70 -9.33
C HIS A 56 -48.45 -35.03 -8.56
N THR A 57 -49.51 -35.20 -7.77
CA THR A 57 -49.66 -36.39 -6.95
C THR A 57 -50.18 -37.65 -7.63
N ALA A 58 -50.85 -37.52 -8.76
CA ALA A 58 -51.40 -38.70 -9.44
C ALA A 58 -51.23 -38.73 -10.95
N GLY A 59 -50.55 -37.74 -11.51
CA GLY A 59 -50.34 -37.73 -12.96
C GLY A 59 -51.62 -37.48 -13.74
N ASP A 60 -52.65 -36.99 -13.05
CA ASP A 60 -53.93 -36.68 -13.69
C ASP A 60 -53.76 -35.32 -14.37
N ASN A 61 -53.73 -35.32 -15.70
CA ASN A 61 -53.52 -34.09 -16.46
C ASN A 61 -54.74 -33.29 -16.91
N ALA A 62 -55.91 -33.59 -16.35
CA ALA A 62 -57.14 -32.88 -16.72
C ALA A 62 -56.99 -31.35 -16.63
N HIS A 63 -56.27 -30.87 -15.62
CA HIS A 63 -56.08 -29.42 -15.43
C HIS A 63 -54.82 -28.89 -16.13
N VAL A 64 -54.01 -29.78 -16.68
CA VAL A 64 -52.77 -29.33 -17.30
C VAL A 64 -52.84 -28.80 -18.73
N VAL A 65 -53.00 -27.49 -18.84
CA VAL A 65 -53.01 -26.82 -20.13
C VAL A 65 -51.57 -27.03 -20.61
N ALA A 66 -51.41 -27.85 -21.64
CA ALA A 66 -50.09 -28.17 -22.18
C ALA A 66 -49.16 -26.97 -22.37
N THR A 67 -47.88 -27.16 -22.08
CA THR A 67 -46.93 -26.08 -22.26
C THR A 67 -46.89 -25.79 -23.76
N ASP A 68 -47.11 -26.81 -24.58
CA ASP A 68 -47.13 -26.64 -26.03
C ASP A 68 -48.28 -25.74 -26.43
N THR A 69 -49.39 -25.83 -25.70
CA THR A 69 -50.56 -25.01 -25.97
C THR A 69 -50.26 -23.57 -25.60
N GLN A 70 -49.56 -23.38 -24.47
CA GLN A 70 -49.22 -22.04 -24.03
C GLN A 70 -48.33 -21.41 -25.10
N LYS A 71 -47.41 -22.20 -25.63
CA LYS A 71 -46.51 -21.70 -26.68
C LYS A 71 -47.35 -21.25 -27.87
N ASN A 72 -48.26 -22.10 -28.31
CA ASN A 72 -49.11 -21.76 -29.46
C ASN A 72 -49.88 -20.46 -29.25
N THR A 73 -50.39 -20.26 -28.04
CA THR A 73 -51.16 -19.06 -27.73
C THR A 73 -50.34 -17.78 -27.92
N VAL A 74 -49.07 -17.84 -27.55
CA VAL A 74 -48.16 -16.71 -27.70
C VAL A 74 -48.10 -16.26 -29.16
N TYR A 75 -47.91 -17.21 -30.08
CA TYR A 75 -47.83 -16.85 -31.50
C TYR A 75 -49.18 -16.43 -32.07
N ALA A 76 -50.24 -17.10 -31.64
CA ALA A 76 -51.58 -16.78 -32.10
C ALA A 76 -51.90 -15.34 -31.71
N PHE A 77 -51.63 -14.98 -30.46
CA PHE A 77 -51.90 -13.63 -29.99
C PHE A 77 -51.02 -12.59 -30.67
N ALA A 78 -49.78 -12.95 -30.99
CA ALA A 78 -48.87 -12.02 -31.66
C ALA A 78 -49.43 -11.59 -33.02
N ARG A 79 -50.18 -12.48 -33.66
CA ARG A 79 -50.76 -12.19 -34.97
C ARG A 79 -51.56 -10.89 -34.96
N ASP A 80 -52.25 -10.60 -33.86
CA ASP A 80 -53.05 -9.39 -33.76
C ASP A 80 -52.20 -8.15 -33.51
N GLY A 81 -50.95 -8.36 -33.13
CA GLY A 81 -50.09 -7.23 -32.87
C GLY A 81 -50.27 -6.71 -31.46
N PHE A 82 -49.31 -5.91 -31.00
CA PHE A 82 -49.38 -5.36 -29.66
C PHE A 82 -48.62 -4.03 -29.58
N ALA A 83 -49.15 -3.09 -28.79
CA ALA A 83 -48.53 -1.77 -28.63
C ALA A 83 -47.19 -1.85 -27.91
N THR A 84 -47.16 -2.60 -26.81
CA THR A 84 -45.93 -2.74 -26.04
C THR A 84 -45.79 -4.14 -25.49
N THR A 85 -44.60 -4.46 -25.00
CA THR A 85 -44.32 -5.77 -24.44
C THR A 85 -45.25 -6.02 -23.26
N GLU A 86 -45.35 -5.06 -22.36
CA GLU A 86 -46.22 -5.22 -21.20
C GLU A 86 -47.67 -5.53 -21.58
N GLU A 87 -48.19 -4.82 -22.58
CA GLU A 87 -49.57 -5.04 -22.98
C GLU A 87 -49.78 -6.41 -23.61
N PHE A 88 -48.74 -6.95 -24.22
CA PHE A 88 -48.82 -8.27 -24.82
C PHE A 88 -48.91 -9.29 -23.68
N LEU A 89 -48.12 -9.06 -22.63
CA LEU A 89 -48.13 -9.96 -21.49
C LEU A 89 -49.48 -9.91 -20.77
N LEU A 90 -50.04 -8.71 -20.67
CA LEU A 90 -51.34 -8.55 -20.01
C LEU A 90 -52.40 -9.36 -20.75
N ARG A 91 -52.36 -9.33 -22.08
CA ARG A 91 -53.34 -10.09 -22.84
C ARG A 91 -53.23 -11.59 -22.54
N LEU A 92 -52.00 -12.11 -22.54
CA LEU A 92 -51.77 -13.52 -22.26
C LEU A 92 -52.24 -13.91 -20.86
N GLY A 93 -51.86 -13.10 -19.87
CA GLY A 93 -52.24 -13.38 -18.50
C GLY A 93 -53.74 -13.44 -18.29
N LYS A 94 -54.46 -12.49 -18.88
CA LYS A 94 -55.91 -12.47 -18.73
C LYS A 94 -56.52 -13.67 -19.43
N HIS A 95 -55.99 -14.03 -20.60
CA HIS A 95 -56.50 -15.16 -21.36
C HIS A 95 -56.48 -16.45 -20.54
N PHE A 96 -55.32 -16.78 -19.99
CA PHE A 96 -55.17 -18.00 -19.21
C PHE A 96 -55.94 -18.00 -17.89
N THR A 97 -55.90 -16.89 -17.17
CA THR A 97 -56.58 -16.82 -15.88
C THR A 97 -58.09 -16.83 -16.01
N GLU A 98 -58.62 -16.17 -17.04
CA GLU A 98 -60.05 -16.12 -17.27
C GLU A 98 -60.60 -17.29 -18.08
N GLY A 99 -59.73 -17.93 -18.86
CA GLY A 99 -60.19 -19.04 -19.68
C GLY A 99 -60.18 -20.41 -19.04
N PHE A 100 -59.67 -20.51 -17.82
CA PHE A 100 -59.61 -21.79 -17.12
C PHE A 100 -59.91 -21.58 -15.63
N ASP A 101 -60.99 -22.18 -15.15
CA ASP A 101 -61.40 -22.02 -13.75
C ASP A 101 -60.35 -22.41 -12.73
N TRP A 102 -59.56 -23.44 -13.02
CA TRP A 102 -58.54 -23.89 -12.07
C TRP A 102 -57.25 -23.07 -12.14
N VAL A 103 -57.15 -22.17 -13.12
CA VAL A 103 -55.99 -21.30 -13.26
C VAL A 103 -56.36 -20.01 -12.54
N THR A 104 -55.71 -19.76 -11.41
CA THR A 104 -55.99 -18.57 -10.62
C THR A 104 -55.02 -17.41 -10.83
N GLY A 105 -53.92 -17.68 -11.52
CA GLY A 105 -52.94 -16.65 -11.76
C GLY A 105 -51.78 -17.19 -12.57
N GLY A 106 -50.66 -16.50 -12.53
CA GLY A 106 -49.52 -16.96 -13.30
C GLY A 106 -48.43 -15.92 -13.33
N ARG A 107 -47.40 -16.20 -14.12
CA ARG A 107 -46.28 -15.29 -14.25
C ARG A 107 -45.87 -15.29 -15.71
N TRP A 108 -45.97 -14.13 -16.35
CA TRP A 108 -45.60 -14.01 -17.75
C TRP A 108 -44.49 -12.98 -17.84
N ALA A 109 -43.40 -13.36 -18.49
CA ALA A 109 -42.28 -12.44 -18.61
C ALA A 109 -41.72 -12.41 -20.02
N ALA A 110 -40.97 -11.35 -20.30
CA ALA A 110 -40.39 -11.19 -21.61
C ALA A 110 -39.14 -10.33 -21.59
N GLN A 111 -38.28 -10.59 -22.55
CA GLN A 111 -37.08 -9.81 -22.75
C GLN A 111 -37.39 -9.16 -24.10
N GLN A 112 -37.08 -7.89 -24.24
CA GLN A 112 -37.33 -7.17 -25.49
C GLN A 112 -35.99 -6.77 -26.07
N PHE A 113 -35.70 -7.18 -27.30
CA PHE A 113 -34.45 -6.86 -27.95
C PHE A 113 -34.64 -5.72 -28.92
N PHE A 114 -33.70 -4.77 -28.91
CA PHE A 114 -33.78 -3.61 -29.76
C PHE A 114 -33.08 -3.73 -31.10
N TRP A 115 -33.69 -3.11 -32.11
CA TRP A 115 -33.15 -3.12 -33.46
C TRP A 115 -33.13 -1.69 -34.01
N ASP A 116 -32.13 -1.39 -34.82
CA ASP A 116 -32.01 -0.07 -35.44
C ASP A 116 -32.03 -0.27 -36.95
N ARG A 117 -32.61 0.67 -37.68
CA ARG A 117 -32.62 0.54 -39.13
C ARG A 117 -31.21 0.79 -39.65
N ILE A 118 -30.89 0.17 -40.78
CA ILE A 118 -29.59 0.36 -41.41
C ILE A 118 -29.76 1.54 -42.35
N ASN A 119 -29.11 2.66 -42.05
CA ASN A 119 -29.22 3.84 -42.89
C ASN A 119 -30.66 4.21 -43.19
N ASP A 120 -31.51 4.12 -42.16
CA ASP A 120 -32.91 4.45 -42.28
C ASP A 120 -33.66 3.59 -43.32
N HIS A 121 -33.14 2.39 -43.58
CA HIS A 121 -33.77 1.50 -44.55
C HIS A 121 -35.17 1.06 -44.11
N ASP A 122 -36.08 0.93 -45.08
CA ASP A 122 -37.45 0.53 -44.81
C ASP A 122 -37.62 -0.87 -44.21
N HIS A 123 -36.73 -1.79 -44.56
CA HIS A 123 -36.87 -3.15 -44.03
C HIS A 123 -35.56 -3.90 -43.77
N ALA A 124 -34.50 -3.17 -43.43
CA ALA A 124 -33.22 -3.77 -43.12
C ALA A 124 -32.82 -3.18 -41.78
N PHE A 125 -32.44 -4.03 -40.83
CA PHE A 125 -32.10 -3.58 -39.49
C PHE A 125 -30.87 -4.25 -38.91
N SER A 126 -30.32 -3.66 -37.86
CA SER A 126 -29.18 -4.22 -37.16
C SER A 126 -29.55 -4.22 -35.68
N ARG A 127 -29.03 -5.20 -34.94
CA ARG A 127 -29.37 -5.29 -33.53
C ARG A 127 -28.57 -4.35 -32.64
N ASN A 128 -29.27 -3.76 -31.68
CA ASN A 128 -28.63 -2.88 -30.69
C ASN A 128 -28.54 -3.79 -29.47
N LYS A 129 -27.35 -4.32 -29.22
CA LYS A 129 -27.12 -5.23 -28.11
C LYS A 129 -26.67 -4.57 -26.82
N SER A 130 -26.64 -3.24 -26.79
CA SER A 130 -26.16 -2.52 -25.62
C SER A 130 -27.00 -2.61 -24.35
N GLU A 131 -28.20 -3.17 -24.47
CA GLU A 131 -29.10 -3.31 -23.33
C GLU A 131 -30.25 -4.20 -23.74
N VAL A 132 -30.92 -4.77 -22.74
CA VAL A 132 -32.07 -5.62 -22.96
C VAL A 132 -33.15 -5.14 -21.99
N ARG A 133 -34.36 -4.99 -22.51
CA ARG A 133 -35.47 -4.54 -21.70
C ARG A 133 -36.26 -5.75 -21.21
N THR A 134 -36.74 -5.67 -19.98
CA THR A 134 -37.49 -6.79 -19.43
C THR A 134 -38.85 -6.35 -18.87
N ALA A 135 -39.76 -7.31 -18.79
CA ALA A 135 -41.09 -7.07 -18.24
C ALA A 135 -41.57 -8.37 -17.62
N VAL A 136 -42.16 -8.26 -16.43
CA VAL A 136 -42.70 -9.42 -15.74
C VAL A 136 -44.08 -9.05 -15.24
N LEU A 137 -45.05 -9.92 -15.53
CA LEU A 137 -46.42 -9.70 -15.09
C LEU A 137 -46.83 -10.87 -14.23
N GLU A 138 -47.39 -10.58 -13.06
CA GLU A 138 -47.89 -11.64 -12.20
C GLU A 138 -49.34 -11.30 -11.91
N ILE A 139 -50.21 -12.29 -12.07
CA ILE A 139 -51.62 -12.11 -11.78
C ILE A 139 -51.97 -13.01 -10.62
N SER A 140 -52.69 -12.43 -9.66
CA SER A 140 -53.13 -13.15 -8.48
C SER A 140 -54.54 -12.65 -8.25
N GLY A 141 -55.52 -13.43 -8.69
CA GLY A 141 -56.91 -13.04 -8.54
C GLY A 141 -57.17 -11.88 -9.48
N SER A 142 -57.58 -10.75 -8.92
CA SER A 142 -57.85 -9.58 -9.74
C SER A 142 -56.64 -8.65 -9.82
N GLU A 143 -55.63 -8.92 -8.99
CA GLU A 143 -54.42 -8.10 -8.99
C GLU A 143 -53.47 -8.45 -10.12
N GLN A 144 -53.03 -7.41 -10.81
CA GLN A 144 -52.10 -7.53 -11.92
C GLN A 144 -50.89 -6.69 -11.53
N ALA A 145 -49.74 -7.34 -11.33
CA ALA A 145 -48.54 -6.62 -10.93
C ALA A 145 -47.49 -6.73 -12.05
N ILE A 146 -46.93 -5.58 -12.41
CA ILE A 146 -45.92 -5.52 -13.47
C ILE A 146 -44.61 -4.90 -12.99
N VAL A 147 -43.52 -5.55 -13.36
CA VAL A 147 -42.18 -5.08 -13.03
C VAL A 147 -41.44 -4.95 -14.35
N ALA A 148 -40.99 -3.73 -14.66
CA ALA A 148 -40.25 -3.50 -15.90
C ALA A 148 -38.78 -3.38 -15.49
N GLY A 149 -37.87 -3.52 -16.43
CA GLY A 149 -36.48 -3.42 -16.05
C GLY A 149 -35.53 -3.33 -17.23
N ILE A 150 -34.25 -3.23 -16.92
CA ILE A 150 -33.21 -3.13 -17.92
C ILE A 150 -32.03 -3.94 -17.40
N GLU A 151 -31.27 -4.52 -18.32
CA GLU A 151 -30.11 -5.31 -17.93
C GLU A 151 -29.11 -5.35 -19.08
N GLY A 152 -27.85 -5.63 -18.74
CA GLY A 152 -26.83 -5.71 -19.76
C GLY A 152 -26.31 -4.37 -20.25
N LEU A 153 -26.65 -3.32 -19.52
CA LEU A 153 -26.20 -1.98 -19.88
C LEU A 153 -24.94 -1.64 -19.06
N THR A 154 -23.78 -1.87 -19.67
CA THR A 154 -22.51 -1.62 -19.00
C THR A 154 -22.10 -0.15 -19.06
N VAL A 155 -21.76 0.42 -17.90
CA VAL A 155 -21.35 1.82 -17.82
C VAL A 155 -20.02 1.98 -17.10
N LEU A 156 -19.34 3.09 -17.36
CA LEU A 156 -18.04 3.34 -16.75
C LEU A 156 -17.70 4.83 -16.65
N LYS A 157 -17.18 5.22 -15.49
CA LYS A 157 -16.74 6.59 -15.22
C LYS A 157 -15.23 6.45 -15.08
N SER A 158 -14.48 7.24 -15.84
CA SER A 158 -13.02 7.16 -15.77
C SER A 158 -12.47 7.92 -14.57
N THR A 159 -13.29 8.80 -14.00
CA THR A 159 -12.92 9.55 -12.81
C THR A 159 -14.24 9.99 -12.14
N GLY A 160 -14.15 10.77 -11.07
CA GLY A 160 -15.37 11.19 -10.41
C GLY A 160 -15.91 10.10 -9.51
N SER A 161 -14.99 9.30 -8.99
CA SER A 161 -15.33 8.21 -8.09
C SER A 161 -14.23 8.11 -7.04
N GLU A 162 -14.63 8.02 -5.78
CA GLU A 162 -13.72 7.91 -4.66
C GLU A 162 -14.24 6.79 -3.76
N PHE A 163 -13.37 6.32 -2.87
CA PHE A 163 -13.76 5.31 -1.88
C PHE A 163 -12.75 5.39 -0.74
N HIS A 164 -13.19 6.01 0.34
CA HIS A 164 -12.34 6.17 1.52
C HIS A 164 -13.19 6.23 2.79
N GLY A 165 -12.52 6.24 3.94
CA GLY A 165 -13.24 6.30 5.19
C GLY A 165 -13.81 4.98 5.67
N PHE A 166 -13.48 3.88 5.00
CA PHE A 166 -13.98 2.57 5.42
C PHE A 166 -13.13 2.06 6.59
N PRO A 167 -13.70 1.23 7.46
CA PRO A 167 -12.94 0.70 8.60
C PRO A 167 -11.83 -0.24 8.15
N ARG A 168 -10.71 -0.21 8.87
CA ARG A 168 -9.58 -1.06 8.52
C ARG A 168 -9.44 -2.18 9.56
N ASP A 169 -10.19 -3.26 9.36
CA ASP A 169 -10.13 -4.36 10.31
C ASP A 169 -8.83 -5.15 10.10
N LYS A 170 -8.67 -6.26 10.80
CA LYS A 170 -7.42 -7.01 10.70
C LYS A 170 -7.14 -7.70 9.37
N TYR A 171 -8.14 -7.71 8.47
CA TYR A 171 -7.95 -8.33 7.16
C TYR A 171 -8.02 -7.30 6.05
N THR A 172 -8.01 -6.02 6.41
CA THR A 172 -8.09 -4.94 5.44
C THR A 172 -6.76 -4.44 4.89
N THR A 173 -6.60 -4.56 3.58
CA THR A 173 -5.39 -4.12 2.90
C THR A 173 -5.68 -3.05 1.85
N LEU A 174 -6.96 -2.90 1.50
CA LEU A 174 -7.36 -1.91 0.51
C LEU A 174 -6.97 -0.51 0.98
N GLN A 175 -6.38 0.28 0.08
CA GLN A 175 -5.97 1.64 0.39
C GLN A 175 -7.04 2.64 -0.02
N GLU A 176 -7.11 3.76 0.70
CA GLU A 176 -8.10 4.79 0.39
C GLU A 176 -7.69 5.44 -0.92
N THR A 177 -8.67 5.93 -1.68
CA THR A 177 -8.39 6.61 -2.94
C THR A 177 -9.41 7.70 -3.22
N THR A 178 -8.99 8.75 -3.91
CA THR A 178 -9.89 9.84 -4.27
C THR A 178 -10.07 9.91 -5.78
N ASP A 179 -9.53 8.93 -6.49
CA ASP A 179 -9.64 8.87 -7.95
C ASP A 179 -9.53 7.42 -8.41
N ARG A 180 -10.64 6.87 -8.90
CA ARG A 180 -10.65 5.50 -9.39
C ARG A 180 -11.73 5.35 -10.45
N ILE A 181 -11.68 4.25 -11.20
CA ILE A 181 -12.69 3.99 -12.21
C ILE A 181 -13.87 3.32 -11.50
N LEU A 182 -15.08 3.64 -11.94
CA LEU A 182 -16.26 3.02 -11.38
C LEU A 182 -17.01 2.45 -12.59
N ALA A 183 -17.04 1.13 -12.69
CA ALA A 183 -17.70 0.45 -13.81
C ALA A 183 -18.68 -0.58 -13.27
N THR A 184 -19.86 -0.64 -13.88
CA THR A 184 -20.89 -1.58 -13.44
C THR A 184 -21.79 -1.97 -14.61
N ASP A 185 -22.64 -2.95 -14.37
CA ASP A 185 -23.61 -3.40 -15.36
C ASP A 185 -24.91 -2.97 -14.73
N VAL A 186 -25.63 -2.07 -15.39
CA VAL A 186 -26.87 -1.60 -14.82
C VAL A 186 -27.98 -2.63 -14.98
N SER A 187 -28.38 -3.20 -13.84
CA SER A 187 -29.44 -4.17 -13.81
C SER A 187 -30.40 -3.59 -12.78
N ALA A 188 -31.56 -3.15 -13.26
CA ALA A 188 -32.55 -2.55 -12.41
C ALA A 188 -33.94 -3.04 -12.78
N ARG A 189 -34.83 -3.07 -11.81
CA ARG A 189 -36.20 -3.49 -12.01
C ARG A 189 -37.10 -2.67 -11.11
N TRP A 190 -38.17 -2.15 -11.68
CA TRP A 190 -39.10 -1.33 -10.93
C TRP A 190 -40.53 -1.84 -11.01
N ARG A 191 -41.24 -1.76 -9.89
CA ARG A 191 -42.61 -2.22 -9.81
C ARG A 191 -43.60 -1.06 -9.94
N TYR A 192 -44.52 -1.18 -10.89
CA TYR A 192 -45.53 -0.15 -11.12
C TYR A 192 -46.66 -0.40 -10.14
N ASN A 193 -47.28 0.66 -9.64
CA ASN A 193 -48.38 0.51 -8.70
C ASN A 193 -49.73 0.56 -9.41
N THR A 194 -49.68 0.59 -10.74
CA THR A 194 -50.87 0.64 -11.61
C THR A 194 -50.48 0.14 -13.00
N VAL A 195 -51.45 -0.39 -13.75
CA VAL A 195 -51.15 -0.87 -15.10
C VAL A 195 -51.42 0.22 -16.13
N GLU A 196 -51.90 1.38 -15.67
CA GLU A 196 -52.19 2.49 -16.56
C GLU A 196 -50.92 3.31 -16.69
N VAL A 197 -49.99 2.80 -17.51
CA VAL A 197 -48.70 3.45 -17.73
C VAL A 197 -48.36 3.53 -19.20
N ASP A 198 -47.58 4.53 -19.58
CA ASP A 198 -47.12 4.67 -20.97
C ASP A 198 -45.80 3.91 -20.86
N PHE A 199 -45.89 2.58 -20.92
CA PHE A 199 -44.73 1.72 -20.77
C PHE A 199 -43.48 2.09 -21.54
N ASP A 200 -43.61 2.46 -22.82
CA ASP A 200 -42.43 2.83 -23.58
C ASP A 200 -41.82 4.14 -23.08
N ALA A 201 -42.67 5.11 -22.78
CA ALA A 201 -42.19 6.41 -22.31
C ALA A 201 -41.52 6.34 -20.95
N VAL A 202 -42.09 5.58 -20.02
CA VAL A 202 -41.50 5.46 -18.69
C VAL A 202 -40.18 4.69 -18.77
N TYR A 203 -40.12 3.65 -19.59
CA TYR A 203 -38.87 2.91 -19.73
C TYR A 203 -37.77 3.84 -20.20
N ALA A 204 -38.07 4.63 -21.23
CA ALA A 204 -37.09 5.57 -21.76
C ALA A 204 -36.69 6.60 -20.71
N SER A 205 -37.66 7.08 -19.94
CA SER A 205 -37.36 8.05 -18.91
C SER A 205 -36.49 7.46 -17.81
N VAL A 206 -36.85 6.27 -17.35
CA VAL A 206 -36.11 5.59 -16.28
C VAL A 206 -34.67 5.33 -16.71
N ARG A 207 -34.50 4.78 -17.92
CA ARG A 207 -33.16 4.53 -18.44
C ARG A 207 -32.37 5.82 -18.38
N GLY A 208 -32.95 6.90 -18.91
CA GLY A 208 -32.27 8.18 -18.89
C GLY A 208 -31.89 8.64 -17.48
N LEU A 209 -32.79 8.46 -16.53
CA LEU A 209 -32.53 8.88 -15.15
C LEU A 209 -31.41 8.08 -14.47
N LEU A 210 -31.38 6.78 -14.73
CA LEU A 210 -30.35 5.93 -14.15
C LEU A 210 -28.97 6.34 -14.69
N LEU A 211 -28.89 6.50 -16.00
CA LEU A 211 -27.64 6.90 -16.64
C LEU A 211 -27.22 8.28 -16.18
N LYS A 212 -28.19 9.17 -16.00
CA LYS A 212 -27.91 10.53 -15.57
C LYS A 212 -27.36 10.57 -14.16
N ALA A 213 -27.98 9.82 -13.25
CA ALA A 213 -27.53 9.78 -11.86
C ALA A 213 -26.17 9.07 -11.75
N PHE A 214 -25.98 8.02 -12.54
CA PHE A 214 -24.71 7.31 -12.51
C PHE A 214 -23.56 8.23 -12.94
N ALA A 215 -23.79 8.97 -14.01
CA ALA A 215 -22.77 9.85 -14.56
C ALA A 215 -22.49 11.17 -13.82
N GLU A 216 -23.55 11.83 -13.34
CA GLU A 216 -23.37 13.12 -12.69
C GLU A 216 -23.12 13.12 -11.19
N THR A 217 -23.35 11.99 -10.54
CA THR A 217 -23.13 11.90 -9.11
C THR A 217 -21.65 11.68 -8.81
N HIS A 218 -21.04 12.58 -8.06
CA HIS A 218 -19.64 12.38 -7.69
C HIS A 218 -19.72 11.26 -6.65
N SER A 219 -19.33 10.06 -7.05
CA SER A 219 -19.42 8.88 -6.20
C SER A 219 -18.43 8.71 -5.06
N LEU A 220 -18.95 8.62 -3.84
CA LEU A 220 -18.11 8.40 -2.68
C LEU A 220 -18.20 6.92 -2.34
N ALA A 221 -19.02 6.21 -3.12
CA ALA A 221 -19.22 4.77 -2.96
C ALA A 221 -20.27 4.28 -3.97
N LEU A 222 -20.17 3.03 -4.38
CA LEU A 222 -21.13 2.49 -5.34
C LEU A 222 -22.52 2.57 -4.70
N GLN A 223 -22.58 2.33 -3.39
CA GLN A 223 -23.85 2.39 -2.66
C GLN A 223 -24.53 3.75 -2.80
N GLN A 224 -23.74 4.81 -2.71
CA GLN A 224 -24.25 6.18 -2.82
C GLN A 224 -24.77 6.42 -4.24
N THR A 225 -23.98 6.04 -5.23
CA THR A 225 -24.37 6.19 -6.61
C THR A 225 -25.68 5.44 -6.88
N MET A 226 -25.81 4.24 -6.34
CA MET A 226 -27.02 3.45 -6.53
C MET A 226 -28.23 4.14 -5.90
N TYR A 227 -28.03 4.66 -4.69
CA TYR A 227 -29.11 5.34 -3.99
C TYR A 227 -29.62 6.52 -4.81
N GLU A 228 -28.70 7.33 -5.34
CA GLU A 228 -29.09 8.49 -6.14
C GLU A 228 -29.81 8.08 -7.42
N MET A 229 -29.40 6.94 -7.99
CA MET A 229 -30.06 6.44 -9.20
C MET A 229 -31.51 6.08 -8.90
N GLY A 230 -31.73 5.33 -7.83
CA GLY A 230 -33.08 4.95 -7.45
C GLY A 230 -33.94 6.13 -7.04
N ARG A 231 -33.36 7.03 -6.25
CA ARG A 231 -34.08 8.21 -5.78
C ARG A 231 -34.65 9.02 -6.94
N ALA A 232 -33.83 9.22 -7.97
CA ALA A 232 -34.25 9.97 -9.14
C ALA A 232 -35.47 9.34 -9.82
N VAL A 233 -35.53 8.02 -9.85
CA VAL A 233 -36.65 7.33 -10.47
C VAL A 233 -37.94 7.50 -9.66
N ILE A 234 -37.84 7.23 -8.36
CA ILE A 234 -38.99 7.33 -7.48
C ILE A 234 -39.53 8.77 -7.43
N GLU A 235 -38.62 9.74 -7.39
CA GLU A 235 -39.03 11.14 -7.34
C GLU A 235 -39.68 11.63 -8.63
N THR A 236 -39.34 11.00 -9.76
CA THR A 236 -39.89 11.41 -11.05
C THR A 236 -41.14 10.66 -11.50
N HIS A 237 -41.27 9.39 -11.13
CA HIS A 237 -42.43 8.60 -11.56
C HIS A 237 -43.37 8.11 -10.47
N PRO A 238 -44.53 8.77 -10.31
CA PRO A 238 -45.55 8.44 -9.31
C PRO A 238 -46.11 7.02 -9.46
N GLU A 239 -46.05 6.48 -10.67
CA GLU A 239 -46.57 5.13 -10.91
C GLU A 239 -45.62 4.04 -10.45
N ILE A 240 -44.42 4.41 -10.00
CA ILE A 240 -43.44 3.43 -9.53
C ILE A 240 -43.36 3.42 -8.01
N ASP A 241 -43.62 2.27 -7.39
CA ASP A 241 -43.56 2.16 -5.93
C ASP A 241 -42.16 1.84 -5.40
N GLU A 242 -41.36 1.16 -6.20
CA GLU A 242 -40.02 0.81 -5.78
C GLU A 242 -39.17 0.39 -6.96
N ILE A 243 -37.86 0.47 -6.78
CA ILE A 243 -36.91 0.08 -7.80
C ILE A 243 -35.78 -0.67 -7.11
N LYS A 244 -35.46 -1.85 -7.64
CA LYS A 244 -34.39 -2.68 -7.10
C LYS A 244 -33.25 -2.71 -8.10
N MET A 245 -32.03 -2.59 -7.59
CA MET A 245 -30.86 -2.60 -8.43
C MET A 245 -29.83 -3.59 -7.90
N SER A 246 -29.09 -4.20 -8.83
CA SER A 246 -28.05 -5.16 -8.50
C SER A 246 -26.88 -4.69 -9.35
N LEU A 247 -25.97 -3.95 -8.71
CA LEU A 247 -24.83 -3.40 -9.43
C LEU A 247 -23.47 -4.01 -9.08
N PRO A 248 -22.83 -4.67 -10.05
CA PRO A 248 -21.53 -5.25 -9.75
C PRO A 248 -20.48 -4.14 -9.82
N ASN A 249 -19.41 -4.27 -9.04
CA ASN A 249 -18.35 -3.28 -9.10
C ASN A 249 -17.27 -4.02 -9.89
N LYS A 250 -17.26 -3.80 -11.20
CA LYS A 250 -16.33 -4.45 -12.11
C LYS A 250 -14.98 -3.74 -12.01
N HIS A 251 -14.06 -4.40 -11.32
CA HIS A 251 -12.74 -3.84 -11.06
C HIS A 251 -11.81 -3.57 -12.23
N HIS A 252 -11.34 -2.33 -12.29
CA HIS A 252 -10.37 -1.90 -13.29
C HIS A 252 -9.21 -1.46 -12.41
N PHE A 253 -8.26 -2.37 -12.22
CA PHE A 253 -7.09 -2.13 -11.39
C PHE A 253 -6.02 -1.32 -12.09
N LEU A 254 -5.61 -0.24 -11.44
CA LEU A 254 -4.58 0.64 -11.98
C LEU A 254 -3.28 -0.16 -11.92
N VAL A 255 -2.76 -0.53 -13.08
CA VAL A 255 -1.54 -1.32 -13.13
C VAL A 255 -0.33 -0.61 -12.57
N ASP A 256 0.44 -1.33 -11.75
CA ASP A 256 1.64 -0.78 -11.16
C ASP A 256 2.77 -0.93 -12.16
N LEU A 257 3.19 0.19 -12.75
CA LEU A 257 4.27 0.15 -13.72
C LEU A 257 5.59 0.62 -13.13
N GLN A 258 5.59 0.91 -11.83
CA GLN A 258 6.82 1.37 -11.18
C GLN A 258 7.98 0.37 -11.30
N PRO A 259 7.68 -0.94 -11.27
CA PRO A 259 8.80 -1.88 -11.39
C PRO A 259 9.45 -1.81 -12.77
N PHE A 260 8.80 -1.11 -13.70
CA PHE A 260 9.31 -0.96 -15.05
C PHE A 260 9.83 0.45 -15.25
N GLY A 261 9.93 1.20 -14.16
CA GLY A 261 10.44 2.57 -14.22
C GLY A 261 9.47 3.60 -14.76
N GLN A 262 8.17 3.33 -14.65
CA GLN A 262 7.16 4.26 -15.17
C GLN A 262 6.12 4.59 -14.12
N ASP A 263 5.48 5.74 -14.27
CA ASP A 263 4.39 6.10 -13.38
C ASP A 263 3.17 5.66 -14.19
N ASN A 264 1.99 5.85 -13.63
CA ASN A 264 0.74 5.47 -14.30
C ASN A 264 -0.29 6.42 -13.74
N PRO A 265 -0.40 7.62 -14.35
CA PRO A 265 -1.36 8.63 -13.90
C PRO A 265 -2.82 8.32 -14.23
N ASN A 266 -3.34 7.24 -13.65
CA ASN A 266 -4.72 6.84 -13.87
C ASN A 266 -5.04 6.60 -15.35
N GLU A 267 -4.10 6.00 -16.07
CA GLU A 267 -4.27 5.74 -17.50
C GLU A 267 -4.35 4.28 -17.94
N VAL A 268 -3.53 3.42 -17.35
CA VAL A 268 -3.48 2.01 -17.72
C VAL A 268 -4.14 1.10 -16.69
N PHE A 269 -5.20 0.41 -17.11
CA PHE A 269 -5.92 -0.46 -16.20
C PHE A 269 -6.05 -1.92 -16.67
N TYR A 270 -6.19 -2.80 -15.69
CA TYR A 270 -6.40 -4.22 -15.93
C TYR A 270 -7.86 -4.44 -15.57
N ALA A 271 -8.68 -4.83 -16.54
CA ALA A 271 -10.11 -5.07 -16.28
C ALA A 271 -10.30 -6.53 -15.87
N ALA A 272 -10.40 -6.76 -14.57
CA ALA A 272 -10.56 -8.11 -14.03
C ALA A 272 -11.96 -8.68 -14.22
N ASP A 273 -12.05 -10.01 -14.32
CA ASP A 273 -13.33 -10.69 -14.51
C ASP A 273 -13.98 -10.97 -13.16
N ARG A 274 -13.31 -11.78 -12.36
CA ARG A 274 -13.80 -12.15 -11.03
C ARG A 274 -12.62 -12.11 -10.07
N PRO A 275 -12.85 -11.83 -8.79
CA PRO A 275 -14.19 -11.55 -8.24
C PRO A 275 -14.61 -10.11 -8.51
N TYR A 276 -15.85 -9.77 -8.14
CA TYR A 276 -16.36 -8.42 -8.31
C TYR A 276 -17.25 -8.05 -7.13
N GLY A 277 -17.31 -6.76 -6.80
CA GLY A 277 -18.15 -6.36 -5.71
C GLY A 277 -19.57 -6.46 -6.23
N LEU A 278 -20.51 -6.73 -5.35
CA LEU A 278 -21.90 -6.81 -5.77
C LEU A 278 -22.70 -6.00 -4.76
N ILE A 279 -23.17 -4.84 -5.20
CA ILE A 279 -23.93 -3.92 -4.36
C ILE A 279 -25.39 -3.95 -4.81
N GLU A 280 -26.29 -4.21 -3.87
CA GLU A 280 -27.72 -4.30 -4.20
C GLU A 280 -28.59 -3.60 -3.16
N ALA A 281 -29.70 -3.02 -3.63
CA ALA A 281 -30.60 -2.32 -2.73
C ALA A 281 -31.96 -2.00 -3.35
N THR A 282 -32.94 -1.83 -2.48
CA THR A 282 -34.30 -1.49 -2.89
C THR A 282 -34.55 -0.06 -2.41
N ILE A 283 -34.96 0.81 -3.32
CA ILE A 283 -35.26 2.19 -2.98
C ILE A 283 -36.77 2.26 -3.15
N GLN A 284 -37.49 2.53 -2.07
CA GLN A 284 -38.95 2.55 -2.13
C GLN A 284 -39.59 3.89 -1.81
N ARG A 285 -40.84 4.02 -2.21
CA ARG A 285 -41.63 5.20 -1.94
C ARG A 285 -42.08 4.93 -0.50
N GLU A 286 -41.92 5.91 0.37
CA GLU A 286 -42.30 5.75 1.77
C GLU A 286 -43.73 5.26 1.95
N GLY A 287 -43.90 4.23 2.78
CA GLY A 287 -45.22 3.69 3.05
C GLY A 287 -45.75 2.62 2.08
N SER A 288 -45.01 2.34 1.01
CA SER A 288 -45.45 1.34 0.05
C SER A 288 -45.21 -0.08 0.54
N ARG A 289 -45.81 -1.05 -0.15
CA ARG A 289 -45.65 -2.46 0.19
C ARG A 289 -44.16 -2.82 0.11
N ALA A 290 -43.65 -3.52 1.11
CA ALA A 290 -42.23 -3.85 1.07
C ALA A 290 -41.91 -5.31 0.80
N ASP A 291 -42.95 -6.10 0.57
CA ASP A 291 -42.75 -7.53 0.35
C ASP A 291 -43.63 -8.10 -0.75
N HIS A 292 -43.81 -7.35 -1.84
CA HIS A 292 -44.67 -7.84 -2.91
C HIS A 292 -44.23 -9.20 -3.41
N PRO A 293 -45.17 -10.15 -3.55
CA PRO A 293 -44.93 -11.51 -4.02
C PRO A 293 -44.20 -11.63 -5.37
N ILE A 294 -44.40 -10.64 -6.25
CA ILE A 294 -43.77 -10.69 -7.56
C ILE A 294 -42.25 -10.78 -7.49
N TRP A 295 -41.65 -10.32 -6.39
CA TRP A 295 -40.21 -10.38 -6.26
C TRP A 295 -39.65 -11.77 -5.99
N SER A 296 -40.47 -12.66 -5.45
CA SER A 296 -40.02 -14.01 -5.14
C SER A 296 -39.83 -14.87 -6.40
N ASN A 297 -40.68 -14.67 -7.39
CA ASN A 297 -40.61 -15.41 -8.66
C ASN A 297 -41.13 -16.84 -8.52
N THR B 11 7.44 -44.33 -34.27
CA THR B 11 8.83 -44.59 -33.78
C THR B 11 9.58 -43.28 -33.52
N LYS B 12 9.79 -42.49 -34.58
CA LYS B 12 10.50 -41.21 -34.44
C LYS B 12 9.50 -40.06 -34.40
N VAL B 13 9.63 -39.20 -33.38
CA VAL B 13 8.75 -38.05 -33.19
C VAL B 13 9.46 -36.72 -33.42
N VAL B 14 8.73 -35.76 -34.00
CA VAL B 14 9.29 -34.45 -34.29
C VAL B 14 8.37 -33.30 -33.86
N LEU B 15 8.99 -32.22 -33.37
CA LEU B 15 8.25 -31.05 -32.92
C LEU B 15 7.95 -30.19 -34.15
N GLY B 16 6.67 -29.99 -34.43
CA GLY B 16 6.28 -29.19 -35.58
C GLY B 16 6.00 -27.75 -35.22
N GLN B 17 5.00 -27.16 -35.87
CA GLN B 17 4.63 -25.78 -35.61
C GLN B 17 4.27 -25.64 -34.14
N ASN B 18 4.65 -24.52 -33.53
CA ASN B 18 4.34 -24.28 -32.14
C ASN B 18 4.40 -22.79 -31.87
N GLN B 19 3.70 -22.36 -30.82
CA GLN B 19 3.66 -20.96 -30.45
C GLN B 19 3.10 -20.90 -29.03
N TYR B 20 3.46 -19.85 -28.30
CA TYR B 20 2.98 -19.71 -26.93
C TYR B 20 3.01 -18.25 -26.53
N GLY B 21 2.21 -17.89 -25.53
CA GLY B 21 2.18 -16.52 -25.07
C GLY B 21 1.08 -16.30 -24.06
N LYS B 22 0.72 -15.04 -23.85
CA LYS B 22 -0.33 -14.72 -22.90
C LYS B 22 -1.59 -14.37 -23.68
N ALA B 23 -2.68 -15.04 -23.35
CA ALA B 23 -3.95 -14.80 -24.03
C ALA B 23 -4.96 -14.03 -23.19
N GLU B 24 -5.75 -13.23 -23.89
CA GLU B 24 -6.82 -12.45 -23.28
C GLU B 24 -6.41 -11.53 -22.14
N VAL B 25 -5.49 -10.62 -22.48
CA VAL B 25 -5.02 -9.63 -21.53
C VAL B 25 -5.99 -8.47 -21.70
N ARG B 26 -6.83 -8.26 -20.71
CA ARG B 26 -7.82 -7.18 -20.77
C ARG B 26 -7.20 -5.86 -20.36
N LEU B 27 -7.13 -4.95 -21.33
CA LEU B 27 -6.53 -3.65 -21.13
C LEU B 27 -7.50 -2.51 -21.41
N VAL B 28 -7.53 -1.55 -20.49
CA VAL B 28 -8.34 -0.36 -20.69
C VAL B 28 -7.37 0.80 -20.56
N LYS B 29 -7.28 1.60 -21.61
CA LYS B 29 -6.38 2.76 -21.61
C LYS B 29 -7.22 4.01 -21.66
N VAL B 30 -7.08 4.83 -20.63
CA VAL B 30 -7.82 6.09 -20.55
C VAL B 30 -6.90 7.23 -20.93
N THR B 31 -7.35 8.10 -21.83
CA THR B 31 -6.56 9.25 -22.22
C THR B 31 -7.19 10.43 -21.48
N ARG B 32 -6.45 11.04 -20.57
CA ARG B 32 -6.99 12.16 -19.81
C ARG B 32 -6.02 13.33 -19.63
N ASN B 33 -5.26 13.67 -20.68
CA ASN B 33 -4.36 14.79 -20.58
C ASN B 33 -5.23 16.05 -20.41
N THR B 34 -6.46 15.97 -20.92
CA THR B 34 -7.43 17.07 -20.82
C THR B 34 -8.62 16.56 -20.03
N ALA B 35 -9.63 17.41 -19.85
CA ALA B 35 -10.82 17.03 -19.11
C ALA B 35 -11.71 16.11 -19.95
N ARG B 36 -11.49 16.13 -21.26
CA ARG B 36 -12.25 15.30 -22.19
C ARG B 36 -11.58 13.92 -22.28
N HIS B 37 -11.99 12.99 -21.42
CA HIS B 37 -11.42 11.65 -21.40
C HIS B 37 -11.80 10.80 -22.60
N GLU B 38 -10.88 9.93 -23.00
CA GLU B 38 -11.09 9.01 -24.11
C GLU B 38 -10.84 7.61 -23.57
N ILE B 39 -11.54 6.63 -24.10
CA ILE B 39 -11.37 5.26 -23.65
C ILE B 39 -11.02 4.31 -24.79
N GLN B 40 -10.03 3.46 -24.57
CA GLN B 40 -9.66 2.44 -25.55
C GLN B 40 -9.75 1.18 -24.70
N ASP B 41 -10.51 0.20 -25.18
CA ASP B 41 -10.74 -1.04 -24.44
C ASP B 41 -10.37 -2.24 -25.31
N LEU B 42 -9.36 -2.99 -24.90
CA LEU B 42 -8.89 -4.13 -25.69
C LEU B 42 -8.75 -5.43 -24.93
N ASN B 43 -8.74 -6.54 -25.68
CA ASN B 43 -8.53 -7.88 -25.16
C ASN B 43 -7.37 -8.35 -26.03
N VAL B 44 -6.17 -8.35 -25.46
CA VAL B 44 -4.96 -8.69 -26.21
C VAL B 44 -4.40 -10.09 -26.00
N THR B 45 -3.93 -10.69 -27.09
CA THR B 45 -3.33 -12.00 -27.02
C THR B 45 -1.97 -11.91 -27.73
N SER B 46 -0.95 -12.44 -27.08
CA SER B 46 0.39 -12.40 -27.63
C SER B 46 1.00 -13.79 -27.64
N GLN B 47 1.50 -14.20 -28.79
CA GLN B 47 2.15 -15.51 -28.91
C GLN B 47 3.41 -15.40 -29.78
N LEU B 48 4.48 -16.02 -29.30
CA LEU B 48 5.77 -15.99 -29.98
C LEU B 48 6.08 -17.27 -30.74
N ARG B 49 6.86 -17.13 -31.80
CA ARG B 49 7.28 -18.25 -32.63
C ARG B 49 8.79 -18.14 -32.79
N GLY B 50 9.46 -19.29 -32.88
CA GLY B 50 10.90 -19.26 -33.04
C GLY B 50 11.51 -20.59 -32.64
N ASP B 51 12.74 -20.57 -32.15
CA ASP B 51 13.38 -21.81 -31.71
C ASP B 51 13.09 -22.12 -30.27
N PHE B 52 12.10 -22.99 -30.06
CA PHE B 52 11.69 -23.40 -28.72
C PHE B 52 11.81 -24.92 -28.58
N GLU B 53 12.69 -25.50 -29.41
CA GLU B 53 12.94 -26.94 -29.42
C GLU B 53 13.31 -27.51 -28.05
N ALA B 54 14.33 -26.95 -27.41
CA ALA B 54 14.78 -27.42 -26.11
C ALA B 54 13.72 -27.26 -25.02
N ALA B 55 12.88 -26.23 -25.15
CA ALA B 55 11.83 -25.99 -24.19
C ALA B 55 10.88 -27.19 -24.16
N HIS B 56 10.48 -27.65 -25.35
CA HIS B 56 9.56 -28.77 -25.44
C HIS B 56 10.20 -30.13 -25.17
N THR B 57 11.37 -30.37 -25.75
CA THR B 57 12.03 -31.67 -25.59
C THR B 57 12.79 -31.92 -24.29
N ALA B 58 13.37 -30.89 -23.70
CA ALA B 58 14.13 -31.07 -22.46
C ALA B 58 13.63 -30.20 -21.30
N GLY B 59 12.79 -29.23 -21.61
CA GLY B 59 12.30 -28.35 -20.55
C GLY B 59 13.27 -27.23 -20.25
N ASP B 60 14.20 -26.98 -21.15
CA ASP B 60 15.17 -25.91 -20.98
C ASP B 60 14.46 -24.61 -21.36
N ASN B 61 14.21 -23.76 -20.37
CA ASN B 61 13.49 -22.52 -20.59
C ASN B 61 14.34 -21.30 -20.93
N ALA B 62 15.59 -21.53 -21.30
CA ALA B 62 16.48 -20.44 -21.65
C ALA B 62 15.88 -19.51 -22.71
N HIS B 63 15.09 -20.08 -23.62
CA HIS B 63 14.46 -19.31 -24.69
C HIS B 63 13.04 -18.87 -24.37
N VAL B 64 12.46 -19.43 -23.32
CA VAL B 64 11.08 -19.15 -22.98
C VAL B 64 10.80 -17.81 -22.27
N VAL B 65 10.48 -16.78 -23.05
CA VAL B 65 10.13 -15.50 -22.47
C VAL B 65 8.79 -15.78 -21.78
N ALA B 66 8.78 -15.77 -20.46
CA ALA B 66 7.58 -16.05 -19.66
C ALA B 66 6.32 -15.35 -20.16
N THR B 67 5.20 -16.06 -20.16
CA THR B 67 3.94 -15.46 -20.61
C THR B 67 3.60 -14.29 -19.70
N ASP B 68 4.05 -14.36 -18.46
CA ASP B 68 3.81 -13.30 -17.50
C ASP B 68 4.54 -12.05 -17.94
N THR B 69 5.73 -12.25 -18.52
CA THR B 69 6.53 -11.13 -19.01
C THR B 69 5.83 -10.50 -20.22
N GLN B 70 5.26 -11.35 -21.07
CA GLN B 70 4.55 -10.85 -22.24
C GLN B 70 3.39 -9.98 -21.79
N LYS B 71 2.70 -10.42 -20.73
CA LYS B 71 1.58 -9.65 -20.20
C LYS B 71 2.07 -8.29 -19.68
N ASN B 72 3.16 -8.31 -18.91
CA ASN B 72 3.71 -7.07 -18.36
C ASN B 72 4.04 -6.07 -19.46
N THR B 73 4.63 -6.58 -20.55
CA THR B 73 5.01 -5.74 -21.68
C THR B 73 3.79 -5.06 -22.30
N VAL B 74 2.67 -5.78 -22.40
CA VAL B 74 1.45 -5.20 -22.97
C VAL B 74 1.06 -3.95 -22.16
N TYR B 75 1.01 -4.10 -20.85
CA TYR B 75 0.64 -2.98 -20.00
C TYR B 75 1.69 -1.86 -20.02
N ALA B 76 2.96 -2.23 -20.05
CA ALA B 76 4.03 -1.22 -20.06
C ALA B 76 3.95 -0.39 -21.35
N PHE B 77 3.74 -1.05 -22.48
CA PHE B 77 3.64 -0.33 -23.75
C PHE B 77 2.38 0.53 -23.82
N ALA B 78 1.32 0.11 -23.16
CA ALA B 78 0.06 0.86 -23.18
C ALA B 78 0.21 2.26 -22.56
N ARG B 79 1.15 2.39 -21.62
CA ARG B 79 1.41 3.65 -20.95
C ARG B 79 1.72 4.79 -21.92
N ASP B 80 2.38 4.46 -23.02
CA ASP B 80 2.75 5.47 -24.02
C ASP B 80 1.59 5.85 -24.92
N GLY B 81 0.52 5.06 -24.87
CA GLY B 81 -0.63 5.35 -25.70
C GLY B 81 -0.42 4.80 -27.10
N PHE B 82 -1.50 4.73 -27.86
CA PHE B 82 -1.44 4.23 -29.23
C PHE B 82 -2.58 4.83 -30.02
N ALA B 83 -2.32 5.17 -31.28
CA ALA B 83 -3.32 5.76 -32.15
C ALA B 83 -4.46 4.80 -32.46
N THR B 84 -4.11 3.57 -32.81
CA THR B 84 -5.10 2.56 -33.15
C THR B 84 -4.66 1.22 -32.57
N THR B 85 -5.55 0.24 -32.62
CA THR B 85 -5.27 -1.09 -32.13
C THR B 85 -4.17 -1.74 -32.97
N GLU B 86 -4.21 -1.53 -34.27
CA GLU B 86 -3.18 -2.08 -35.16
C GLU B 86 -1.80 -1.50 -34.86
N GLU B 87 -1.74 -0.20 -34.58
CA GLU B 87 -0.45 0.44 -34.27
C GLU B 87 0.13 -0.16 -32.99
N PHE B 88 -0.75 -0.48 -32.05
CA PHE B 88 -0.33 -1.08 -30.78
C PHE B 88 0.23 -2.48 -31.01
N LEU B 89 -0.45 -3.29 -31.81
CA LEU B 89 0.02 -4.64 -32.06
C LEU B 89 1.35 -4.61 -32.81
N LEU B 90 1.48 -3.68 -33.76
CA LEU B 90 2.72 -3.56 -34.52
C LEU B 90 3.90 -3.35 -33.58
N ARG B 91 3.72 -2.49 -32.58
CA ARG B 91 4.78 -2.21 -31.63
C ARG B 91 5.15 -3.47 -30.84
N LEU B 92 4.14 -4.22 -30.40
CA LEU B 92 4.39 -5.45 -29.65
C LEU B 92 5.20 -6.48 -30.46
N GLY B 93 4.75 -6.75 -31.68
CA GLY B 93 5.45 -7.72 -32.52
C GLY B 93 6.87 -7.29 -32.82
N LYS B 94 7.06 -6.00 -33.07
CA LYS B 94 8.39 -5.46 -33.37
C LYS B 94 9.29 -5.68 -32.16
N HIS B 95 8.77 -5.36 -30.98
CA HIS B 95 9.51 -5.52 -29.75
C HIS B 95 10.01 -6.94 -29.50
N PHE B 96 9.12 -7.92 -29.64
CA PHE B 96 9.48 -9.32 -29.40
C PHE B 96 10.35 -9.98 -30.46
N THR B 97 10.08 -9.71 -31.73
CA THR B 97 10.87 -10.32 -32.79
C THR B 97 12.31 -9.78 -32.80
N GLU B 98 12.45 -8.47 -32.59
CA GLU B 98 13.75 -7.82 -32.57
C GLU B 98 14.46 -7.91 -31.22
N GLY B 99 13.70 -7.99 -30.14
CA GLY B 99 14.29 -8.05 -28.81
C GLY B 99 14.92 -9.36 -28.41
N PHE B 100 14.59 -10.44 -29.12
CA PHE B 100 15.12 -11.76 -28.82
C PHE B 100 15.53 -12.43 -30.13
N ASP B 101 16.80 -12.82 -30.20
CA ASP B 101 17.33 -13.44 -31.41
C ASP B 101 16.72 -14.78 -31.76
N TRP B 102 16.21 -15.51 -30.77
CA TRP B 102 15.62 -16.82 -31.05
C TRP B 102 14.12 -16.71 -31.38
N VAL B 103 13.57 -15.50 -31.29
CA VAL B 103 12.17 -15.31 -31.62
C VAL B 103 12.13 -14.75 -33.05
N THR B 104 11.65 -15.56 -33.98
CA THR B 104 11.60 -15.17 -35.38
C THR B 104 10.26 -14.62 -35.86
N GLY B 105 9.27 -14.60 -34.97
CA GLY B 105 7.97 -14.08 -35.35
C GLY B 105 6.91 -14.31 -34.29
N GLY B 106 5.65 -14.27 -34.70
CA GLY B 106 4.59 -14.50 -33.75
C GLY B 106 3.23 -14.06 -34.26
N ARG B 107 2.25 -14.12 -33.37
CA ARG B 107 0.89 -13.73 -33.70
C ARG B 107 0.38 -12.92 -32.53
N TRP B 108 -0.01 -11.68 -32.79
CA TRP B 108 -0.53 -10.79 -31.78
C TRP B 108 -1.91 -10.35 -32.25
N ALA B 109 -2.92 -10.57 -31.43
CA ALA B 109 -4.28 -10.21 -31.82
C ALA B 109 -5.01 -9.45 -30.73
N ALA B 110 -6.10 -8.81 -31.12
CA ALA B 110 -6.88 -8.08 -30.15
C ALA B 110 -8.31 -7.86 -30.61
N GLN B 111 -9.19 -7.74 -29.62
CA GLN B 111 -10.58 -7.45 -29.84
C GLN B 111 -10.67 -6.03 -29.30
N GLN B 112 -11.42 -5.16 -29.98
CA GLN B 112 -11.58 -3.80 -29.51
C GLN B 112 -13.05 -3.60 -29.21
N PHE B 113 -13.34 -3.11 -28.01
CA PHE B 113 -14.71 -2.87 -27.55
C PHE B 113 -15.01 -1.38 -27.57
N PHE B 114 -16.17 -1.01 -28.10
CA PHE B 114 -16.54 0.39 -28.21
C PHE B 114 -17.38 0.92 -27.07
N TRP B 115 -17.15 2.19 -26.76
CA TRP B 115 -17.87 2.89 -25.71
C TRP B 115 -18.44 4.18 -26.26
N ASP B 116 -19.61 4.56 -25.77
CA ASP B 116 -20.26 5.80 -26.19
C ASP B 116 -20.37 6.67 -24.94
N ARG B 117 -20.19 7.98 -25.08
CA ARG B 117 -20.30 8.86 -23.93
C ARG B 117 -21.76 8.87 -23.48
N ILE B 118 -21.98 9.04 -22.18
CA ILE B 118 -23.33 9.12 -21.66
C ILE B 118 -23.74 10.59 -21.80
N ASN B 119 -24.64 10.87 -22.73
CA ASN B 119 -25.10 12.24 -22.94
C ASN B 119 -23.94 13.21 -23.15
N ASP B 120 -22.96 12.79 -23.94
CA ASP B 120 -21.79 13.61 -24.24
C ASP B 120 -20.96 14.01 -23.01
N HIS B 121 -21.06 13.22 -21.95
CA HIS B 121 -20.30 13.51 -20.73
C HIS B 121 -18.80 13.34 -20.95
N ASP B 122 -18.02 14.21 -20.33
CA ASP B 122 -16.56 14.18 -20.45
C ASP B 122 -15.88 12.90 -19.96
N HIS B 123 -16.44 12.26 -18.94
CA HIS B 123 -15.80 11.05 -18.42
C HIS B 123 -16.74 9.94 -17.95
N ALA B 124 -17.91 9.83 -18.58
CA ALA B 124 -18.89 8.80 -18.25
C ALA B 124 -19.31 8.17 -19.57
N PHE B 125 -19.23 6.84 -19.64
CA PHE B 125 -19.55 6.12 -20.86
C PHE B 125 -20.39 4.86 -20.65
N SER B 126 -20.94 4.35 -21.75
CA SER B 126 -21.72 3.12 -21.76
C SER B 126 -21.19 2.27 -22.91
N ARG B 127 -21.19 0.95 -22.73
CA ARG B 127 -20.68 0.06 -23.74
C ARG B 127 -21.59 -0.07 -24.96
N ASN B 128 -20.99 -0.02 -26.14
CA ASN B 128 -21.74 -0.22 -27.38
C ASN B 128 -21.39 -1.67 -27.69
N LYS B 129 -22.29 -2.57 -27.35
CA LYS B 129 -22.06 -4.01 -27.54
C LYS B 129 -22.54 -4.55 -28.88
N SER B 130 -22.96 -3.66 -29.78
CA SER B 130 -23.50 -4.09 -31.06
C SER B 130 -22.52 -4.67 -32.08
N GLU B 131 -21.23 -4.59 -31.78
CA GLU B 131 -20.20 -5.14 -32.68
C GLU B 131 -18.85 -5.16 -31.97
N VAL B 132 -17.95 -6.04 -32.41
CA VAL B 132 -16.61 -6.10 -31.85
C VAL B 132 -15.61 -6.05 -32.99
N ARG B 133 -14.66 -5.14 -32.90
CA ARG B 133 -13.63 -4.98 -33.93
C ARG B 133 -12.46 -5.89 -33.59
N THR B 134 -11.85 -6.48 -34.62
CA THR B 134 -10.71 -7.36 -34.38
C THR B 134 -9.52 -6.97 -35.24
N ALA B 135 -8.34 -7.36 -34.77
CA ALA B 135 -7.11 -7.09 -35.49
C ALA B 135 -6.14 -8.21 -35.18
N VAL B 136 -5.42 -8.65 -36.19
CA VAL B 136 -4.44 -9.70 -36.01
C VAL B 136 -3.20 -9.33 -36.80
N LEU B 137 -2.05 -9.41 -36.14
CA LEU B 137 -0.77 -9.13 -36.77
C LEU B 137 0.06 -10.40 -36.72
N GLU B 138 0.65 -10.76 -37.85
CA GLU B 138 1.50 -11.93 -37.90
C GLU B 138 2.85 -11.53 -38.50
N ILE B 139 3.91 -11.91 -37.82
CA ILE B 139 5.26 -11.61 -38.28
C ILE B 139 5.98 -12.93 -38.53
N SER B 140 6.59 -13.03 -39.70
CA SER B 140 7.34 -14.23 -40.07
C SER B 140 8.68 -13.76 -40.62
N GLY B 141 9.68 -13.71 -39.74
CA GLY B 141 10.99 -13.26 -40.15
C GLY B 141 10.94 -11.79 -40.57
N SER B 142 11.24 -11.53 -41.83
CA SER B 142 11.25 -10.18 -42.36
C SER B 142 9.88 -9.71 -42.88
N GLU B 143 8.89 -10.60 -42.88
CA GLU B 143 7.56 -10.27 -43.37
C GLU B 143 6.49 -10.17 -42.28
N GLN B 144 5.52 -9.29 -42.50
CA GLN B 144 4.40 -9.13 -41.58
C GLN B 144 3.12 -8.84 -42.34
N ALA B 145 1.99 -9.23 -41.75
CA ALA B 145 0.69 -9.02 -42.36
C ALA B 145 -0.34 -8.71 -41.29
N ILE B 146 -1.31 -7.87 -41.64
CA ILE B 146 -2.36 -7.49 -40.72
C ILE B 146 -3.75 -7.81 -41.26
N VAL B 147 -4.57 -8.43 -40.43
CA VAL B 147 -5.94 -8.75 -40.80
C VAL B 147 -6.86 -8.06 -39.80
N ALA B 148 -7.76 -7.23 -40.29
CA ALA B 148 -8.72 -6.54 -39.43
C ALA B 148 -10.06 -7.19 -39.66
N GLY B 149 -11.00 -6.97 -38.76
CA GLY B 149 -12.30 -7.57 -38.95
C GLY B 149 -13.35 -7.02 -38.02
N ILE B 150 -14.56 -7.52 -38.18
CA ILE B 150 -15.68 -7.12 -37.37
C ILE B 150 -16.46 -8.40 -37.09
N GLU B 151 -17.17 -8.44 -35.96
CA GLU B 151 -17.94 -9.63 -35.62
C GLU B 151 -19.00 -9.25 -34.60
N GLY B 152 -19.99 -10.11 -34.43
CA GLY B 152 -21.05 -9.87 -33.47
C GLY B 152 -22.07 -8.84 -33.93
N LEU B 153 -22.02 -8.47 -35.20
CA LEU B 153 -22.96 -7.49 -35.76
C LEU B 153 -24.14 -8.20 -36.39
N THR B 154 -25.23 -8.31 -35.63
CA THR B 154 -26.44 -8.99 -36.11
C THR B 154 -27.32 -8.10 -36.96
N VAL B 155 -27.67 -8.58 -38.14
CA VAL B 155 -28.53 -7.84 -39.06
C VAL B 155 -29.71 -8.71 -39.50
N LEU B 156 -30.72 -8.07 -40.08
CA LEU B 156 -31.92 -8.76 -40.53
C LEU B 156 -32.70 -7.94 -41.55
N LYS B 157 -33.21 -8.63 -42.58
CA LYS B 157 -34.03 -8.01 -43.60
C LYS B 157 -35.39 -8.68 -43.42
N SER B 158 -36.46 -7.90 -43.32
CA SER B 158 -37.79 -8.48 -43.14
C SER B 158 -38.44 -8.86 -44.47
N THR B 159 -37.77 -8.51 -45.56
CA THR B 159 -38.24 -8.83 -46.91
C THR B 159 -37.09 -8.53 -47.87
N GLY B 160 -37.31 -8.69 -49.17
CA GLY B 160 -36.25 -8.44 -50.13
C GLY B 160 -35.26 -9.60 -50.14
N SER B 161 -35.76 -10.77 -49.81
CA SER B 161 -34.95 -11.99 -49.78
C SER B 161 -35.77 -13.12 -50.40
N GLU B 162 -35.12 -13.90 -51.27
CA GLU B 162 -35.78 -15.01 -51.95
C GLU B 162 -34.86 -16.23 -51.92
N PHE B 163 -35.45 -17.39 -52.21
CA PHE B 163 -34.68 -18.62 -52.30
C PHE B 163 -35.47 -19.66 -53.06
N HIS B 164 -35.09 -19.85 -54.32
CA HIS B 164 -35.78 -20.81 -55.18
C HIS B 164 -34.85 -21.26 -56.30
N GLY B 165 -35.23 -22.33 -56.98
CA GLY B 165 -34.43 -22.85 -58.08
C GLY B 165 -33.39 -23.86 -57.64
N PHE B 166 -33.42 -24.26 -56.36
CA PHE B 166 -32.47 -25.23 -55.86
C PHE B 166 -32.89 -26.65 -56.24
N PRO B 167 -31.91 -27.54 -56.46
CA PRO B 167 -32.24 -28.93 -56.83
C PRO B 167 -33.12 -29.61 -55.79
N ARG B 168 -34.01 -30.48 -56.23
CA ARG B 168 -34.89 -31.17 -55.30
C ARG B 168 -34.63 -32.66 -55.33
N ASP B 169 -33.84 -33.16 -54.38
CA ASP B 169 -33.55 -34.59 -54.33
C ASP B 169 -34.46 -35.31 -53.35
N LYS B 170 -34.16 -36.58 -53.13
CA LYS B 170 -34.94 -37.43 -52.23
C LYS B 170 -35.10 -36.88 -50.81
N TYR B 171 -34.16 -36.04 -50.40
CA TYR B 171 -34.19 -35.48 -49.06
C TYR B 171 -34.58 -34.01 -48.99
N THR B 172 -35.15 -33.50 -50.08
CA THR B 172 -35.56 -32.09 -50.13
C THR B 172 -37.04 -31.90 -49.85
N THR B 173 -37.35 -31.02 -48.90
CA THR B 173 -38.74 -30.75 -48.55
C THR B 173 -38.98 -29.23 -48.47
N LEU B 174 -37.90 -28.48 -48.46
CA LEU B 174 -37.99 -27.02 -48.38
C LEU B 174 -38.81 -26.46 -49.55
N GLN B 175 -39.77 -25.61 -49.23
CA GLN B 175 -40.59 -24.99 -50.27
C GLN B 175 -39.89 -23.76 -50.80
N GLU B 176 -39.98 -23.52 -52.09
CA GLU B 176 -39.36 -22.35 -52.68
C GLU B 176 -40.11 -21.13 -52.16
N THR B 177 -39.45 -19.99 -52.11
CA THR B 177 -40.10 -18.77 -51.64
C THR B 177 -39.51 -17.53 -52.29
N THR B 178 -40.33 -16.49 -52.42
CA THR B 178 -39.86 -15.24 -53.01
C THR B 178 -39.92 -14.13 -51.96
N ASP B 179 -40.24 -14.49 -50.72
CA ASP B 179 -40.34 -13.52 -49.64
C ASP B 179 -40.12 -14.20 -48.28
N ARG B 180 -38.93 -14.01 -47.71
CA ARG B 180 -38.60 -14.59 -46.42
C ARG B 180 -37.72 -13.59 -45.66
N ILE B 181 -37.51 -13.85 -44.38
CA ILE B 181 -36.66 -13.01 -43.57
C ILE B 181 -35.23 -13.49 -43.82
N LEU B 182 -34.28 -12.56 -43.89
CA LEU B 182 -32.87 -12.91 -44.06
C LEU B 182 -32.15 -12.29 -42.87
N ALA B 183 -31.71 -13.13 -41.94
CA ALA B 183 -31.02 -12.67 -40.74
C ALA B 183 -29.70 -13.41 -40.55
N THR B 184 -28.64 -12.67 -40.21
CA THR B 184 -27.32 -13.26 -40.00
C THR B 184 -26.49 -12.44 -39.03
N ASP B 185 -25.32 -12.96 -38.68
CA ASP B 185 -24.39 -12.27 -37.80
C ASP B 185 -23.19 -11.98 -38.67
N VAL B 186 -22.89 -10.71 -38.88
CA VAL B 186 -21.76 -10.36 -39.74
C VAL B 186 -20.39 -10.58 -39.12
N SER B 187 -19.68 -11.56 -39.67
CA SER B 187 -18.32 -11.86 -39.25
C SER B 187 -17.48 -11.76 -40.51
N ALA B 188 -16.60 -10.75 -40.56
CA ALA B 188 -15.75 -10.54 -41.72
C ALA B 188 -14.34 -10.20 -41.29
N ARG B 189 -13.37 -10.61 -42.09
CA ARG B 189 -11.97 -10.35 -41.82
C ARG B 189 -11.30 -10.10 -43.16
N TRP B 190 -10.54 -9.02 -43.23
CA TRP B 190 -9.86 -8.66 -44.47
C TRP B 190 -8.37 -8.46 -44.25
N ARG B 191 -7.58 -8.86 -45.25
CA ARG B 191 -6.13 -8.77 -45.17
C ARG B 191 -5.62 -7.55 -45.96
N TYR B 192 -4.77 -6.76 -45.31
CA TYR B 192 -4.20 -5.57 -45.95
C TYR B 192 -2.96 -5.95 -46.72
N ASN B 193 -2.76 -5.30 -47.87
CA ASN B 193 -1.59 -5.59 -48.69
C ASN B 193 -0.46 -4.61 -48.38
N THR B 194 -0.63 -3.86 -47.29
CA THR B 194 0.33 -2.87 -46.81
C THR B 194 -0.03 -2.41 -45.39
N VAL B 195 0.98 -2.20 -44.54
CA VAL B 195 0.71 -1.75 -43.18
C VAL B 195 0.54 -0.24 -43.13
N GLU B 196 0.64 0.42 -44.28
CA GLU B 196 0.47 1.87 -44.35
C GLU B 196 -1.00 2.16 -44.67
N VAL B 197 -1.84 2.00 -43.66
CA VAL B 197 -3.29 2.20 -43.79
C VAL B 197 -3.83 3.11 -42.69
N ASP B 198 -4.94 3.78 -42.98
CA ASP B 198 -5.61 4.63 -41.99
C ASP B 198 -6.59 3.64 -41.37
N PHE B 199 -6.07 2.74 -40.55
CA PHE B 199 -6.86 1.69 -39.92
C PHE B 199 -8.26 2.04 -39.45
N ASP B 200 -8.42 3.16 -38.74
CA ASP B 200 -9.74 3.53 -38.26
C ASP B 200 -10.70 3.92 -39.37
N ALA B 201 -10.22 4.73 -40.31
CA ALA B 201 -11.06 5.17 -41.41
C ALA B 201 -11.51 4.00 -42.29
N VAL B 202 -10.62 3.05 -42.54
CA VAL B 202 -10.99 1.91 -43.37
C VAL B 202 -12.00 1.01 -42.64
N TYR B 203 -11.77 0.77 -41.35
CA TYR B 203 -12.69 -0.07 -40.57
C TYR B 203 -14.12 0.48 -40.69
N ALA B 204 -14.27 1.77 -40.47
CA ALA B 204 -15.58 2.42 -40.56
C ALA B 204 -16.16 2.30 -41.98
N SER B 205 -15.32 2.48 -42.99
CA SER B 205 -15.79 2.38 -44.37
C SER B 205 -16.27 0.96 -44.67
N VAL B 206 -15.43 -0.03 -44.41
CA VAL B 206 -15.78 -1.42 -44.64
C VAL B 206 -17.09 -1.77 -43.94
N ARG B 207 -17.20 -1.37 -42.67
CA ARG B 207 -18.41 -1.67 -41.89
C ARG B 207 -19.64 -1.14 -42.61
N GLY B 208 -19.54 0.09 -43.11
CA GLY B 208 -20.65 0.70 -43.82
C GLY B 208 -20.96 0.01 -45.13
N LEU B 209 -19.91 -0.41 -45.83
CA LEU B 209 -20.08 -1.09 -47.11
C LEU B 209 -20.77 -2.44 -46.94
N LEU B 210 -20.38 -3.18 -45.90
CA LEU B 210 -20.97 -4.48 -45.64
C LEU B 210 -22.45 -4.32 -45.30
N LEU B 211 -22.75 -3.36 -44.44
CA LEU B 211 -24.13 -3.10 -44.03
C LEU B 211 -24.98 -2.66 -45.21
N LYS B 212 -24.43 -1.77 -46.04
CA LYS B 212 -25.13 -1.26 -47.21
C LYS B 212 -25.42 -2.37 -48.21
N ALA B 213 -24.42 -3.18 -48.52
CA ALA B 213 -24.60 -4.26 -49.47
C ALA B 213 -25.65 -5.26 -48.97
N PHE B 214 -25.66 -5.51 -47.67
CA PHE B 214 -26.61 -6.46 -47.10
C PHE B 214 -28.04 -5.95 -47.22
N ALA B 215 -28.24 -4.69 -46.87
CA ALA B 215 -29.55 -4.06 -46.90
C ALA B 215 -30.13 -3.79 -48.28
N GLU B 216 -29.30 -3.28 -49.19
CA GLU B 216 -29.77 -2.91 -50.53
C GLU B 216 -29.74 -3.97 -51.61
N THR B 217 -29.14 -5.12 -51.33
CA THR B 217 -29.09 -6.19 -52.32
C THR B 217 -30.36 -7.03 -52.25
N HIS B 218 -31.10 -7.11 -53.35
CA HIS B 218 -32.29 -7.96 -53.35
C HIS B 218 -31.69 -9.36 -53.39
N SER B 219 -31.78 -10.08 -52.28
CA SER B 219 -31.17 -11.39 -52.16
C SER B 219 -31.87 -12.60 -52.77
N LEU B 220 -31.13 -13.32 -53.61
CA LEU B 220 -31.65 -14.53 -54.23
C LEU B 220 -31.07 -15.71 -53.47
N ALA B 221 -30.18 -15.40 -52.54
CA ALA B 221 -29.51 -16.41 -51.71
C ALA B 221 -28.50 -15.71 -50.80
N LEU B 222 -28.21 -16.32 -49.65
CA LEU B 222 -27.23 -15.73 -48.74
C LEU B 222 -25.88 -15.65 -49.43
N GLN B 223 -25.59 -16.66 -50.25
CA GLN B 223 -24.32 -16.71 -50.99
C GLN B 223 -24.16 -15.45 -51.86
N GLN B 224 -25.25 -15.04 -52.49
CA GLN B 224 -25.25 -13.88 -53.36
C GLN B 224 -25.03 -12.59 -52.58
N THR B 225 -25.76 -12.46 -51.46
CA THR B 225 -25.63 -11.28 -50.63
C THR B 225 -24.19 -11.15 -50.14
N MET B 226 -23.62 -12.27 -49.71
CA MET B 226 -22.25 -12.26 -49.22
C MET B 226 -21.28 -11.82 -50.31
N TYR B 227 -21.48 -12.34 -51.52
CA TYR B 227 -20.62 -11.97 -52.64
C TYR B 227 -20.66 -10.47 -52.86
N GLU B 228 -21.86 -9.89 -52.85
CA GLU B 228 -22.03 -8.46 -53.06
C GLU B 228 -21.41 -7.63 -51.94
N MET B 229 -21.43 -8.17 -50.73
CA MET B 229 -20.84 -7.47 -49.59
C MET B 229 -19.31 -7.47 -49.76
N GLY B 230 -18.77 -8.61 -50.15
CA GLY B 230 -17.33 -8.70 -50.33
C GLY B 230 -16.84 -7.94 -51.55
N ARG B 231 -17.71 -7.83 -52.56
CA ARG B 231 -17.34 -7.12 -53.78
C ARG B 231 -17.22 -5.62 -53.52
N ALA B 232 -18.19 -5.07 -52.81
CA ALA B 232 -18.19 -3.64 -52.50
C ALA B 232 -16.90 -3.24 -51.80
N VAL B 233 -16.44 -4.08 -50.88
CA VAL B 233 -15.21 -3.82 -50.14
C VAL B 233 -13.98 -3.84 -51.04
N ILE B 234 -13.83 -4.90 -51.83
CA ILE B 234 -12.68 -5.02 -52.72
C ILE B 234 -12.63 -3.90 -53.77
N GLU B 235 -13.79 -3.54 -54.30
CA GLU B 235 -13.86 -2.48 -55.29
C GLU B 235 -13.58 -1.11 -54.69
N THR B 236 -13.77 -0.98 -53.39
CA THR B 236 -13.57 0.30 -52.72
C THR B 236 -12.21 0.53 -52.05
N HIS B 237 -11.57 -0.53 -51.59
CA HIS B 237 -10.29 -0.36 -50.92
C HIS B 237 -9.12 -1.08 -51.59
N PRO B 238 -8.21 -0.32 -52.22
CA PRO B 238 -7.04 -0.89 -52.89
C PRO B 238 -6.07 -1.56 -51.92
N GLU B 239 -6.09 -1.16 -50.66
CA GLU B 239 -5.19 -1.75 -49.68
C GLU B 239 -5.61 -3.11 -49.16
N ILE B 240 -6.78 -3.58 -49.59
CA ILE B 240 -7.28 -4.89 -49.17
C ILE B 240 -7.19 -5.90 -50.31
N ASP B 241 -6.47 -6.99 -50.09
CA ASP B 241 -6.32 -8.04 -51.11
C ASP B 241 -7.45 -9.06 -51.10
N GLU B 242 -8.11 -9.22 -49.96
CA GLU B 242 -9.20 -10.18 -49.85
C GLU B 242 -9.96 -10.02 -48.56
N ILE B 243 -11.20 -10.48 -48.56
CA ILE B 243 -12.04 -10.40 -47.37
C ILE B 243 -12.78 -11.74 -47.23
N LYS B 244 -12.67 -12.33 -46.05
CA LYS B 244 -13.33 -13.60 -45.77
C LYS B 244 -14.54 -13.35 -44.88
N MET B 245 -15.64 -14.01 -45.21
CA MET B 245 -16.87 -13.86 -44.44
C MET B 245 -17.48 -15.19 -44.04
N SER B 246 -18.06 -15.22 -42.84
CA SER B 246 -18.71 -16.41 -42.32
C SER B 246 -20.06 -15.91 -41.83
N LEU B 247 -21.11 -16.19 -42.61
CA LEU B 247 -22.45 -15.74 -42.28
C LEU B 247 -23.44 -16.84 -41.98
N PRO B 248 -23.97 -16.86 -40.75
CA PRO B 248 -24.94 -17.91 -40.43
C PRO B 248 -26.29 -17.46 -40.98
N ASN B 249 -27.14 -18.42 -41.33
CA ASN B 249 -28.46 -18.07 -41.80
C ASN B 249 -29.33 -18.39 -40.59
N LYS B 250 -29.66 -17.36 -39.81
CA LYS B 250 -30.45 -17.53 -38.60
C LYS B 250 -31.93 -17.61 -38.96
N HIS B 251 -32.44 -18.85 -38.97
CA HIS B 251 -33.82 -19.09 -39.37
C HIS B 251 -34.92 -18.47 -38.54
N HIS B 252 -35.85 -17.84 -39.23
CA HIS B 252 -37.02 -17.22 -38.63
C HIS B 252 -38.18 -17.89 -39.36
N PHE B 253 -38.73 -18.92 -38.73
CA PHE B 253 -39.83 -19.67 -39.34
C PHE B 253 -41.17 -18.98 -39.24
N LEU B 254 -41.85 -18.89 -40.39
CA LEU B 254 -43.18 -18.28 -40.43
C LEU B 254 -44.09 -19.29 -39.72
N VAL B 255 -44.60 -18.92 -38.56
CA VAL B 255 -45.43 -19.81 -37.78
C VAL B 255 -46.77 -20.16 -38.46
N ASP B 256 -47.14 -21.43 -38.41
CA ASP B 256 -48.41 -21.86 -38.99
C ASP B 256 -49.53 -21.54 -37.99
N LEU B 257 -50.38 -20.60 -38.37
CA LEU B 257 -51.49 -20.19 -37.52
C LEU B 257 -52.84 -20.67 -38.04
N GLN B 258 -52.82 -21.43 -39.13
CA GLN B 258 -54.06 -21.95 -39.70
C GLN B 258 -54.85 -22.77 -38.67
N PRO B 259 -54.17 -23.59 -37.86
CA PRO B 259 -54.90 -24.38 -36.86
C PRO B 259 -55.74 -23.53 -35.90
N PHE B 260 -55.39 -22.26 -35.76
CA PHE B 260 -56.10 -21.36 -34.85
C PHE B 260 -57.13 -20.52 -35.59
N GLY B 261 -57.36 -20.84 -36.86
CA GLY B 261 -58.33 -20.11 -37.65
C GLY B 261 -57.79 -18.80 -38.19
N GLN B 262 -56.47 -18.64 -38.18
CA GLN B 262 -55.84 -17.42 -38.66
C GLN B 262 -54.94 -17.67 -39.86
N ASP B 263 -54.35 -16.60 -40.38
CA ASP B 263 -53.41 -16.70 -41.48
C ASP B 263 -52.18 -15.96 -40.95
N ASN B 264 -51.06 -16.07 -41.66
CA ASN B 264 -49.83 -15.41 -41.23
C ASN B 264 -49.17 -14.79 -42.44
N PRO B 265 -49.54 -13.54 -42.77
CA PRO B 265 -48.99 -12.83 -43.92
C PRO B 265 -47.58 -12.29 -43.68
N ASN B 266 -46.64 -13.21 -43.48
CA ASN B 266 -45.24 -12.84 -43.25
C ASN B 266 -45.07 -11.93 -42.03
N GLU B 267 -45.83 -12.19 -40.98
CA GLU B 267 -45.76 -11.35 -39.78
C GLU B 267 -45.24 -11.98 -38.49
N VAL B 268 -45.68 -13.21 -38.20
CA VAL B 268 -45.28 -13.88 -36.96
C VAL B 268 -44.23 -14.96 -37.19
N PHE B 269 -43.06 -14.78 -36.57
CA PHE B 269 -41.97 -15.74 -36.74
C PHE B 269 -41.42 -16.30 -35.44
N TYR B 270 -40.87 -17.50 -35.55
CA TYR B 270 -40.24 -18.21 -34.45
C TYR B 270 -38.75 -18.13 -34.80
N ALA B 271 -37.97 -17.44 -33.98
CA ALA B 271 -36.54 -17.32 -34.23
C ALA B 271 -35.81 -18.52 -33.61
N ALA B 272 -35.41 -19.46 -34.46
CA ALA B 272 -34.74 -20.67 -34.00
C ALA B 272 -33.25 -20.48 -33.70
N ASP B 273 -32.76 -21.17 -32.67
CA ASP B 273 -31.36 -21.07 -32.29
C ASP B 273 -30.49 -21.98 -33.16
N ARG B 274 -30.76 -23.27 -33.12
CA ARG B 274 -30.02 -24.25 -33.91
C ARG B 274 -31.00 -25.27 -34.49
N PRO B 275 -30.68 -25.85 -35.65
CA PRO B 275 -29.48 -25.62 -36.46
C PRO B 275 -29.60 -24.32 -37.25
N TYR B 276 -28.51 -23.90 -37.88
CA TYR B 276 -28.53 -22.67 -38.69
C TYR B 276 -27.69 -22.89 -39.93
N GLY B 277 -27.99 -22.11 -40.97
CA GLY B 277 -27.22 -22.23 -42.18
C GLY B 277 -25.91 -21.53 -41.93
N LEU B 278 -24.84 -22.02 -42.56
CA LEU B 278 -23.53 -21.40 -42.40
C LEU B 278 -22.92 -21.27 -43.81
N ILE B 279 -22.92 -20.05 -44.32
CA ILE B 279 -22.39 -19.74 -45.65
C ILE B 279 -21.09 -18.97 -45.49
N GLU B 280 -20.04 -19.47 -46.10
CA GLU B 280 -18.73 -18.82 -45.97
C GLU B 280 -18.01 -18.68 -47.31
N ALA B 281 -17.28 -17.59 -47.48
CA ALA B 281 -16.55 -17.38 -48.73
C ALA B 281 -15.50 -16.31 -48.62
N THR B 282 -14.56 -16.36 -49.56
CA THR B 282 -13.48 -15.41 -49.65
C THR B 282 -13.68 -14.65 -50.94
N ILE B 283 -13.76 -13.33 -50.87
CA ILE B 283 -13.90 -12.52 -52.05
C ILE B 283 -12.53 -11.86 -52.16
N GLN B 284 -11.89 -11.99 -53.31
CA GLN B 284 -10.56 -11.42 -53.47
C GLN B 284 -10.31 -10.68 -54.77
N ARG B 285 -9.24 -9.89 -54.73
CA ARG B 285 -8.79 -9.08 -55.85
C ARG B 285 -8.05 -10.02 -56.79
N GLU B 286 -8.42 -10.02 -58.06
CA GLU B 286 -7.79 -10.89 -59.04
C GLU B 286 -6.26 -10.78 -59.01
N GLY B 287 -5.59 -11.92 -58.90
CA GLY B 287 -4.14 -11.92 -58.87
C GLY B 287 -3.51 -12.14 -57.51
N SER B 288 -4.22 -11.75 -56.45
CA SER B 288 -3.69 -11.91 -55.09
C SER B 288 -3.59 -13.37 -54.67
N ARG B 289 -2.63 -13.67 -53.80
CA ARG B 289 -2.42 -15.04 -53.34
C ARG B 289 -3.67 -15.59 -52.65
N ALA B 290 -3.91 -16.88 -52.83
CA ALA B 290 -5.10 -17.52 -52.27
C ALA B 290 -4.95 -18.14 -50.89
N ASP B 291 -3.72 -18.37 -50.43
CA ASP B 291 -3.54 -18.98 -49.12
C ASP B 291 -2.45 -18.34 -48.27
N HIS B 292 -2.68 -17.13 -47.80
CA HIS B 292 -1.71 -16.46 -46.96
C HIS B 292 -1.65 -17.20 -45.63
N PRO B 293 -0.44 -17.38 -45.08
CA PRO B 293 -0.20 -18.08 -43.81
C PRO B 293 -0.99 -17.54 -42.61
N ILE B 294 -1.36 -16.27 -42.66
CA ILE B 294 -2.09 -15.66 -41.55
C ILE B 294 -3.47 -16.26 -41.32
N TRP B 295 -4.00 -16.96 -42.31
CA TRP B 295 -5.31 -17.58 -42.16
C TRP B 295 -5.22 -18.95 -41.48
N SER B 296 -4.03 -19.32 -41.03
CA SER B 296 -3.82 -20.60 -40.34
C SER B 296 -3.25 -20.40 -38.94
N ASN B 297 -3.21 -21.47 -38.16
CA ASN B 297 -2.70 -21.45 -36.79
C ASN B 297 -3.14 -20.19 -36.03
N THR C 11 -8.45 -4.65 -59.73
CA THR C 11 -9.74 -4.04 -60.17
C THR C 11 -10.78 -5.12 -60.42
N LYS C 12 -10.32 -6.34 -60.70
CA LYS C 12 -11.23 -7.45 -60.96
C LYS C 12 -11.48 -8.24 -59.68
N VAL C 13 -12.75 -8.41 -59.34
CA VAL C 13 -13.14 -9.14 -58.15
C VAL C 13 -13.45 -10.59 -58.50
N VAL C 14 -12.93 -11.51 -57.68
CA VAL C 14 -13.15 -12.93 -57.93
C VAL C 14 -13.49 -13.74 -56.68
N LEU C 15 -14.39 -14.69 -56.85
CA LEU C 15 -14.81 -15.55 -55.75
C LEU C 15 -13.69 -16.55 -55.48
N GLY C 16 -13.27 -16.66 -54.23
CA GLY C 16 -12.21 -17.58 -53.86
C GLY C 16 -12.73 -18.84 -53.20
N GLN C 17 -12.02 -19.32 -52.19
CA GLN C 17 -12.45 -20.52 -51.48
C GLN C 17 -13.83 -20.22 -50.88
N ASN C 18 -14.68 -21.25 -50.81
CA ASN C 18 -16.01 -21.08 -50.24
C ASN C 18 -16.61 -22.42 -49.90
N GLN C 19 -17.54 -22.40 -48.94
CA GLN C 19 -18.24 -23.60 -48.50
C GLN C 19 -19.51 -23.16 -47.81
N TYR C 20 -20.51 -24.04 -47.78
CA TYR C 20 -21.77 -23.71 -47.13
C TYR C 20 -22.52 -24.98 -46.75
N GLY C 21 -23.42 -24.86 -45.78
CA GLY C 21 -24.20 -26.01 -45.35
C GLY C 21 -24.98 -25.72 -44.09
N LYS C 22 -25.40 -26.77 -43.40
CA LYS C 22 -26.14 -26.60 -42.16
C LYS C 22 -25.22 -26.90 -40.96
N ALA C 23 -25.19 -25.97 -40.02
CA ALA C 23 -24.36 -26.09 -38.82
C ALA C 23 -25.14 -26.44 -37.56
N GLU C 24 -24.51 -27.22 -36.70
CA GLU C 24 -25.05 -27.65 -35.42
C GLU C 24 -26.43 -28.31 -35.44
N VAL C 25 -26.51 -29.43 -36.16
CA VAL C 25 -27.73 -30.21 -36.23
C VAL C 25 -27.65 -31.16 -35.03
N ARG C 26 -28.50 -30.93 -34.04
CA ARG C 26 -28.50 -31.74 -32.82
C ARG C 26 -29.27 -33.04 -33.02
N LEU C 27 -28.54 -34.14 -32.98
CA LEU C 27 -29.14 -35.45 -33.19
C LEU C 27 -28.98 -36.35 -31.99
N VAL C 28 -30.07 -37.04 -31.64
CA VAL C 28 -30.03 -38.00 -30.56
C VAL C 28 -30.57 -39.28 -31.16
N LYS C 29 -29.72 -40.30 -31.21
CA LYS C 29 -30.13 -41.58 -31.77
C LYS C 29 -30.26 -42.62 -30.68
N VAL C 30 -31.47 -43.16 -30.53
CA VAL C 30 -31.71 -44.18 -29.53
C VAL C 30 -31.78 -45.54 -30.18
N THR C 31 -31.03 -46.50 -29.65
CA THR C 31 -31.05 -47.86 -30.16
C THR C 31 -31.91 -48.61 -29.14
N ARG C 32 -33.04 -49.13 -29.58
CA ARG C 32 -33.93 -49.84 -28.66
C ARG C 32 -34.55 -51.11 -29.23
N ASN C 33 -33.79 -51.84 -30.04
CA ASN C 33 -34.28 -53.09 -30.60
C ASN C 33 -34.44 -54.07 -29.44
N THR C 34 -33.71 -53.80 -28.35
CA THR C 34 -33.78 -54.62 -27.14
C THR C 34 -34.17 -53.67 -25.99
N ALA C 35 -34.48 -54.24 -24.83
CA ALA C 35 -34.87 -53.44 -23.67
C ALA C 35 -33.70 -52.60 -23.16
N ARG C 36 -32.49 -53.01 -23.50
CA ARG C 36 -31.28 -52.30 -23.08
C ARG C 36 -31.04 -51.16 -24.08
N HIS C 37 -31.61 -49.99 -23.82
CA HIS C 37 -31.44 -48.85 -24.71
C HIS C 37 -30.04 -48.26 -24.70
N GLU C 38 -29.59 -47.82 -25.86
CA GLU C 38 -28.30 -47.19 -26.01
C GLU C 38 -28.55 -45.78 -26.55
N ILE C 39 -27.69 -44.84 -26.19
CA ILE C 39 -27.85 -43.47 -26.64
C ILE C 39 -26.62 -42.93 -27.36
N GLN C 40 -26.85 -42.27 -28.49
CA GLN C 40 -25.78 -41.63 -29.26
C GLN C 40 -26.26 -40.19 -29.39
N ASP C 41 -25.42 -39.26 -28.99
CA ASP C 41 -25.77 -37.83 -28.97
C ASP C 41 -24.74 -37.02 -29.76
N LEU C 42 -25.18 -36.37 -30.85
CA LEU C 42 -24.27 -35.59 -31.68
C LEU C 42 -24.72 -34.17 -32.03
N ASN C 43 -23.75 -33.34 -32.37
CA ASN C 43 -23.98 -31.96 -32.82
C ASN C 43 -23.26 -31.99 -34.16
N VAL C 44 -24.02 -32.13 -35.24
CA VAL C 44 -23.46 -32.26 -36.57
C VAL C 44 -23.47 -31.04 -37.49
N THR C 45 -22.36 -30.84 -38.19
CA THR C 45 -22.23 -29.74 -39.12
C THR C 45 -21.82 -30.30 -40.48
N SER C 46 -22.50 -29.86 -41.52
CA SER C 46 -22.23 -30.32 -42.88
C SER C 46 -22.03 -29.16 -43.81
N GLN C 47 -20.93 -29.15 -44.54
CA GLN C 47 -20.68 -28.06 -45.50
C GLN C 47 -20.11 -28.63 -46.78
N LEU C 48 -20.58 -28.11 -47.90
CA LEU C 48 -20.15 -28.60 -49.20
C LEU C 48 -19.20 -27.66 -49.92
N ARG C 49 -18.38 -28.23 -50.80
CA ARG C 49 -17.43 -27.48 -51.59
C ARG C 49 -17.53 -27.98 -53.02
N GLY C 50 -17.33 -27.07 -53.98
CA GLY C 50 -17.40 -27.43 -55.39
C GLY C 50 -17.58 -26.21 -56.26
N ASP C 51 -18.40 -26.34 -57.29
CA ASP C 51 -18.65 -25.24 -58.21
C ASP C 51 -19.92 -24.49 -57.82
N PHE C 52 -19.76 -23.39 -57.08
CA PHE C 52 -20.88 -22.58 -56.64
C PHE C 52 -20.72 -21.15 -57.13
N GLU C 53 -19.99 -21.01 -58.23
CA GLU C 53 -19.69 -19.73 -58.84
C GLU C 53 -20.96 -18.93 -59.18
N ALA C 54 -21.86 -19.55 -59.94
CA ALA C 54 -23.11 -18.89 -60.35
C ALA C 54 -24.01 -18.53 -59.17
N ALA C 55 -24.00 -19.38 -58.14
CA ALA C 55 -24.80 -19.13 -56.96
C ALA C 55 -24.37 -17.82 -56.29
N HIS C 56 -23.07 -17.56 -56.25
CA HIS C 56 -22.56 -16.33 -55.62
C HIS C 56 -22.65 -15.11 -56.53
N THR C 57 -22.21 -15.24 -57.77
CA THR C 57 -22.21 -14.11 -58.69
C THR C 57 -23.56 -13.77 -59.33
N ALA C 58 -24.45 -14.74 -59.47
CA ALA C 58 -25.74 -14.47 -60.12
C ALA C 58 -26.98 -14.85 -59.32
N GLY C 59 -26.80 -15.56 -58.21
CA GLY C 59 -27.95 -15.97 -57.44
C GLY C 59 -28.69 -17.11 -58.13
N ASP C 60 -27.95 -17.88 -58.92
CA ASP C 60 -28.51 -19.03 -59.61
C ASP C 60 -28.25 -20.22 -58.70
N ASN C 61 -29.30 -20.72 -58.08
CA ASN C 61 -29.16 -21.82 -57.13
C ASN C 61 -29.27 -23.24 -57.67
N ALA C 62 -29.08 -23.42 -58.98
CA ALA C 62 -29.16 -24.74 -59.58
C ALA C 62 -28.24 -25.74 -58.88
N HIS C 63 -27.06 -25.29 -58.47
CA HIS C 63 -26.06 -26.12 -57.81
C HIS C 63 -26.18 -26.11 -56.28
N VAL C 64 -27.05 -25.24 -55.75
CA VAL C 64 -27.19 -25.14 -54.30
C VAL C 64 -28.09 -26.14 -53.60
N VAL C 65 -27.50 -27.23 -53.10
CA VAL C 65 -28.26 -28.21 -52.36
C VAL C 65 -28.59 -27.46 -51.06
N ALA C 66 -29.88 -27.18 -50.86
CA ALA C 66 -30.34 -26.43 -49.69
C ALA C 66 -29.78 -26.92 -48.35
N THR C 67 -29.41 -25.98 -47.48
CA THR C 67 -28.88 -26.35 -46.17
C THR C 67 -29.96 -27.15 -45.45
N ASP C 68 -31.23 -26.88 -45.76
CA ASP C 68 -32.33 -27.62 -45.16
C ASP C 68 -32.25 -29.09 -45.59
N THR C 69 -31.92 -29.30 -46.86
CA THR C 69 -31.78 -30.65 -47.41
C THR C 69 -30.62 -31.38 -46.72
N GLN C 70 -29.51 -30.67 -46.53
CA GLN C 70 -28.36 -31.27 -45.87
C GLN C 70 -28.80 -31.69 -44.47
N LYS C 71 -29.65 -30.88 -43.84
CA LYS C 71 -30.14 -31.20 -42.51
C LYS C 71 -31.00 -32.46 -42.53
N ASN C 72 -31.94 -32.52 -43.47
CA ASN C 72 -32.82 -33.68 -43.60
C ASN C 72 -32.01 -34.95 -43.81
N THR C 73 -30.93 -34.83 -44.58
CA THR C 73 -30.10 -36.00 -44.87
C THR C 73 -29.47 -36.56 -43.60
N VAL C 74 -29.00 -35.69 -42.73
CA VAL C 74 -28.41 -36.12 -41.46
C VAL C 74 -29.38 -36.99 -40.66
N TYR C 75 -30.63 -36.52 -40.51
CA TYR C 75 -31.62 -37.27 -39.76
C TYR C 75 -32.05 -38.56 -40.47
N ALA C 76 -32.17 -38.49 -41.78
CA ALA C 76 -32.56 -39.68 -42.54
C ALA C 76 -31.45 -40.74 -42.42
N PHE C 77 -30.20 -40.32 -42.53
CA PHE C 77 -29.09 -41.28 -42.42
C PHE C 77 -28.97 -41.89 -41.04
N ALA C 78 -29.30 -41.12 -40.01
CA ALA C 78 -29.21 -41.61 -38.63
C ALA C 78 -30.16 -42.79 -38.39
N ARG C 79 -31.24 -42.87 -39.16
CA ARG C 79 -32.22 -43.94 -39.00
C ARG C 79 -31.60 -45.33 -39.11
N ASP C 80 -30.65 -45.49 -40.03
CA ASP C 80 -29.99 -46.77 -40.25
C ASP C 80 -28.99 -47.08 -39.15
N GLY C 81 -28.69 -46.07 -38.33
CA GLY C 81 -27.75 -46.27 -37.25
C GLY C 81 -26.32 -46.18 -37.76
N PHE C 82 -25.38 -46.13 -36.83
CA PHE C 82 -23.97 -46.03 -37.14
C PHE C 82 -23.15 -46.56 -35.97
N ALA C 83 -22.01 -47.16 -36.28
CA ALA C 83 -21.14 -47.72 -35.25
C ALA C 83 -20.40 -46.62 -34.50
N THR C 84 -19.91 -45.63 -35.24
CA THR C 84 -19.17 -44.54 -34.64
C THR C 84 -19.49 -43.21 -35.31
N THR C 85 -19.04 -42.13 -34.68
CA THR C 85 -19.25 -40.80 -35.20
C THR C 85 -18.53 -40.65 -36.54
N GLU C 86 -17.27 -41.08 -36.58
CA GLU C 86 -16.49 -40.99 -37.80
C GLU C 86 -17.17 -41.75 -38.95
N GLU C 87 -17.65 -42.95 -38.69
CA GLU C 87 -18.32 -43.75 -39.71
C GLU C 87 -19.53 -42.99 -40.25
N PHE C 88 -20.25 -42.35 -39.33
CA PHE C 88 -21.44 -41.57 -39.70
C PHE C 88 -21.04 -40.42 -40.62
N LEU C 89 -19.97 -39.71 -40.27
CA LEU C 89 -19.51 -38.58 -41.09
C LEU C 89 -19.03 -39.08 -42.45
N LEU C 90 -18.41 -40.24 -42.48
CA LEU C 90 -17.92 -40.82 -43.73
C LEU C 90 -19.08 -41.11 -44.69
N ARG C 91 -20.20 -41.57 -44.13
CA ARG C 91 -21.36 -41.85 -44.96
C ARG C 91 -21.91 -40.56 -45.57
N LEU C 92 -21.98 -39.50 -44.78
CA LEU C 92 -22.46 -38.21 -45.27
C LEU C 92 -21.57 -37.63 -46.37
N GLY C 93 -20.26 -37.65 -46.13
CA GLY C 93 -19.33 -37.10 -47.11
C GLY C 93 -19.42 -37.78 -48.47
N LYS C 94 -19.47 -39.11 -48.45
CA LYS C 94 -19.56 -39.88 -49.68
C LYS C 94 -20.88 -39.62 -50.39
N HIS C 95 -21.95 -39.45 -49.61
CA HIS C 95 -23.26 -39.19 -50.19
C HIS C 95 -23.31 -37.90 -51.02
N PHE C 96 -22.84 -36.80 -50.43
CA PHE C 96 -22.87 -35.51 -51.12
C PHE C 96 -21.87 -35.39 -52.27
N THR C 97 -20.65 -35.84 -52.07
CA THR C 97 -19.63 -35.76 -53.11
C THR C 97 -20.01 -36.62 -54.32
N GLU C 98 -20.57 -37.79 -54.05
CA GLU C 98 -20.97 -38.72 -55.12
C GLU C 98 -22.36 -38.43 -55.68
N GLY C 99 -23.25 -37.86 -54.87
CA GLY C 99 -24.60 -37.58 -55.33
C GLY C 99 -24.78 -36.34 -56.19
N PHE C 100 -23.76 -35.50 -56.25
CA PHE C 100 -23.82 -34.27 -57.03
C PHE C 100 -22.49 -34.04 -57.72
N ASP C 101 -22.51 -33.95 -59.04
CA ASP C 101 -21.29 -33.77 -59.82
C ASP C 101 -20.56 -32.46 -59.56
N TRP C 102 -21.31 -31.39 -59.30
CA TRP C 102 -20.69 -30.11 -59.03
C TRP C 102 -20.16 -30.02 -57.61
N VAL C 103 -20.42 -31.04 -56.80
CA VAL C 103 -19.92 -31.10 -55.43
C VAL C 103 -18.66 -31.96 -55.45
N THR C 104 -17.52 -31.33 -55.24
CA THR C 104 -16.23 -32.02 -55.29
C THR C 104 -15.65 -32.39 -53.94
N GLY C 105 -16.30 -31.93 -52.87
CA GLY C 105 -15.79 -32.23 -51.55
C GLY C 105 -16.55 -31.48 -50.48
N GLY C 106 -15.94 -31.36 -49.30
CA GLY C 106 -16.60 -30.66 -48.23
C GLY C 106 -15.96 -30.94 -46.88
N ARG C 107 -16.66 -30.56 -45.83
CA ARG C 107 -16.18 -30.74 -44.46
C ARG C 107 -17.37 -31.09 -43.60
N TRP C 108 -17.28 -32.23 -42.93
CA TRP C 108 -18.36 -32.71 -42.06
C TRP C 108 -17.77 -32.91 -40.68
N ALA C 109 -18.36 -32.26 -39.69
CA ALA C 109 -17.86 -32.34 -38.33
C ALA C 109 -18.94 -32.66 -37.31
N ALA C 110 -18.51 -33.11 -36.15
CA ALA C 110 -19.45 -33.45 -35.11
C ALA C 110 -18.81 -33.42 -33.73
N GLN C 111 -19.65 -33.15 -32.74
CA GLN C 111 -19.24 -33.17 -31.36
C GLN C 111 -20.04 -34.36 -30.84
N GLN C 112 -19.43 -35.18 -30.00
CA GLN C 112 -20.13 -36.32 -29.43
C GLN C 112 -20.21 -36.11 -27.93
N PHE C 113 -21.42 -36.17 -27.39
CA PHE C 113 -21.63 -35.98 -25.97
C PHE C 113 -21.87 -37.33 -25.31
N PHE C 114 -21.24 -37.53 -24.15
CA PHE C 114 -21.37 -38.80 -23.44
C PHE C 114 -22.45 -38.87 -22.40
N TRP C 115 -23.03 -40.06 -22.26
CA TRP C 115 -24.09 -40.32 -21.30
C TRP C 115 -23.75 -41.58 -20.50
N ASP C 116 -24.05 -41.55 -19.21
CA ASP C 116 -23.81 -42.70 -18.34
C ASP C 116 -25.17 -43.17 -17.84
N ARG C 117 -25.34 -44.47 -17.67
CA ARG C 117 -26.60 -44.99 -17.16
C ARG C 117 -26.76 -44.58 -15.71
N ILE C 118 -28.00 -44.39 -15.28
CA ILE C 118 -28.28 -44.03 -13.91
C ILE C 118 -28.40 -45.35 -13.12
N ASN C 119 -27.36 -45.67 -12.35
CA ASN C 119 -27.35 -46.89 -11.57
C ASN C 119 -27.66 -48.10 -12.46
N ASP C 120 -27.03 -48.12 -13.63
CA ASP C 120 -27.18 -49.19 -14.61
C ASP C 120 -28.59 -49.40 -15.16
N HIS C 121 -29.42 -48.36 -15.11
CA HIS C 121 -30.79 -48.46 -15.61
C HIS C 121 -30.81 -48.73 -17.11
N ASP C 122 -31.76 -49.55 -17.55
CA ASP C 122 -31.90 -49.90 -18.95
C ASP C 122 -32.19 -48.74 -19.91
N HIS C 123 -32.91 -47.71 -19.44
CA HIS C 123 -33.22 -46.58 -20.31
C HIS C 123 -33.28 -45.21 -19.62
N ALA C 124 -32.40 -45.02 -18.63
CA ALA C 124 -32.33 -43.76 -17.89
C ALA C 124 -30.85 -43.41 -17.77
N PHE C 125 -30.48 -42.20 -18.19
CA PHE C 125 -29.09 -41.78 -18.20
C PHE C 125 -28.86 -40.37 -17.66
N SER C 126 -27.59 -40.09 -17.35
CA SER C 126 -27.17 -38.77 -16.89
C SER C 126 -26.02 -38.38 -17.80
N ARG C 127 -25.91 -37.08 -18.08
CA ARG C 127 -24.87 -36.58 -18.97
C ARG C 127 -23.51 -36.52 -18.30
N ASN C 128 -22.48 -37.00 -19.00
CA ASN C 128 -21.12 -36.93 -18.49
C ASN C 128 -20.56 -35.74 -19.26
N LYS C 129 -20.50 -34.59 -18.58
CA LYS C 129 -20.05 -33.34 -19.19
C LYS C 129 -18.55 -33.07 -19.03
N SER C 130 -17.81 -34.03 -18.50
CA SER C 130 -16.38 -33.82 -18.25
C SER C 130 -15.49 -33.74 -19.49
N GLU C 131 -16.05 -34.05 -20.66
CA GLU C 131 -15.26 -33.97 -21.88
C GLU C 131 -16.20 -34.09 -23.07
N VAL C 132 -15.76 -33.59 -24.22
CA VAL C 132 -16.53 -33.69 -25.45
C VAL C 132 -15.60 -34.24 -26.52
N ARG C 133 -16.09 -35.24 -27.25
CA ARG C 133 -15.33 -35.86 -28.31
C ARG C 133 -15.66 -35.18 -29.63
N THR C 134 -14.66 -34.98 -30.47
CA THR C 134 -14.88 -34.32 -31.75
C THR C 134 -14.34 -35.15 -32.93
N ALA C 135 -14.86 -34.87 -34.11
CA ALA C 135 -14.43 -35.55 -35.32
C ALA C 135 -14.70 -34.65 -36.50
N VAL C 136 -13.80 -34.66 -37.48
CA VAL C 136 -13.97 -33.84 -38.65
C VAL C 136 -13.48 -34.62 -39.85
N LEU C 137 -14.31 -34.67 -40.89
CA LEU C 137 -13.96 -35.34 -42.12
C LEU C 137 -13.91 -34.29 -43.20
N GLU C 138 -12.84 -34.30 -43.98
CA GLU C 138 -12.72 -33.36 -45.09
C GLU C 138 -12.44 -34.17 -46.35
N ILE C 139 -13.17 -33.85 -47.42
CA ILE C 139 -12.98 -34.51 -48.70
C ILE C 139 -12.63 -33.45 -49.73
N SER C 140 -11.61 -33.71 -50.51
CA SER C 140 -11.17 -32.81 -51.56
C SER C 140 -10.86 -33.69 -52.77
N GLY C 141 -11.86 -33.86 -53.63
CA GLY C 141 -11.68 -34.71 -54.80
C GLY C 141 -11.64 -36.14 -54.33
N SER C 142 -10.57 -36.85 -54.66
CA SER C 142 -10.42 -38.24 -54.27
C SER C 142 -9.75 -38.39 -52.90
N GLU C 143 -9.31 -37.28 -52.33
CA GLU C 143 -8.63 -37.29 -51.03
C GLU C 143 -9.59 -37.19 -49.85
N GLN C 144 -9.34 -38.01 -48.84
CA GLN C 144 -10.16 -38.03 -47.63
C GLN C 144 -9.28 -37.93 -46.40
N ALA C 145 -9.70 -37.13 -45.42
CA ALA C 145 -8.91 -36.99 -44.20
C ALA C 145 -9.82 -36.87 -42.98
N ILE C 146 -9.43 -37.55 -41.90
CA ILE C 146 -10.18 -37.52 -40.65
C ILE C 146 -9.33 -37.06 -39.47
N VAL C 147 -9.87 -36.13 -38.70
CA VAL C 147 -9.19 -35.62 -37.52
C VAL C 147 -10.14 -35.83 -36.34
N ALA C 148 -9.70 -36.58 -35.33
CA ALA C 148 -10.52 -36.79 -34.15
C ALA C 148 -9.91 -35.96 -33.04
N GLY C 149 -10.69 -35.73 -31.98
CA GLY C 149 -10.14 -34.93 -30.90
C GLY C 149 -10.94 -34.97 -29.63
N ILE C 150 -10.44 -34.24 -28.64
CA ILE C 150 -11.08 -34.15 -27.34
C ILE C 150 -10.93 -32.72 -26.86
N GLU C 151 -11.92 -32.23 -26.13
CA GLU C 151 -11.87 -30.88 -25.62
C GLU C 151 -12.66 -30.80 -24.31
N GLY C 152 -12.53 -29.68 -23.60
CA GLY C 152 -13.26 -29.51 -22.36
C GLY C 152 -12.85 -30.40 -21.19
N LEU C 153 -11.72 -31.07 -21.32
CA LEU C 153 -11.24 -31.95 -20.25
C LEU C 153 -10.26 -31.17 -19.38
N THR C 154 -10.75 -30.68 -18.25
CA THR C 154 -9.91 -29.91 -17.34
C THR C 154 -9.12 -30.78 -16.37
N VAL C 155 -7.82 -30.54 -16.31
CA VAL C 155 -6.92 -31.29 -15.43
C VAL C 155 -6.08 -30.37 -14.59
N LEU C 156 -5.63 -30.87 -13.45
CA LEU C 156 -4.84 -30.09 -12.53
C LEU C 156 -3.86 -30.94 -11.72
N LYS C 157 -2.66 -30.41 -11.51
CA LYS C 157 -1.62 -31.07 -10.72
C LYS C 157 -1.36 -30.09 -9.59
N SER C 158 -1.46 -30.56 -8.36
CA SER C 158 -1.24 -29.70 -7.21
C SER C 158 0.25 -29.57 -6.89
N THR C 159 1.07 -30.37 -7.56
CA THR C 159 2.52 -30.33 -7.40
C THR C 159 3.14 -31.12 -8.54
N GLY C 160 4.47 -31.21 -8.56
CA GLY C 160 5.12 -31.93 -9.64
C GLY C 160 5.23 -31.04 -10.86
N SER C 161 5.32 -29.73 -10.61
CA SER C 161 5.43 -28.74 -11.67
C SER C 161 6.40 -27.62 -11.26
N GLU C 162 7.27 -27.24 -12.19
CA GLU C 162 8.25 -26.19 -11.95
C GLU C 162 8.37 -25.26 -13.15
N PHE C 163 8.95 -24.09 -12.92
CA PHE C 163 9.18 -23.13 -13.98
C PHE C 163 10.27 -22.16 -13.56
N HIS C 164 11.46 -22.36 -14.10
CA HIS C 164 12.61 -21.53 -13.80
C HIS C 164 13.60 -21.60 -14.94
N GLY C 165 14.63 -20.77 -14.90
CA GLY C 165 15.62 -20.76 -15.96
C GLY C 165 15.22 -19.92 -17.16
N PHE C 166 14.10 -19.21 -17.06
CA PHE C 166 13.65 -18.36 -18.16
C PHE C 166 14.40 -17.03 -18.14
N PRO C 167 14.59 -16.41 -19.30
CA PRO C 167 15.28 -15.12 -19.37
C PRO C 167 14.57 -14.04 -18.56
N ARG C 168 15.33 -13.04 -18.09
CA ARG C 168 14.75 -11.95 -17.32
C ARG C 168 15.10 -10.61 -17.94
N ASP C 169 14.10 -9.92 -18.47
CA ASP C 169 14.33 -8.62 -19.08
C ASP C 169 13.69 -7.51 -18.26
N LYS C 170 13.71 -6.30 -18.80
CA LYS C 170 13.14 -5.13 -18.15
C LYS C 170 11.72 -5.34 -17.63
N TYR C 171 10.94 -6.18 -18.31
CA TYR C 171 9.55 -6.42 -17.95
C TYR C 171 9.27 -7.73 -17.23
N THR C 172 10.31 -8.37 -16.71
CA THR C 172 10.14 -9.64 -16.01
C THR C 172 10.07 -9.44 -14.51
N THR C 173 9.00 -9.92 -13.90
CA THR C 173 8.82 -9.82 -12.45
C THR C 173 8.46 -11.18 -11.87
N LEU C 174 8.16 -12.14 -12.74
CA LEU C 174 7.80 -13.48 -12.29
C LEU C 174 8.94 -14.15 -11.53
N GLN C 175 8.62 -14.71 -10.38
CA GLN C 175 9.63 -15.38 -9.57
C GLN C 175 9.74 -16.84 -9.97
N GLU C 176 10.96 -17.35 -10.03
CA GLU C 176 11.17 -18.75 -10.40
C GLU C 176 10.57 -19.61 -9.29
N THR C 177 10.14 -20.82 -9.64
CA THR C 177 9.57 -21.72 -8.66
C THR C 177 9.87 -23.17 -8.99
N THR C 178 9.82 -24.02 -7.97
CA THR C 178 10.09 -25.44 -8.15
C THR C 178 8.86 -26.24 -7.70
N ASP C 179 7.79 -25.53 -7.35
CA ASP C 179 6.57 -26.16 -6.90
C ASP C 179 5.37 -25.24 -7.08
N ARG C 180 4.59 -25.48 -8.13
CA ARG C 180 3.39 -24.68 -8.39
C ARG C 180 2.28 -25.59 -8.88
N ILE C 181 1.08 -25.04 -9.01
CA ILE C 181 -0.03 -25.80 -9.51
C ILE C 181 0.00 -25.67 -11.04
N LEU C 182 -0.26 -26.78 -11.73
CA LEU C 182 -0.32 -26.77 -13.19
C LEU C 182 -1.71 -27.23 -13.57
N ALA C 183 -2.51 -26.30 -14.10
CA ALA C 183 -3.89 -26.61 -14.49
C ALA C 183 -4.15 -26.17 -15.92
N THR C 184 -4.85 -27.00 -16.69
CA THR C 184 -5.15 -26.68 -18.08
C THR C 184 -6.42 -27.39 -18.52
N ASP C 185 -6.90 -27.01 -19.71
CA ASP C 185 -8.08 -27.63 -20.31
C ASP C 185 -7.50 -28.39 -21.48
N VAL C 186 -7.59 -29.72 -21.47
CA VAL C 186 -7.04 -30.50 -22.55
C VAL C 186 -7.86 -30.40 -23.82
N SER C 187 -7.25 -29.79 -24.84
CA SER C 187 -7.88 -29.66 -26.13
C SER C 187 -6.84 -30.22 -27.09
N ALA C 188 -7.15 -31.37 -27.68
CA ALA C 188 -6.24 -32.03 -28.59
C ALA C 188 -6.95 -32.56 -29.82
N ARG C 189 -6.25 -32.56 -30.95
CA ARG C 189 -6.79 -33.08 -32.18
C ARG C 189 -5.70 -33.81 -32.95
N TRP C 190 -6.00 -35.01 -33.41
CA TRP C 190 -5.03 -35.82 -34.11
C TRP C 190 -5.55 -36.29 -35.47
N ARG C 191 -4.65 -36.34 -36.45
CA ARG C 191 -4.99 -36.74 -37.82
C ARG C 191 -4.61 -38.18 -38.11
N TYR C 192 -5.58 -38.95 -38.59
CA TYR C 192 -5.38 -40.36 -38.93
C TYR C 192 -4.80 -40.46 -40.33
N ASN C 193 -3.97 -41.48 -40.57
CA ASN C 193 -3.36 -41.66 -41.89
C ASN C 193 -4.03 -42.78 -42.67
N THR C 194 -5.12 -43.30 -42.12
CA THR C 194 -5.91 -44.37 -42.74
C THR C 194 -7.34 -44.32 -42.20
N VAL C 195 -8.29 -44.88 -42.95
CA VAL C 195 -9.68 -44.92 -42.49
C VAL C 195 -9.91 -46.23 -41.74
N GLU C 196 -8.98 -47.17 -41.91
CA GLU C 196 -9.09 -48.46 -41.25
C GLU C 196 -8.63 -48.31 -39.80
N VAL C 197 -9.50 -47.70 -38.99
CA VAL C 197 -9.20 -47.46 -37.59
C VAL C 197 -10.37 -47.87 -36.70
N ASP C 198 -10.05 -48.33 -35.49
CA ASP C 198 -11.08 -48.69 -34.53
C ASP C 198 -11.25 -47.36 -33.81
N PHE C 199 -12.02 -46.47 -34.43
CA PHE C 199 -12.22 -45.14 -33.89
C PHE C 199 -12.51 -45.00 -32.40
N ASP C 200 -13.42 -45.81 -31.86
CA ASP C 200 -13.74 -45.72 -30.44
C ASP C 200 -12.57 -46.19 -29.57
N ALA C 201 -11.90 -47.25 -30.01
CA ALA C 201 -10.77 -47.78 -29.24
C ALA C 201 -9.59 -46.82 -29.21
N VAL C 202 -9.31 -46.15 -30.32
CA VAL C 202 -8.20 -45.22 -30.36
C VAL C 202 -8.50 -43.97 -29.53
N TYR C 203 -9.74 -43.50 -29.61
CA TYR C 203 -10.11 -42.33 -28.82
C TYR C 203 -9.91 -42.59 -27.34
N ALA C 204 -10.39 -43.74 -26.84
CA ALA C 204 -10.24 -44.05 -25.43
C ALA C 204 -8.75 -44.15 -25.06
N SER C 205 -7.97 -44.75 -25.95
CA SER C 205 -6.55 -44.92 -25.72
C SER C 205 -5.80 -43.59 -25.69
N VAL C 206 -6.07 -42.74 -26.68
CA VAL C 206 -5.40 -41.45 -26.75
C VAL C 206 -5.74 -40.63 -25.50
N ARG C 207 -7.00 -40.69 -25.09
CA ARG C 207 -7.44 -39.96 -23.91
C ARG C 207 -6.62 -40.40 -22.70
N GLY C 208 -6.50 -41.71 -22.51
CA GLY C 208 -5.75 -42.24 -21.38
C GLY C 208 -4.27 -41.89 -21.44
N LEU C 209 -3.72 -41.79 -22.65
CA LEU C 209 -2.30 -41.47 -22.82
C LEU C 209 -2.02 -39.99 -22.53
N LEU C 210 -2.95 -39.12 -22.91
CA LEU C 210 -2.78 -37.69 -22.65
C LEU C 210 -2.87 -37.43 -21.15
N LEU C 211 -3.83 -38.07 -20.51
CA LEU C 211 -4.04 -37.94 -19.06
C LEU C 211 -2.85 -38.50 -18.29
N LYS C 212 -2.37 -39.66 -18.72
CA LYS C 212 -1.23 -40.31 -18.08
C LYS C 212 0.03 -39.45 -18.19
N ALA C 213 0.31 -38.94 -19.38
CA ALA C 213 1.49 -38.12 -19.59
C ALA C 213 1.41 -36.80 -18.82
N PHE C 214 0.21 -36.23 -18.74
CA PHE C 214 0.04 -34.98 -18.02
C PHE C 214 0.32 -35.18 -16.53
N ALA C 215 -0.20 -36.27 -15.98
CA ALA C 215 -0.06 -36.58 -14.57
C ALA C 215 1.29 -37.12 -14.10
N GLU C 216 1.94 -37.94 -14.92
CA GLU C 216 3.20 -38.54 -14.52
C GLU C 216 4.47 -37.80 -14.91
N THR C 217 4.37 -36.85 -15.83
CA THR C 217 5.54 -36.10 -16.25
C THR C 217 5.87 -34.99 -15.25
N HIS C 218 7.07 -35.01 -14.68
CA HIS C 218 7.46 -33.96 -13.76
C HIS C 218 7.68 -32.76 -14.67
N SER C 219 6.74 -31.83 -14.64
CA SER C 219 6.78 -30.66 -15.51
C SER C 219 7.79 -29.57 -15.18
N LEU C 220 8.61 -29.23 -16.16
CA LEU C 220 9.59 -28.16 -15.99
C LEU C 220 9.04 -26.97 -16.78
N ALA C 221 7.97 -27.23 -17.53
CA ALA C 221 7.28 -26.22 -18.33
C ALA C 221 6.08 -26.89 -19.00
N LEU C 222 5.01 -26.13 -19.21
CA LEU C 222 3.83 -26.70 -19.85
C LEU C 222 4.23 -27.25 -21.22
N GLN C 223 5.15 -26.56 -21.90
CA GLN C 223 5.64 -26.96 -23.20
C GLN C 223 6.17 -28.39 -23.17
N GLN C 224 6.95 -28.70 -22.13
CA GLN C 224 7.54 -30.04 -21.99
C GLN C 224 6.45 -31.07 -21.73
N THR C 225 5.47 -30.70 -20.91
CA THR C 225 4.36 -31.60 -20.61
C THR C 225 3.55 -31.88 -21.87
N MET C 226 3.32 -30.84 -22.66
CA MET C 226 2.56 -30.98 -23.89
C MET C 226 3.30 -31.88 -24.87
N TYR C 227 4.61 -31.71 -24.94
CA TYR C 227 5.44 -32.52 -25.83
C TYR C 227 5.36 -33.99 -25.44
N GLU C 228 5.44 -34.27 -24.14
CA GLU C 228 5.38 -35.64 -23.68
C GLU C 228 4.03 -36.28 -23.96
N MET C 229 2.96 -35.49 -23.83
CA MET C 229 1.62 -35.99 -24.09
C MET C 229 1.52 -36.40 -25.55
N GLY C 230 1.99 -35.53 -26.44
CA GLY C 230 1.95 -35.83 -27.86
C GLY C 230 2.84 -36.99 -28.24
N ARG C 231 4.05 -37.00 -27.71
CA ARG C 231 5.01 -38.06 -28.00
C ARG C 231 4.40 -39.43 -27.69
N ALA C 232 3.75 -39.52 -26.54
CA ALA C 232 3.12 -40.77 -26.12
C ALA C 232 2.11 -41.27 -27.14
N VAL C 233 1.29 -40.37 -27.66
CA VAL C 233 0.27 -40.73 -28.63
C VAL C 233 0.87 -41.24 -29.95
N ILE C 234 1.81 -40.47 -30.50
CA ILE C 234 2.45 -40.84 -31.76
C ILE C 234 3.13 -42.20 -31.68
N GLU C 235 3.87 -42.42 -30.60
CA GLU C 235 4.59 -43.66 -30.42
C GLU C 235 3.71 -44.89 -30.25
N THR C 236 2.49 -44.68 -29.73
CA THR C 236 1.58 -45.79 -29.48
C THR C 236 0.66 -46.14 -30.64
N HIS C 237 0.24 -45.14 -31.42
CA HIS C 237 -0.68 -45.41 -32.51
C HIS C 237 -0.15 -45.17 -33.92
N PRO C 238 0.13 -46.26 -34.64
CA PRO C 238 0.66 -46.22 -36.02
C PRO C 238 -0.31 -45.50 -36.97
N GLU C 239 -1.59 -45.51 -36.63
CA GLU C 239 -2.60 -44.87 -37.47
C GLU C 239 -2.66 -43.35 -37.34
N ILE C 240 -1.85 -42.78 -36.45
CA ILE C 240 -1.85 -41.32 -36.26
C ILE C 240 -0.55 -40.70 -36.77
N ASP C 241 -0.69 -39.67 -37.61
CA ASP C 241 0.47 -38.99 -38.16
C ASP C 241 0.89 -37.75 -37.40
N GLU C 242 -0.05 -37.14 -36.67
CA GLU C 242 0.27 -35.94 -35.91
C GLU C 242 -0.85 -35.59 -34.95
N ILE C 243 -0.50 -34.89 -33.89
CA ILE C 243 -1.48 -34.47 -32.92
C ILE C 243 -1.17 -33.03 -32.55
N LYS C 244 -2.20 -32.19 -32.53
CA LYS C 244 -2.03 -30.80 -32.18
C LYS C 244 -2.70 -30.55 -30.83
N MET C 245 -2.12 -29.64 -30.05
CA MET C 245 -2.67 -29.31 -28.75
C MET C 245 -2.63 -27.82 -28.48
N SER C 246 -3.68 -27.35 -27.82
CA SER C 246 -3.81 -25.95 -27.45
C SER C 246 -4.11 -26.03 -25.95
N LEU C 247 -3.10 -25.77 -25.13
CA LEU C 247 -3.26 -25.87 -23.68
C LEU C 247 -3.13 -24.57 -22.94
N PRO C 248 -4.22 -24.14 -22.27
CA PRO C 248 -4.10 -22.88 -21.53
C PRO C 248 -3.42 -23.17 -20.20
N ASN C 249 -2.69 -22.20 -19.68
CA ASN C 249 -2.08 -22.37 -18.38
C ASN C 249 -2.98 -21.54 -17.48
N LYS C 250 -3.91 -22.20 -16.80
CA LYS C 250 -4.88 -21.55 -15.92
C LYS C 250 -4.28 -21.27 -14.56
N HIS C 251 -3.88 -20.02 -14.39
CA HIS C 251 -3.21 -19.57 -13.18
C HIS C 251 -3.94 -19.71 -11.86
N HIS C 252 -3.26 -20.38 -10.94
CA HIS C 252 -3.74 -20.57 -9.58
C HIS C 252 -2.65 -19.89 -8.78
N PHE C 253 -2.94 -18.68 -8.31
CA PHE C 253 -1.98 -17.90 -7.55
C PHE C 253 -1.95 -18.24 -6.08
N LEU C 254 -0.75 -18.47 -5.56
CA LEU C 254 -0.58 -18.76 -4.15
C LEU C 254 -0.83 -17.44 -3.43
N VAL C 255 -1.86 -17.39 -2.60
CA VAL C 255 -2.22 -16.17 -1.88
C VAL C 255 -1.22 -15.79 -0.79
N ASP C 256 -0.85 -14.52 -0.76
CA ASP C 256 0.07 -14.05 0.25
C ASP C 256 -0.72 -13.70 1.51
N LEU C 257 -0.54 -14.50 2.56
CA LEU C 257 -1.23 -14.27 3.82
C LEU C 257 -0.28 -13.76 4.89
N GLN C 258 0.96 -13.49 4.51
CA GLN C 258 1.93 -12.99 5.47
C GLN C 258 1.53 -11.65 6.07
N PRO C 259 0.85 -10.80 5.30
CA PRO C 259 0.43 -9.51 5.87
C PRO C 259 -0.44 -9.73 7.11
N PHE C 260 -1.04 -10.93 7.19
CA PHE C 260 -1.91 -11.29 8.29
C PHE C 260 -1.20 -12.16 9.32
N GLY C 261 0.10 -12.36 9.14
CA GLY C 261 0.87 -13.18 10.06
C GLY C 261 0.71 -14.67 9.83
N GLN C 262 0.18 -15.05 8.67
CA GLN C 262 -0.02 -16.46 8.33
C GLN C 262 0.83 -16.86 7.14
N ASP C 263 1.30 -18.10 7.13
CA ASP C 263 2.08 -18.58 6.02
C ASP C 263 1.11 -19.35 5.13
N ASN C 264 1.55 -19.71 3.94
CA ASN C 264 0.70 -20.46 3.02
C ASN C 264 1.57 -21.51 2.34
N PRO C 265 1.69 -22.69 2.97
CA PRO C 265 2.50 -23.78 2.43
C PRO C 265 1.88 -24.46 1.21
N ASN C 266 1.74 -23.68 0.13
CA ASN C 266 1.17 -24.20 -1.12
C ASN C 266 -0.22 -24.81 -0.90
N GLU C 267 -1.06 -24.15 -0.13
CA GLU C 267 -2.40 -24.68 0.15
C GLU C 267 -3.57 -23.80 -0.32
N VAL C 268 -3.47 -22.49 -0.12
CA VAL C 268 -4.54 -21.57 -0.50
C VAL C 268 -4.26 -20.84 -1.81
N PHE C 269 -5.16 -21.04 -2.79
CA PHE C 269 -4.99 -20.43 -4.10
C PHE C 269 -6.19 -19.65 -4.65
N TYR C 270 -5.87 -18.65 -5.47
CA TYR C 270 -6.87 -17.83 -6.15
C TYR C 270 -6.84 -18.30 -7.61
N ALA C 271 -7.97 -18.79 -8.13
CA ALA C 271 -8.01 -19.27 -9.51
C ALA C 271 -8.49 -18.15 -10.42
N ALA C 272 -7.55 -17.52 -11.14
CA ALA C 272 -7.86 -16.43 -12.03
C ALA C 272 -8.47 -16.90 -13.35
N ASP C 273 -9.36 -16.10 -13.91
CA ASP C 273 -10.01 -16.44 -15.18
C ASP C 273 -9.11 -16.01 -16.34
N ARG C 274 -8.89 -14.71 -16.44
CA ARG C 274 -8.06 -14.13 -17.49
C ARG C 274 -7.13 -13.11 -16.87
N PRO C 275 -5.93 -12.93 -17.46
CA PRO C 275 -5.47 -13.62 -18.66
C PRO C 275 -4.96 -15.01 -18.31
N TYR C 276 -4.54 -15.76 -19.33
CA TYR C 276 -4.02 -17.11 -19.13
C TYR C 276 -2.97 -17.40 -20.18
N GLY C 277 -2.03 -18.27 -19.84
CA GLY C 277 -1.00 -18.62 -20.81
C GLY C 277 -1.68 -19.54 -21.81
N LEU C 278 -1.19 -19.57 -23.04
CA LEU C 278 -1.74 -20.43 -24.07
C LEU C 278 -0.59 -21.03 -24.82
N ILE C 279 -0.30 -22.29 -24.53
CA ILE C 279 0.80 -23.02 -25.14
C ILE C 279 0.24 -23.99 -26.19
N GLU C 280 0.72 -23.88 -27.42
CA GLU C 280 0.23 -24.75 -28.49
C GLU C 280 1.38 -25.31 -29.33
N ALA C 281 1.23 -26.57 -29.75
CA ALA C 281 2.24 -27.22 -30.55
C ALA C 281 1.73 -28.44 -31.30
N THR C 282 2.47 -28.82 -32.33
CA THR C 282 2.16 -29.98 -33.14
C THR C 282 3.27 -31.00 -32.95
N ILE C 283 2.91 -32.23 -32.60
CA ILE C 283 3.90 -33.29 -32.45
C ILE C 283 3.62 -34.24 -33.61
N GLN C 284 4.59 -34.35 -34.51
CA GLN C 284 4.43 -35.17 -35.71
C GLN C 284 5.29 -36.43 -35.82
N ARG C 285 4.79 -37.38 -36.60
CA ARG C 285 5.52 -38.60 -36.88
C ARG C 285 6.56 -38.08 -37.87
N GLU C 286 7.83 -38.40 -37.62
CA GLU C 286 8.89 -37.93 -38.51
C GLU C 286 8.63 -38.26 -39.98
N GLY C 287 8.73 -37.26 -40.84
CA GLY C 287 8.52 -37.47 -42.26
C GLY C 287 7.10 -37.25 -42.76
N SER C 288 6.13 -37.21 -41.84
CA SER C 288 4.75 -37.02 -42.24
C SER C 288 4.51 -35.63 -42.86
N ARG C 289 3.37 -35.45 -43.49
CA ARG C 289 3.03 -34.20 -44.14
C ARG C 289 3.16 -33.02 -43.16
N ALA C 290 3.77 -31.94 -43.64
CA ALA C 290 4.00 -30.76 -42.81
C ALA C 290 2.77 -29.90 -42.54
N ASP C 291 1.94 -29.69 -43.56
CA ASP C 291 0.76 -28.86 -43.39
C ASP C 291 -0.46 -29.33 -44.18
N HIS C 292 -1.12 -30.37 -43.68
CA HIS C 292 -2.30 -30.90 -44.33
C HIS C 292 -3.37 -29.82 -44.37
N PRO C 293 -4.07 -29.68 -45.51
CA PRO C 293 -5.12 -28.66 -45.65
C PRO C 293 -6.30 -28.75 -44.66
N ILE C 294 -6.55 -29.93 -44.09
CA ILE C 294 -7.67 -30.08 -43.15
C ILE C 294 -7.54 -29.17 -41.93
N TRP C 295 -6.30 -28.77 -41.61
CA TRP C 295 -6.06 -27.91 -40.45
C TRP C 295 -6.46 -26.46 -40.67
N SER C 296 -6.56 -26.04 -41.92
CA SER C 296 -6.93 -24.65 -42.20
C SER C 296 -8.43 -24.42 -42.39
N ASN C 297 -9.17 -25.48 -42.70
CA ASN C 297 -10.62 -25.37 -42.90
C ASN C 297 -10.92 -24.50 -44.13
N THR D 11 -42.25 11.78 -3.27
CA THR D 11 -41.79 12.86 -2.36
C THR D 11 -40.82 12.31 -1.30
N LYS D 12 -41.26 11.29 -0.57
CA LYS D 12 -40.43 10.68 0.48
C LYS D 12 -39.83 9.38 0.00
N VAL D 13 -38.50 9.37 -0.17
CA VAL D 13 -37.78 8.19 -0.63
C VAL D 13 -37.15 7.48 0.57
N VAL D 14 -37.21 6.15 0.57
CA VAL D 14 -36.67 5.35 1.66
C VAL D 14 -35.77 4.22 1.16
N LEU D 15 -34.70 3.96 1.90
CA LEU D 15 -33.79 2.88 1.56
C LEU D 15 -34.40 1.62 2.17
N GLY D 16 -34.68 0.62 1.33
CA GLY D 16 -35.27 -0.60 1.83
C GLY D 16 -34.22 -1.68 2.01
N GLN D 17 -34.59 -2.92 1.69
CA GLN D 17 -33.69 -4.05 1.80
C GLN D 17 -32.42 -3.76 1.01
N ASN D 18 -31.28 -4.19 1.53
CA ASN D 18 -30.00 -3.98 0.85
C ASN D 18 -28.95 -4.92 1.42
N GLN D 19 -27.95 -5.22 0.61
CA GLN D 19 -26.85 -6.11 0.99
C GLN D 19 -25.71 -5.84 0.02
N TYR D 20 -24.48 -6.14 0.42
CA TYR D 20 -23.34 -5.90 -0.47
C TYR D 20 -22.15 -6.77 -0.04
N GLY D 21 -21.24 -7.04 -0.97
CA GLY D 21 -20.08 -7.84 -0.63
C GLY D 21 -19.28 -8.22 -1.86
N LYS D 22 -18.45 -9.25 -1.73
CA LYS D 22 -17.65 -9.70 -2.86
C LYS D 22 -18.25 -10.97 -3.42
N ALA D 23 -18.54 -10.96 -4.72
CA ALA D 23 -19.11 -12.14 -5.35
C ALA D 23 -18.11 -12.90 -6.22
N GLU D 24 -18.33 -14.21 -6.29
CA GLU D 24 -17.51 -15.13 -7.07
C GLU D 24 -16.01 -15.09 -6.79
N VAL D 25 -15.65 -15.33 -5.53
CA VAL D 25 -14.26 -15.39 -5.13
C VAL D 25 -13.86 -16.86 -5.36
N ARG D 26 -12.99 -17.08 -6.34
CA ARG D 26 -12.55 -18.44 -6.68
C ARG D 26 -11.43 -18.90 -5.77
N LEU D 27 -11.72 -19.93 -5.00
CA LEU D 27 -10.80 -20.48 -4.03
C LEU D 27 -10.50 -21.94 -4.32
N VAL D 28 -9.22 -22.29 -4.30
CA VAL D 28 -8.82 -23.67 -4.46
C VAL D 28 -7.95 -23.96 -3.26
N LYS D 29 -8.41 -24.85 -2.41
CA LYS D 29 -7.68 -25.22 -1.22
C LYS D 29 -7.10 -26.61 -1.41
N VAL D 30 -5.79 -26.70 -1.36
CA VAL D 30 -5.11 -27.98 -1.51
C VAL D 30 -4.73 -28.48 -0.12
N THR D 31 -4.98 -29.76 0.13
CA THR D 31 -4.60 -30.36 1.41
C THR D 31 -3.40 -31.25 1.12
N ARG D 32 -2.25 -30.88 1.63
CA ARG D 32 -1.04 -31.67 1.38
C ARG D 32 -0.22 -31.95 2.63
N ASN D 33 -0.89 -32.41 3.67
CA ASN D 33 -0.24 -32.77 4.93
C ASN D 33 0.66 -33.95 4.60
N THR D 34 0.11 -34.86 3.80
CA THR D 34 0.81 -36.06 3.37
C THR D 34 0.96 -36.07 1.84
N ALA D 35 1.45 -37.17 1.30
CA ALA D 35 1.62 -37.29 -0.14
C ALA D 35 0.28 -37.36 -0.88
N ARG D 36 -0.77 -37.74 -0.16
CA ARG D 36 -2.10 -37.85 -0.76
C ARG D 36 -2.83 -36.51 -0.74
N HIS D 37 -2.60 -35.69 -1.76
CA HIS D 37 -3.23 -34.37 -1.84
C HIS D 37 -4.74 -34.43 -2.04
N GLU D 38 -5.44 -33.47 -1.42
CA GLU D 38 -6.89 -33.38 -1.56
C GLU D 38 -7.17 -32.01 -2.18
N ILE D 39 -8.28 -31.90 -2.90
CA ILE D 39 -8.64 -30.65 -3.54
C ILE D 39 -10.07 -30.23 -3.19
N GLN D 40 -10.22 -28.95 -2.84
CA GLN D 40 -11.53 -28.38 -2.54
C GLN D 40 -11.54 -27.15 -3.45
N ASP D 41 -12.58 -27.03 -4.27
CA ASP D 41 -12.68 -25.94 -5.25
C ASP D 41 -14.01 -25.23 -5.07
N LEU D 42 -13.96 -23.97 -4.67
CA LEU D 42 -15.17 -23.21 -4.42
C LEU D 42 -15.28 -21.89 -5.17
N ASN D 43 -16.52 -21.43 -5.34
CA ASN D 43 -16.82 -20.14 -5.94
C ASN D 43 -17.66 -19.51 -4.83
N VAL D 44 -17.03 -18.65 -4.04
CA VAL D 44 -17.66 -18.02 -2.88
C VAL D 44 -18.16 -16.59 -3.04
N THR D 45 -19.35 -16.34 -2.51
CA THR D 45 -19.94 -15.01 -2.53
C THR D 45 -20.33 -14.64 -1.10
N SER D 46 -19.89 -13.46 -0.67
CA SER D 46 -20.15 -12.95 0.67
C SER D 46 -20.84 -11.60 0.60
N GLN D 47 -21.99 -11.47 1.27
CA GLN D 47 -22.73 -10.21 1.30
C GLN D 47 -23.28 -9.93 2.70
N LEU D 48 -23.14 -8.68 3.16
CA LEU D 48 -23.58 -8.29 4.49
C LEU D 48 -24.88 -7.49 4.53
N ARG D 49 -25.58 -7.60 5.65
CA ARG D 49 -26.81 -6.88 5.88
C ARG D 49 -26.70 -6.22 7.24
N GLY D 50 -27.33 -5.06 7.38
CA GLY D 50 -27.27 -4.34 8.65
C GLY D 50 -27.61 -2.89 8.41
N ASP D 51 -27.00 -2.01 9.18
CA ASP D 51 -27.25 -0.57 9.07
C ASP D 51 -26.26 0.14 8.13
N PHE D 52 -26.65 0.27 6.87
CA PHE D 52 -25.82 0.92 5.86
C PHE D 52 -26.55 2.13 5.30
N GLU D 53 -27.37 2.75 6.15
CA GLU D 53 -28.15 3.92 5.78
C GLU D 53 -27.28 5.08 5.30
N ALA D 54 -26.35 5.54 6.13
CA ALA D 54 -25.48 6.66 5.80
C ALA D 54 -24.60 6.40 4.57
N ALA D 55 -24.18 5.15 4.39
CA ALA D 55 -23.35 4.80 3.24
C ALA D 55 -24.11 5.12 1.95
N HIS D 56 -25.39 4.79 1.92
CA HIS D 56 -26.21 5.01 0.74
C HIS D 56 -26.67 6.47 0.58
N THR D 57 -27.17 7.04 1.67
CA THR D 57 -27.69 8.40 1.63
C THR D 57 -26.65 9.52 1.71
N ALA D 58 -25.50 9.26 2.33
CA ALA D 58 -24.51 10.31 2.48
C ALA D 58 -23.10 9.96 2.00
N GLY D 59 -22.87 8.70 1.66
CA GLY D 59 -21.55 8.32 1.21
C GLY D 59 -20.58 8.18 2.38
N ASP D 60 -21.12 8.04 3.57
CA ASP D 60 -20.30 7.87 4.77
C ASP D 60 -19.96 6.39 4.83
N ASN D 61 -18.69 6.05 4.61
CA ASN D 61 -18.29 4.64 4.60
C ASN D 61 -17.83 4.00 5.91
N ALA D 62 -18.09 4.67 7.03
CA ALA D 62 -17.68 4.15 8.33
C ALA D 62 -18.19 2.72 8.63
N HIS D 63 -19.37 2.37 8.11
CA HIS D 63 -19.92 1.03 8.36
C HIS D 63 -19.61 0.05 7.25
N VAL D 64 -18.99 0.53 6.17
CA VAL D 64 -18.71 -0.32 5.01
C VAL D 64 -17.43 -1.15 5.05
N VAL D 65 -17.56 -2.39 5.51
CA VAL D 65 -16.44 -3.33 5.53
C VAL D 65 -16.25 -3.54 4.02
N ALA D 66 -15.12 -3.08 3.49
CA ALA D 66 -14.84 -3.17 2.06
C ALA D 66 -15.01 -4.56 1.43
N THR D 67 -15.56 -4.60 0.21
CA THR D 67 -15.74 -5.87 -0.46
C THR D 67 -14.37 -6.53 -0.58
N ASP D 68 -13.32 -5.70 -0.69
CA ASP D 68 -11.96 -6.20 -0.80
C ASP D 68 -11.56 -6.93 0.49
N THR D 69 -12.03 -6.42 1.63
CA THR D 69 -11.73 -7.03 2.92
C THR D 69 -12.46 -8.37 3.04
N GLN D 70 -13.72 -8.39 2.59
CA GLN D 70 -14.50 -9.61 2.63
C GLN D 70 -13.77 -10.68 1.82
N LYS D 71 -13.24 -10.28 0.67
CA LYS D 71 -12.49 -11.19 -0.20
C LYS D 71 -11.26 -11.74 0.55
N ASN D 72 -10.50 -10.86 1.18
CA ASN D 72 -9.30 -11.28 1.94
C ASN D 72 -9.67 -12.25 3.04
N THR D 73 -10.79 -11.98 3.70
CA THR D 73 -11.26 -12.83 4.80
C THR D 73 -11.52 -14.25 4.33
N VAL D 74 -12.09 -14.38 3.13
CA VAL D 74 -12.37 -15.70 2.56
C VAL D 74 -11.06 -16.49 2.45
N TYR D 75 -10.04 -15.88 1.86
CA TYR D 75 -8.76 -16.57 1.70
C TYR D 75 -8.07 -16.83 3.03
N ALA D 76 -8.13 -15.86 3.94
CA ALA D 76 -7.51 -16.02 5.24
C ALA D 76 -8.11 -17.19 6.02
N PHE D 77 -9.43 -17.33 5.97
CA PHE D 77 -10.09 -18.43 6.68
C PHE D 77 -9.82 -19.78 6.01
N ALA D 78 -9.62 -19.78 4.70
CA ALA D 78 -9.37 -21.02 3.96
C ALA D 78 -8.07 -21.68 4.42
N ARG D 79 -7.13 -20.88 4.89
CA ARG D 79 -5.85 -21.38 5.37
C ARG D 79 -6.01 -22.47 6.44
N ASP D 80 -6.97 -22.28 7.33
CA ASP D 80 -7.19 -23.24 8.41
C ASP D 80 -7.88 -24.51 7.96
N GLY D 81 -8.32 -24.54 6.71
CA GLY D 81 -8.99 -25.72 6.21
C GLY D 81 -10.44 -25.73 6.65
N PHE D 82 -11.18 -26.73 6.18
CA PHE D 82 -12.59 -26.88 6.50
C PHE D 82 -13.06 -28.24 5.99
N ALA D 83 -13.91 -28.90 6.77
CA ALA D 83 -14.42 -30.22 6.40
C ALA D 83 -15.42 -30.15 5.26
N THR D 84 -16.37 -29.22 5.34
CA THR D 84 -17.38 -29.08 4.31
C THR D 84 -17.56 -27.62 3.87
N THR D 85 -18.19 -27.44 2.72
CA THR D 85 -18.44 -26.11 2.21
C THR D 85 -19.32 -25.38 3.22
N GLU D 86 -20.35 -26.07 3.73
CA GLU D 86 -21.25 -25.47 4.70
C GLU D 86 -20.52 -24.98 5.94
N GLU D 87 -19.56 -25.76 6.42
CA GLU D 87 -18.78 -25.39 7.59
C GLU D 87 -18.01 -24.10 7.33
N PHE D 88 -17.42 -24.01 6.13
CA PHE D 88 -16.66 -22.83 5.75
C PHE D 88 -17.58 -21.60 5.78
N LEU D 89 -18.76 -21.71 5.17
CA LEU D 89 -19.71 -20.59 5.12
C LEU D 89 -20.17 -20.19 6.51
N LEU D 90 -20.40 -21.16 7.39
CA LEU D 90 -20.83 -20.86 8.75
C LEU D 90 -19.79 -20.01 9.46
N ARG D 91 -18.51 -20.32 9.23
CA ARG D 91 -17.44 -19.57 9.86
C ARG D 91 -17.45 -18.11 9.41
N LEU D 92 -17.61 -17.90 8.11
CA LEU D 92 -17.66 -16.54 7.56
C LEU D 92 -18.83 -15.76 8.14
N GLY D 93 -19.99 -16.38 8.14
CA GLY D 93 -21.17 -15.71 8.67
C GLY D 93 -21.00 -15.29 10.12
N LYS D 94 -20.43 -16.19 10.92
CA LYS D 94 -20.20 -15.92 12.34
C LYS D 94 -19.24 -14.74 12.48
N HIS D 95 -18.14 -14.79 11.75
CA HIS D 95 -17.12 -13.74 11.81
C HIS D 95 -17.65 -12.34 11.51
N PHE D 96 -18.37 -12.18 10.40
CA PHE D 96 -18.89 -10.86 10.05
C PHE D 96 -20.01 -10.34 10.95
N THR D 97 -20.94 -11.20 11.34
CA THR D 97 -22.04 -10.76 12.19
C THR D 97 -21.58 -10.38 13.60
N GLU D 98 -20.64 -11.15 14.14
CA GLU D 98 -20.15 -10.88 15.49
C GLU D 98 -19.03 -9.85 15.55
N GLY D 99 -18.29 -9.68 14.45
CA GLY D 99 -17.19 -8.74 14.45
C GLY D 99 -17.52 -7.28 14.25
N PHE D 100 -18.72 -7.01 13.74
CA PHE D 100 -19.14 -5.63 13.49
C PHE D 100 -20.53 -5.47 14.07
N ASP D 101 -20.67 -4.49 14.96
CA ASP D 101 -21.94 -4.26 15.63
C ASP D 101 -23.09 -3.86 14.71
N TRP D 102 -22.80 -3.15 13.64
CA TRP D 102 -23.85 -2.71 12.72
C TRP D 102 -24.20 -3.75 11.66
N VAL D 103 -23.48 -4.87 11.63
CA VAL D 103 -23.78 -5.95 10.70
C VAL D 103 -24.66 -6.92 11.47
N THR D 104 -25.92 -7.03 11.06
CA THR D 104 -26.89 -7.88 11.75
C THR D 104 -27.17 -9.21 11.08
N GLY D 105 -26.67 -9.40 9.86
CA GLY D 105 -26.90 -10.64 9.15
C GLY D 105 -26.19 -10.67 7.81
N GLY D 106 -26.62 -11.57 6.93
CA GLY D 106 -26.00 -11.66 5.62
C GLY D 106 -26.32 -12.94 4.88
N ARG D 107 -25.77 -13.03 3.68
CA ARG D 107 -25.97 -14.19 2.83
C ARG D 107 -24.61 -14.60 2.32
N TRP D 108 -24.21 -15.82 2.64
CA TRP D 108 -22.93 -16.35 2.19
C TRP D 108 -23.26 -17.57 1.34
N ALA D 109 -22.76 -17.59 0.12
CA ALA D 109 -23.03 -18.67 -0.79
C ALA D 109 -21.79 -19.20 -1.47
N ALA D 110 -21.91 -20.42 -2.00
CA ALA D 110 -20.79 -21.03 -2.71
C ALA D 110 -21.22 -22.15 -3.63
N GLN D 111 -20.44 -22.31 -4.70
CA GLN D 111 -20.64 -23.39 -5.65
C GLN D 111 -19.42 -24.27 -5.33
N GLN D 112 -19.61 -25.58 -5.31
CA GLN D 112 -18.51 -26.48 -5.05
C GLN D 112 -18.32 -27.32 -6.30
N PHE D 113 -17.11 -27.31 -6.84
CA PHE D 113 -16.79 -28.06 -8.05
C PHE D 113 -16.05 -29.32 -7.68
N PHE D 114 -16.41 -30.42 -8.35
CA PHE D 114 -15.80 -31.70 -8.07
C PHE D 114 -14.64 -32.11 -8.96
N TRP D 115 -13.68 -32.78 -8.35
CA TRP D 115 -12.52 -33.27 -9.08
C TRP D 115 -12.34 -34.76 -8.79
N ASP D 116 -11.82 -35.50 -9.78
CA ASP D 116 -11.57 -36.92 -9.65
C ASP D 116 -10.07 -37.12 -9.88
N ARG D 117 -9.47 -38.06 -9.16
CA ARG D 117 -8.05 -38.34 -9.33
C ARG D 117 -7.84 -38.96 -10.71
N ILE D 118 -6.69 -38.70 -11.31
CA ILE D 118 -6.35 -39.26 -12.60
C ILE D 118 -5.69 -40.60 -12.30
N ASN D 119 -6.40 -41.69 -12.59
CA ASN D 119 -5.86 -43.03 -12.34
C ASN D 119 -5.35 -43.18 -10.90
N ASP D 120 -6.13 -42.66 -9.96
CA ASP D 120 -5.79 -42.73 -8.54
C ASP D 120 -4.45 -42.05 -8.18
N HIS D 121 -4.06 -41.07 -8.98
CA HIS D 121 -2.81 -40.36 -8.73
C HIS D 121 -2.89 -39.56 -7.42
N ASP D 122 -1.75 -39.42 -6.75
CA ASP D 122 -1.67 -38.70 -5.49
C ASP D 122 -1.91 -37.21 -5.59
N HIS D 123 -1.49 -36.60 -6.71
CA HIS D 123 -1.66 -35.15 -6.88
C HIS D 123 -2.02 -34.67 -8.28
N ALA D 124 -2.73 -35.50 -9.04
CA ALA D 124 -3.16 -35.13 -10.40
C ALA D 124 -4.65 -35.41 -10.51
N PHE D 125 -5.41 -34.42 -10.97
CA PHE D 125 -6.86 -34.57 -11.06
C PHE D 125 -7.49 -34.06 -12.34
N SER D 126 -8.73 -34.51 -12.56
CA SER D 126 -9.51 -34.08 -13.70
C SER D 126 -10.85 -33.65 -13.12
N ARG D 127 -11.41 -32.60 -13.70
CA ARG D 127 -12.67 -32.04 -13.26
C ARG D 127 -13.89 -32.86 -13.66
N ASN D 128 -14.79 -33.07 -12.71
CA ASN D 128 -16.04 -33.78 -12.95
C ASN D 128 -17.04 -32.64 -13.12
N LYS D 129 -17.38 -32.31 -14.37
CA LYS D 129 -18.29 -31.20 -14.67
C LYS D 129 -19.76 -31.59 -14.78
N SER D 130 -20.09 -32.83 -14.46
CA SER D 130 -21.46 -33.31 -14.61
C SER D 130 -22.49 -32.78 -13.61
N GLU D 131 -22.04 -31.96 -12.66
CA GLU D 131 -22.93 -31.37 -11.68
C GLU D 131 -22.16 -30.38 -10.83
N VAL D 132 -22.89 -29.46 -10.21
CA VAL D 132 -22.30 -28.47 -9.35
C VAL D 132 -23.11 -28.46 -8.06
N ARG D 133 -22.42 -28.47 -6.93
CA ARG D 133 -23.09 -28.45 -5.63
C ARG D 133 -23.16 -27.02 -5.13
N THR D 134 -24.24 -26.67 -4.44
CA THR D 134 -24.37 -25.32 -3.93
C THR D 134 -24.73 -25.33 -2.45
N ALA D 135 -24.41 -24.24 -1.79
CA ALA D 135 -24.72 -24.07 -0.38
C ALA D 135 -24.96 -22.59 -0.18
N VAL D 136 -25.96 -22.27 0.64
CA VAL D 136 -26.27 -20.89 0.93
C VAL D 136 -26.61 -20.76 2.40
N LEU D 137 -25.93 -19.83 3.08
CA LEU D 137 -26.17 -19.59 4.50
C LEU D 137 -26.70 -18.18 4.69
N GLU D 138 -27.84 -18.07 5.36
CA GLU D 138 -28.38 -16.75 5.65
C GLU D 138 -28.49 -16.56 7.16
N ILE D 139 -28.02 -15.43 7.64
CA ILE D 139 -28.08 -15.13 9.06
C ILE D 139 -28.92 -13.88 9.22
N SER D 140 -29.80 -13.89 10.22
CA SER D 140 -30.65 -12.75 10.52
C SER D 140 -30.78 -12.68 12.03
N GLY D 141 -30.16 -11.68 12.63
CA GLY D 141 -30.23 -11.55 14.07
C GLY D 141 -29.59 -12.78 14.69
N SER D 142 -30.34 -13.49 15.52
CA SER D 142 -29.80 -14.68 16.16
C SER D 142 -30.16 -15.98 15.46
N GLU D 143 -30.81 -15.90 14.30
CA GLU D 143 -31.19 -17.11 13.59
C GLU D 143 -30.41 -17.31 12.28
N GLN D 144 -30.20 -18.57 11.92
CA GLN D 144 -29.49 -18.87 10.69
C GLN D 144 -30.12 -20.06 9.98
N ALA D 145 -30.03 -20.06 8.66
CA ALA D 145 -30.60 -21.12 7.85
C ALA D 145 -29.65 -21.50 6.72
N ILE D 146 -29.65 -22.77 6.38
CA ILE D 146 -28.79 -23.30 5.33
C ILE D 146 -29.60 -24.02 4.25
N VAL D 147 -29.32 -23.67 3.00
CA VAL D 147 -29.99 -24.30 1.87
C VAL D 147 -28.88 -24.91 1.02
N ALA D 148 -28.99 -26.21 0.77
CA ALA D 148 -28.02 -26.91 -0.06
C ALA D 148 -28.71 -27.23 -1.39
N GLY D 149 -27.92 -27.44 -2.42
CA GLY D 149 -28.52 -27.74 -3.70
C GLY D 149 -27.58 -28.38 -4.69
N ILE D 150 -28.15 -28.74 -5.83
CA ILE D 150 -27.40 -29.35 -6.91
C ILE D 150 -27.96 -28.72 -8.19
N GLU D 151 -27.10 -28.55 -9.18
CA GLU D 151 -27.53 -27.95 -10.44
C GLU D 151 -26.63 -28.45 -11.55
N GLY D 152 -27.08 -28.31 -12.78
CA GLY D 152 -26.29 -28.74 -13.92
C GLY D 152 -26.23 -30.23 -14.19
N LEU D 153 -27.05 -31.00 -13.49
CA LEU D 153 -27.09 -32.45 -13.66
C LEU D 153 -28.15 -32.82 -14.70
N THR D 154 -27.71 -33.00 -15.94
CA THR D 154 -28.59 -33.33 -17.04
C THR D 154 -28.94 -34.82 -17.08
N VAL D 155 -30.23 -35.12 -17.19
CA VAL D 155 -30.69 -36.50 -17.22
C VAL D 155 -31.69 -36.73 -18.34
N LEU D 156 -31.83 -38.00 -18.74
CA LEU D 156 -32.74 -38.36 -19.83
C LEU D 156 -33.23 -39.80 -19.73
N LYS D 157 -34.52 -39.99 -20.04
CA LYS D 157 -35.15 -41.31 -20.06
C LYS D 157 -35.54 -41.50 -21.52
N SER D 158 -35.13 -42.60 -22.13
CA SER D 158 -35.45 -42.85 -23.53
C SER D 158 -36.86 -43.39 -23.72
N THR D 159 -37.47 -43.83 -22.61
CA THR D 159 -38.83 -44.34 -22.61
C THR D 159 -39.29 -44.30 -21.16
N GLY D 160 -40.52 -44.73 -20.88
CA GLY D 160 -41.00 -44.69 -19.52
C GLY D 160 -41.56 -43.31 -19.20
N SER D 161 -42.05 -42.63 -20.24
CA SER D 161 -42.65 -41.31 -20.07
C SER D 161 -43.84 -41.16 -21.00
N GLU D 162 -44.93 -40.66 -20.46
CA GLU D 162 -46.16 -40.44 -21.22
C GLU D 162 -46.71 -39.05 -20.93
N PHE D 163 -47.60 -38.60 -21.80
CA PHE D 163 -48.28 -37.34 -21.59
C PHE D 163 -49.56 -37.35 -22.40
N HIS D 164 -50.68 -37.58 -21.71
CA HIS D 164 -51.98 -37.63 -22.35
C HIS D 164 -53.04 -37.23 -21.33
N GLY D 165 -54.26 -37.03 -21.80
CA GLY D 165 -55.34 -36.66 -20.90
C GLY D 165 -55.39 -35.17 -20.59
N PHE D 166 -54.60 -34.35 -21.30
CA PHE D 166 -54.65 -32.91 -21.06
C PHE D 166 -55.84 -32.32 -21.81
N PRO D 167 -56.38 -31.18 -21.33
CA PRO D 167 -57.52 -30.54 -21.99
C PRO D 167 -57.17 -29.96 -23.36
N ARG D 168 -58.19 -29.74 -24.19
CA ARG D 168 -57.95 -29.20 -25.52
C ARG D 168 -58.78 -27.93 -25.77
N ASP D 169 -58.12 -26.88 -26.24
CA ASP D 169 -58.82 -25.65 -26.58
C ASP D 169 -58.45 -25.33 -28.02
N LYS D 170 -58.87 -24.18 -28.53
CA LYS D 170 -58.58 -23.84 -29.93
C LYS D 170 -57.10 -23.67 -30.26
N TYR D 171 -56.27 -23.52 -29.23
CA TYR D 171 -54.84 -23.33 -29.44
C TYR D 171 -54.06 -24.61 -29.18
N THR D 172 -54.76 -25.70 -28.97
CA THR D 172 -54.12 -27.00 -28.70
C THR D 172 -53.91 -27.84 -29.97
N THR D 173 -52.67 -28.23 -30.22
CA THR D 173 -52.32 -29.05 -31.37
C THR D 173 -51.48 -30.25 -30.96
N LEU D 174 -51.00 -30.26 -29.73
CA LEU D 174 -50.17 -31.37 -29.22
C LEU D 174 -50.91 -32.70 -29.30
N GLN D 175 -50.20 -33.74 -29.70
CA GLN D 175 -50.80 -35.07 -29.80
C GLN D 175 -50.44 -35.87 -28.56
N GLU D 176 -51.39 -36.66 -28.05
CA GLU D 176 -51.14 -37.47 -26.86
C GLU D 176 -50.10 -38.52 -27.19
N THR D 177 -49.44 -39.03 -26.15
CA THR D 177 -48.41 -40.03 -26.34
C THR D 177 -48.25 -40.90 -25.09
N THR D 178 -47.82 -42.13 -25.30
CA THR D 178 -47.59 -43.06 -24.21
C THR D 178 -46.11 -43.44 -24.21
N ASP D 179 -45.36 -42.88 -25.16
CA ASP D 179 -43.93 -43.18 -25.26
C ASP D 179 -43.16 -42.00 -25.83
N ARG D 180 -42.46 -41.26 -24.98
CA ARG D 180 -41.68 -40.12 -25.42
C ARG D 180 -40.39 -40.04 -24.60
N ILE D 181 -39.47 -39.20 -25.03
CA ILE D 181 -38.23 -39.04 -24.28
C ILE D 181 -38.55 -37.98 -23.22
N LEU D 182 -38.00 -38.15 -22.03
CA LEU D 182 -38.17 -37.19 -20.94
C LEU D 182 -36.76 -36.79 -20.55
N ALA D 183 -36.39 -35.54 -20.83
CA ALA D 183 -35.06 -35.03 -20.53
C ALA D 183 -35.13 -33.69 -19.79
N THR D 184 -34.30 -33.56 -18.76
CA THR D 184 -34.28 -32.33 -17.98
C THR D 184 -32.92 -32.07 -17.35
N ASP D 185 -32.81 -30.91 -16.71
CA ASP D 185 -31.62 -30.51 -15.97
C ASP D 185 -32.10 -30.46 -14.54
N VAL D 186 -31.51 -31.30 -13.68
CA VAL D 186 -31.92 -31.33 -12.29
C VAL D 186 -31.38 -30.15 -11.50
N SER D 187 -32.29 -29.25 -11.11
CA SER D 187 -31.95 -28.09 -10.32
C SER D 187 -32.81 -28.20 -9.07
N ALA D 188 -32.19 -28.52 -7.95
CA ALA D 188 -32.93 -28.69 -6.71
C ALA D 188 -32.21 -28.05 -5.54
N ARG D 189 -33.01 -27.48 -4.65
CA ARG D 189 -32.49 -26.84 -3.46
C ARG D 189 -33.36 -27.25 -2.29
N TRP D 190 -32.73 -27.60 -1.17
CA TRP D 190 -33.45 -28.03 0.01
C TRP D 190 -32.97 -27.31 1.27
N ARG D 191 -33.92 -26.97 2.14
CA ARG D 191 -33.61 -26.25 3.37
C ARG D 191 -33.55 -27.18 4.58
N TYR D 192 -32.46 -27.08 5.34
CA TYR D 192 -32.26 -27.89 6.53
C TYR D 192 -32.97 -27.20 7.70
N ASN D 193 -33.53 -28.01 8.61
CA ASN D 193 -34.22 -27.46 9.76
C ASN D 193 -33.32 -27.47 10.99
N THR D 194 -32.01 -27.58 10.75
CA THR D 194 -31.01 -27.60 11.80
C THR D 194 -29.63 -27.54 11.13
N VAL D 195 -28.64 -26.97 11.81
CA VAL D 195 -27.30 -26.91 11.24
C VAL D 195 -26.51 -28.15 11.60
N GLU D 196 -27.04 -28.95 12.53
CA GLU D 196 -26.37 -30.18 12.92
C GLU D 196 -26.74 -31.24 11.89
N VAL D 197 -26.00 -31.25 10.79
CA VAL D 197 -26.22 -32.18 9.69
C VAL D 197 -24.91 -32.70 9.11
N ASP D 198 -24.91 -33.93 8.62
CA ASP D 198 -23.72 -34.50 7.98
C ASP D 198 -23.85 -34.06 6.51
N PHE D 199 -23.57 -32.78 6.27
CA PHE D 199 -23.69 -32.17 4.95
C PHE D 199 -23.26 -32.99 3.73
N ASP D 200 -22.06 -33.56 3.76
CA ASP D 200 -21.60 -34.35 2.64
C ASP D 200 -22.41 -35.63 2.44
N ALA D 201 -22.80 -36.28 3.54
CA ALA D 201 -23.57 -37.51 3.45
C ALA D 201 -25.00 -37.24 2.97
N VAL D 202 -25.60 -36.14 3.41
CA VAL D 202 -26.96 -35.84 2.99
C VAL D 202 -26.95 -35.44 1.52
N TYR D 203 -25.94 -34.68 1.10
CA TYR D 203 -25.86 -34.28 -0.29
C TYR D 203 -25.80 -35.52 -1.20
N ALA D 204 -24.91 -36.45 -0.88
CA ALA D 204 -24.76 -37.67 -1.69
C ALA D 204 -26.05 -38.49 -1.71
N SER D 205 -26.75 -38.51 -0.59
CA SER D 205 -28.00 -39.26 -0.49
C SER D 205 -29.09 -38.59 -1.34
N VAL D 206 -29.27 -37.29 -1.13
CA VAL D 206 -30.28 -36.54 -1.88
C VAL D 206 -30.06 -36.71 -3.37
N ARG D 207 -28.82 -36.52 -3.81
CA ARG D 207 -28.48 -36.67 -5.21
C ARG D 207 -28.97 -38.03 -5.70
N GLY D 208 -28.65 -39.07 -4.93
CA GLY D 208 -29.05 -40.42 -5.29
C GLY D 208 -30.56 -40.59 -5.34
N LEU D 209 -31.26 -40.02 -4.37
CA LEU D 209 -32.71 -40.12 -4.30
C LEU D 209 -33.37 -39.46 -5.52
N LEU D 210 -32.89 -38.28 -5.89
CA LEU D 210 -33.44 -37.55 -7.03
C LEU D 210 -33.28 -38.34 -8.31
N LEU D 211 -32.08 -38.92 -8.51
CA LEU D 211 -31.79 -39.71 -9.69
C LEU D 211 -32.63 -40.99 -9.74
N LYS D 212 -32.80 -41.64 -8.59
CA LYS D 212 -33.58 -42.87 -8.51
C LYS D 212 -35.04 -42.62 -8.84
N ALA D 213 -35.61 -41.57 -8.25
CA ALA D 213 -37.01 -41.25 -8.49
C ALA D 213 -37.21 -40.86 -9.94
N PHE D 214 -36.24 -40.15 -10.52
CA PHE D 214 -36.36 -39.74 -11.92
C PHE D 214 -36.38 -40.95 -12.85
N ALA D 215 -35.38 -41.80 -12.71
CA ALA D 215 -35.26 -42.97 -13.55
C ALA D 215 -36.33 -44.04 -13.32
N GLU D 216 -36.70 -44.24 -12.07
CA GLU D 216 -37.68 -45.30 -11.76
C GLU D 216 -39.16 -44.96 -11.76
N THR D 217 -39.49 -43.68 -11.82
CA THR D 217 -40.90 -43.30 -11.85
C THR D 217 -41.41 -43.37 -13.28
N HIS D 218 -42.46 -44.14 -13.51
CA HIS D 218 -43.06 -44.23 -14.83
C HIS D 218 -43.80 -42.89 -14.91
N SER D 219 -43.26 -41.96 -15.68
CA SER D 219 -43.83 -40.63 -15.76
C SER D 219 -45.07 -40.42 -16.62
N LEU D 220 -46.08 -39.80 -16.02
CA LEU D 220 -47.32 -39.48 -16.71
C LEU D 220 -47.34 -37.98 -16.93
N ALA D 221 -46.30 -37.31 -16.41
CA ALA D 221 -46.13 -35.86 -16.53
C ALA D 221 -44.84 -35.47 -15.82
N LEU D 222 -44.23 -34.35 -16.24
CA LEU D 222 -42.99 -33.91 -15.61
C LEU D 222 -43.34 -33.50 -14.17
N GLN D 223 -44.53 -32.96 -13.99
CA GLN D 223 -44.99 -32.54 -12.67
C GLN D 223 -45.01 -33.74 -11.70
N GLN D 224 -45.45 -34.89 -12.20
CA GLN D 224 -45.53 -36.11 -11.39
C GLN D 224 -44.14 -36.64 -11.03
N THR D 225 -43.25 -36.68 -12.01
CA THR D 225 -41.88 -37.14 -11.73
C THR D 225 -41.25 -36.25 -10.68
N MET D 226 -41.42 -34.94 -10.84
CA MET D 226 -40.85 -33.98 -9.88
C MET D 226 -41.40 -34.22 -8.49
N TYR D 227 -42.71 -34.43 -8.39
CA TYR D 227 -43.33 -34.67 -7.09
C TYR D 227 -42.68 -35.90 -6.42
N GLU D 228 -42.51 -36.97 -7.17
CA GLU D 228 -41.91 -38.19 -6.61
C GLU D 228 -40.48 -37.96 -6.17
N MET D 229 -39.73 -37.19 -6.94
CA MET D 229 -38.36 -36.89 -6.61
C MET D 229 -38.32 -36.15 -5.27
N GLY D 230 -39.18 -35.14 -5.14
CA GLY D 230 -39.21 -34.37 -3.91
C GLY D 230 -39.69 -35.19 -2.72
N ARG D 231 -40.69 -36.03 -2.95
CA ARG D 231 -41.24 -36.85 -1.88
C ARG D 231 -40.19 -37.80 -1.32
N ALA D 232 -39.39 -38.41 -2.20
CA ALA D 232 -38.35 -39.33 -1.76
C ALA D 232 -37.39 -38.64 -0.78
N VAL D 233 -37.03 -37.41 -1.09
CA VAL D 233 -36.10 -36.64 -0.25
C VAL D 233 -36.69 -36.31 1.12
N ILE D 234 -37.89 -35.74 1.16
CA ILE D 234 -38.53 -35.39 2.41
C ILE D 234 -38.75 -36.62 3.30
N GLU D 235 -39.20 -37.71 2.68
CA GLU D 235 -39.46 -38.94 3.41
C GLU D 235 -38.20 -39.59 3.99
N THR D 236 -37.06 -39.36 3.34
CA THR D 236 -35.82 -39.97 3.78
C THR D 236 -34.97 -39.16 4.78
N HIS D 237 -34.98 -37.84 4.65
CA HIS D 237 -34.19 -37.00 5.55
C HIS D 237 -35.00 -36.09 6.47
N PRO D 238 -35.03 -36.43 7.77
CA PRO D 238 -35.76 -35.66 8.79
C PRO D 238 -35.26 -34.23 8.90
N GLU D 239 -33.97 -34.02 8.64
CA GLU D 239 -33.39 -32.69 8.75
C GLU D 239 -33.78 -31.73 7.63
N ILE D 240 -34.54 -32.22 6.65
CA ILE D 240 -34.98 -31.39 5.55
C ILE D 240 -36.47 -31.07 5.63
N ASP D 241 -36.79 -29.79 5.69
CA ASP D 241 -38.17 -29.32 5.78
C ASP D 241 -38.85 -29.16 4.42
N GLU D 242 -38.07 -28.83 3.40
CA GLU D 242 -38.64 -28.65 2.08
C GLU D 242 -37.57 -28.70 1.00
N ILE D 243 -38.01 -28.93 -0.22
CA ILE D 243 -37.11 -28.99 -1.34
C ILE D 243 -37.81 -28.32 -2.51
N LYS D 244 -37.11 -27.42 -3.18
CA LYS D 244 -37.66 -26.71 -4.33
C LYS D 244 -36.94 -27.20 -5.57
N MET D 245 -37.70 -27.48 -6.62
CA MET D 245 -37.13 -27.94 -7.87
C MET D 245 -37.60 -27.12 -9.06
N SER D 246 -36.71 -26.98 -10.03
CA SER D 246 -37.00 -26.24 -11.26
C SER D 246 -36.49 -27.14 -12.38
N LEU D 247 -37.40 -27.83 -13.04
CA LEU D 247 -37.04 -28.75 -14.11
C LEU D 247 -37.52 -28.36 -15.49
N PRO D 248 -36.59 -28.11 -16.42
CA PRO D 248 -37.03 -27.73 -17.77
C PRO D 248 -37.35 -29.03 -18.52
N ASN D 249 -38.23 -28.96 -19.51
CA ASN D 249 -38.54 -30.15 -20.29
C ASN D 249 -37.79 -29.95 -21.60
N LYS D 250 -36.61 -30.54 -21.71
CA LYS D 250 -35.76 -30.43 -22.90
C LYS D 250 -36.35 -31.24 -24.03
N HIS D 251 -37.05 -30.58 -24.94
CA HIS D 251 -37.70 -31.29 -26.02
C HIS D 251 -36.81 -32.03 -27.00
N HIS D 252 -37.15 -33.30 -27.19
CA HIS D 252 -36.46 -34.17 -28.13
C HIS D 252 -37.58 -34.63 -29.05
N PHE D 253 -37.68 -33.96 -30.20
CA PHE D 253 -38.73 -34.26 -31.17
C PHE D 253 -38.42 -35.46 -32.05
N LEU D 254 -39.39 -36.36 -32.14
CA LEU D 254 -39.26 -37.55 -32.98
C LEU D 254 -39.32 -36.99 -34.40
N VAL D 255 -38.23 -37.08 -35.14
CA VAL D 255 -38.20 -36.55 -36.49
C VAL D 255 -39.08 -37.32 -37.45
N ASP D 256 -39.78 -36.59 -38.32
CA ASP D 256 -40.67 -37.19 -39.31
C ASP D 256 -39.81 -37.61 -40.48
N LEU D 257 -39.67 -38.92 -40.68
CA LEU D 257 -38.86 -39.43 -41.78
C LEU D 257 -39.68 -39.93 -42.96
N GLN D 258 -41.00 -39.97 -42.80
CA GLN D 258 -41.87 -40.43 -43.89
C GLN D 258 -41.61 -39.68 -45.20
N PRO D 259 -41.22 -38.40 -45.13
CA PRO D 259 -40.98 -37.71 -46.41
C PRO D 259 -39.80 -38.33 -47.16
N PHE D 260 -39.06 -39.18 -46.46
CA PHE D 260 -37.90 -39.83 -47.06
C PHE D 260 -38.13 -41.33 -47.22
N GLY D 261 -39.39 -41.73 -47.08
CA GLY D 261 -39.74 -43.14 -47.22
C GLY D 261 -39.39 -44.05 -46.06
N GLN D 262 -39.12 -43.47 -44.89
CA GLN D 262 -38.76 -44.27 -43.72
C GLN D 262 -39.68 -44.02 -42.53
N ASP D 263 -39.75 -44.98 -41.62
CA ASP D 263 -40.55 -44.79 -40.42
C ASP D 263 -39.53 -44.38 -39.35
N ASN D 264 -40.01 -44.05 -38.16
CA ASN D 264 -39.12 -43.66 -37.07
C ASN D 264 -39.65 -44.26 -35.78
N PRO D 265 -39.27 -45.52 -35.48
CA PRO D 265 -39.71 -46.23 -34.28
C PRO D 265 -39.09 -45.71 -32.98
N ASN D 266 -39.32 -44.44 -32.69
CA ASN D 266 -38.79 -43.79 -31.49
C ASN D 266 -37.26 -43.89 -31.43
N GLU D 267 -36.59 -43.66 -32.55
CA GLU D 267 -35.13 -43.75 -32.59
C GLU D 267 -34.36 -42.50 -32.99
N VAL D 268 -34.93 -41.69 -33.88
CA VAL D 268 -34.23 -40.48 -34.33
C VAL D 268 -34.89 -39.21 -33.80
N PHE D 269 -34.12 -38.46 -33.00
CA PHE D 269 -34.66 -37.24 -32.41
C PHE D 269 -33.85 -35.99 -32.68
N TYR D 270 -34.54 -34.85 -32.63
CA TYR D 270 -33.94 -33.54 -32.80
C TYR D 270 -34.01 -32.89 -31.41
N ALA D 271 -32.85 -32.57 -30.84
CA ALA D 271 -32.81 -31.96 -29.50
C ALA D 271 -32.86 -30.44 -29.63
N ALA D 272 -34.05 -29.87 -29.48
CA ALA D 272 -34.23 -28.43 -29.58
C ALA D 272 -33.72 -27.67 -28.36
N ASP D 273 -33.19 -26.47 -28.58
CA ASP D 273 -32.68 -25.63 -27.50
C ASP D 273 -33.82 -24.89 -26.81
N ARG D 274 -34.52 -24.07 -27.57
CA ARG D 274 -35.64 -23.30 -27.04
C ARG D 274 -36.76 -23.36 -28.06
N PRO D 275 -38.02 -23.24 -27.60
CA PRO D 275 -38.36 -23.07 -26.19
C PRO D 275 -38.34 -24.41 -25.45
N TYR D 276 -38.57 -24.36 -24.14
CA TYR D 276 -38.59 -25.57 -23.34
C TYR D 276 -39.63 -25.42 -22.24
N GLY D 277 -40.20 -26.54 -21.83
CA GLY D 277 -41.17 -26.50 -20.76
C GLY D 277 -40.40 -26.20 -19.49
N LEU D 278 -41.04 -25.56 -18.52
CA LEU D 278 -40.40 -25.24 -17.26
C LEU D 278 -41.41 -25.56 -16.17
N ILE D 279 -41.15 -26.65 -15.47
CA ILE D 279 -42.02 -27.15 -14.40
C ILE D 279 -41.33 -26.91 -13.05
N GLU D 280 -41.99 -26.18 -12.17
CA GLU D 280 -41.39 -25.86 -10.87
C GLU D 280 -42.33 -26.11 -9.68
N ALA D 281 -41.76 -26.54 -8.56
CA ALA D 281 -42.56 -26.81 -7.39
C ALA D 281 -41.77 -26.91 -6.11
N THR D 282 -42.48 -26.73 -5.01
CA THR D 282 -41.92 -26.82 -3.67
C THR D 282 -42.61 -28.01 -3.05
N ILE D 283 -41.83 -28.95 -2.54
CA ILE D 283 -42.37 -30.12 -1.88
C ILE D 283 -42.02 -29.90 -0.42
N GLN D 284 -43.03 -29.86 0.45
CA GLN D 284 -42.79 -29.58 1.86
C GLN D 284 -43.24 -30.65 2.85
N ARG D 285 -42.62 -30.61 4.01
CA ARG D 285 -42.93 -31.52 5.12
C ARG D 285 -44.16 -30.91 5.78
N GLU D 286 -45.19 -31.71 5.96
CA GLU D 286 -46.43 -31.25 6.58
C GLU D 286 -46.11 -30.52 7.90
N GLY D 287 -46.52 -29.26 7.99
CA GLY D 287 -46.29 -28.50 9.21
C GLY D 287 -45.13 -27.51 9.18
N SER D 288 -44.15 -27.73 8.31
CA SER D 288 -42.99 -26.85 8.21
C SER D 288 -43.38 -25.42 7.80
N ARG D 289 -42.44 -24.50 7.90
CA ARG D 289 -42.69 -23.11 7.55
C ARG D 289 -43.07 -22.99 6.06
N ALA D 290 -43.96 -22.05 5.77
CA ALA D 290 -44.45 -21.85 4.41
C ALA D 290 -43.59 -20.96 3.51
N ASP D 291 -43.06 -19.86 4.04
CA ASP D 291 -42.25 -18.97 3.24
C ASP D 291 -41.01 -18.43 3.96
N HIS D 292 -40.02 -19.30 4.17
CA HIS D 292 -38.80 -18.90 4.85
C HIS D 292 -38.08 -17.81 4.04
N PRO D 293 -37.64 -16.73 4.71
CA PRO D 293 -36.94 -15.60 4.08
C PRO D 293 -35.72 -15.94 3.21
N ILE D 294 -35.07 -17.08 3.48
CA ILE D 294 -33.90 -17.45 2.71
C ILE D 294 -34.20 -17.62 1.22
N TRP D 295 -35.42 -18.06 0.91
CA TRP D 295 -35.82 -18.27 -0.48
C TRP D 295 -35.99 -16.98 -1.27
N SER D 296 -36.21 -15.87 -0.59
CA SER D 296 -36.44 -14.60 -1.26
C SER D 296 -35.16 -13.83 -1.57
N ASN D 297 -34.37 -13.56 -0.54
CA ASN D 297 -33.12 -12.82 -0.69
C ASN D 297 -33.42 -11.37 -1.09
N THR E 11 7.17 7.78 59.61
CA THR E 11 7.29 8.68 60.79
C THR E 11 8.74 9.08 61.02
N LYS E 12 9.65 8.11 60.89
CA LYS E 12 11.08 8.38 61.08
C LYS E 12 11.84 8.43 59.77
N VAL E 13 12.24 9.63 59.38
CA VAL E 13 12.99 9.85 58.16
C VAL E 13 14.48 9.93 58.46
N VAL E 14 15.30 9.31 57.61
CA VAL E 14 16.74 9.34 57.81
C VAL E 14 17.45 9.74 56.53
N LEU E 15 18.63 10.33 56.69
CA LEU E 15 19.44 10.73 55.56
C LEU E 15 20.29 9.52 55.22
N GLY E 16 20.22 9.05 53.98
CA GLY E 16 21.01 7.91 53.57
C GLY E 16 22.23 8.39 52.81
N GLN E 17 22.64 7.63 51.80
CA GLN E 17 23.79 7.98 51.00
C GLN E 17 23.65 9.41 50.49
N ASN E 18 24.76 10.12 50.41
CA ASN E 18 24.76 11.49 49.93
C ASN E 18 26.17 11.90 49.53
N GLN E 19 26.26 12.82 48.58
CA GLN E 19 27.55 13.31 48.11
C GLN E 19 27.28 14.67 47.47
N TYR E 20 28.27 15.54 47.49
CA TYR E 20 28.09 16.86 46.91
C TYR E 20 29.41 17.48 46.47
N GLY E 21 29.32 18.46 45.57
CA GLY E 21 30.52 19.12 45.11
C GLY E 21 30.28 19.94 43.85
N LYS E 22 31.36 20.19 43.11
CA LYS E 22 31.26 20.98 41.88
C LYS E 22 31.41 20.08 40.66
N ALA E 23 30.44 20.17 39.77
CA ALA E 23 30.43 19.38 38.54
C ALA E 23 30.85 20.18 37.32
N GLU E 24 31.49 19.49 36.38
CA GLU E 24 31.93 20.04 35.10
C GLU E 24 32.75 21.33 35.15
N VAL E 25 33.86 21.25 35.87
CA VAL E 25 34.79 22.36 35.98
C VAL E 25 35.69 22.15 34.77
N ARG E 26 35.56 23.02 33.78
CA ARG E 26 36.36 22.90 32.55
C ARG E 26 37.73 23.53 32.71
N LEU E 27 38.75 22.69 32.60
CA LEU E 27 40.13 23.11 32.75
C LEU E 27 40.99 22.85 31.52
N VAL E 28 41.83 23.82 31.20
CA VAL E 28 42.77 23.70 30.09
C VAL E 28 44.09 24.12 30.71
N LYS E 29 45.06 23.21 30.71
CA LYS E 29 46.37 23.48 31.27
C LYS E 29 47.36 23.50 30.13
N VAL E 30 48.05 24.62 29.96
CA VAL E 30 49.03 24.74 28.90
C VAL E 30 50.42 24.60 29.52
N THR E 31 51.23 23.74 28.93
CA THR E 31 52.60 23.54 29.40
C THR E 31 53.43 24.34 28.41
N ARG E 32 54.08 25.40 28.87
CA ARG E 32 54.88 26.23 27.97
C ARG E 32 56.27 26.59 28.49
N ASN E 33 56.95 25.59 29.05
CA ASN E 33 58.31 25.76 29.55
C ASN E 33 59.20 26.08 28.35
N THR E 34 58.99 25.33 27.28
CA THR E 34 59.74 25.53 26.04
C THR E 34 58.78 26.10 25.01
N ALA E 35 59.26 26.34 23.81
CA ALA E 35 58.43 26.89 22.75
C ALA E 35 57.43 25.83 22.26
N ARG E 36 57.71 24.57 22.58
CA ARG E 36 56.84 23.46 22.19
C ARG E 36 55.72 23.31 23.23
N HIS E 37 54.64 24.08 23.08
CA HIS E 37 53.53 24.01 24.02
C HIS E 37 52.80 22.68 23.99
N GLU E 38 52.27 22.30 25.14
CA GLU E 38 51.50 21.06 25.29
C GLU E 38 50.13 21.48 25.81
N ILE E 39 49.10 20.71 25.47
CA ILE E 39 47.75 21.01 25.91
C ILE E 39 47.08 19.87 26.63
N GLN E 40 46.48 20.17 27.77
CA GLN E 40 45.72 19.20 28.55
C GLN E 40 44.35 19.83 28.76
N ASP E 41 43.31 19.13 28.32
CA ASP E 41 41.95 19.64 28.39
C ASP E 41 41.04 18.67 29.14
N LEU E 42 40.55 19.08 30.32
CA LEU E 42 39.69 18.22 31.12
C LEU E 42 38.36 18.85 31.51
N ASN E 43 37.41 18.00 31.85
CA ASN E 43 36.10 18.40 32.33
C ASN E 43 36.06 17.64 33.66
N VAL E 44 36.27 18.35 34.76
CA VAL E 44 36.34 17.75 36.09
C VAL E 44 35.14 17.92 37.02
N THR E 45 34.83 16.85 37.75
CA THR E 45 33.74 16.87 38.73
C THR E 45 34.29 16.34 40.06
N SER E 46 33.96 17.02 41.15
CA SER E 46 34.43 16.64 42.48
C SER E 46 33.26 16.55 43.43
N GLN E 47 33.14 15.43 44.12
CA GLN E 47 32.07 15.24 45.10
C GLN E 47 32.62 14.58 46.34
N LEU E 48 32.21 15.08 47.49
CA LEU E 48 32.69 14.57 48.77
C LEU E 48 31.66 13.72 49.51
N ARG E 49 32.16 12.78 50.29
CA ARG E 49 31.32 11.89 51.10
C ARG E 49 31.85 11.92 52.52
N GLY E 50 30.95 11.82 53.49
CA GLY E 50 31.36 11.85 54.88
C GLY E 50 30.20 12.18 55.78
N ASP E 51 30.49 12.88 56.88
CA ASP E 51 29.46 13.26 57.83
C ASP E 51 28.90 14.64 57.51
N PHE E 52 27.76 14.67 56.82
CA PHE E 52 27.10 15.92 56.47
C PHE E 52 25.67 15.86 57.00
N GLU E 53 25.52 15.13 58.10
CA GLU E 53 24.21 14.97 58.73
C GLU E 53 23.56 16.30 59.09
N ALA E 54 24.28 17.12 59.87
CA ALA E 54 23.75 18.41 60.31
C ALA E 54 23.51 19.38 59.17
N ALA E 55 24.32 19.29 58.13
CA ALA E 55 24.15 20.15 56.96
C ALA E 55 22.77 19.95 56.36
N HIS E 56 22.35 18.70 56.25
CA HIS E 56 21.05 18.37 55.67
C HIS E 56 19.87 18.62 56.61
N THR E 57 19.99 18.13 57.84
CA THR E 57 18.91 18.26 58.81
C THR E 57 18.76 19.59 59.53
N ALA E 58 19.87 20.29 59.75
CA ALA E 58 19.82 21.56 60.49
C ALA E 58 20.30 22.79 59.72
N GLY E 59 20.96 22.58 58.59
CA GLY E 59 21.44 23.71 57.82
C GLY E 59 22.74 24.25 58.41
N ASP E 60 23.41 23.42 59.20
CA ASP E 60 24.68 23.78 59.82
C ASP E 60 25.78 23.43 58.81
N ASN E 61 26.41 24.44 58.25
CA ASN E 61 27.45 24.22 57.22
C ASN E 61 28.90 24.10 57.68
N ALA E 62 29.12 23.76 58.94
CA ALA E 62 30.49 23.63 59.46
C ALA E 62 31.32 22.60 58.71
N HIS E 63 30.66 21.54 58.25
CA HIS E 63 31.35 20.47 57.52
C HIS E 63 31.28 20.65 56.01
N VAL E 64 30.50 21.63 55.56
CA VAL E 64 30.34 21.85 54.14
C VAL E 64 31.42 22.68 53.46
N VAL E 65 32.39 21.97 52.88
CA VAL E 65 33.45 22.63 52.12
C VAL E 65 32.70 23.10 50.88
N ALA E 66 32.57 24.42 50.73
CA ALA E 66 31.84 24.99 49.59
C ALA E 66 32.20 24.37 48.25
N THR E 67 31.20 24.20 47.38
CA THR E 67 31.47 23.62 46.07
C THR E 67 32.40 24.58 45.33
N ASP E 68 32.32 25.86 45.66
CA ASP E 68 33.17 26.88 45.06
C ASP E 68 34.62 26.61 45.48
N THR E 69 34.79 26.17 46.72
CA THR E 69 36.12 25.87 47.23
C THR E 69 36.70 24.66 46.51
N GLN E 70 35.88 23.65 46.27
CA GLN E 70 36.36 22.45 45.58
C GLN E 70 36.76 22.86 44.16
N LYS E 71 36.00 23.78 43.57
CA LYS E 71 36.30 24.28 42.24
C LYS E 71 37.69 24.90 42.25
N ASN E 72 37.92 25.82 43.19
CA ASN E 72 39.22 26.49 43.29
C ASN E 72 40.38 25.51 43.41
N THR E 73 40.17 24.44 44.19
CA THR E 73 41.21 23.44 44.40
C THR E 73 41.63 22.78 43.09
N VAL E 74 40.67 22.57 42.19
CA VAL E 74 40.96 21.96 40.91
C VAL E 74 41.94 22.84 40.13
N TYR E 75 41.64 24.12 40.05
CA TYR E 75 42.49 25.06 39.32
C TYR E 75 43.83 25.28 40.00
N ALA E 76 43.83 25.32 41.33
CA ALA E 76 45.08 25.51 42.07
C ALA E 76 46.02 24.33 41.82
N PHE E 77 45.48 23.12 41.98
CA PHE E 77 46.30 21.92 41.78
C PHE E 77 46.80 21.78 40.35
N ALA E 78 46.03 22.28 39.40
CA ALA E 78 46.42 22.20 37.99
C ALA E 78 47.71 22.99 37.73
N ARG E 79 47.92 24.05 38.51
CA ARG E 79 49.12 24.89 38.36
C ARG E 79 50.42 24.08 38.44
N ASP E 80 50.42 23.05 39.27
CA ASP E 80 51.61 22.23 39.44
C ASP E 80 51.80 21.26 38.29
N GLY E 81 50.77 21.13 37.45
CA GLY E 81 50.86 20.22 36.33
C GLY E 81 50.58 18.80 36.78
N PHE E 82 50.26 17.93 35.83
CA PHE E 82 49.97 16.54 36.14
C PHE E 82 50.36 15.68 34.95
N ALA E 83 50.85 14.47 35.20
CA ALA E 83 51.26 13.59 34.12
C ALA E 83 50.09 12.96 33.38
N THR E 84 49.07 12.56 34.13
CA THR E 84 47.89 11.93 33.55
C THR E 84 46.64 12.39 34.27
N THR E 85 45.48 12.15 33.66
CA THR E 85 44.22 12.53 34.26
C THR E 85 44.03 11.80 35.58
N GLU E 86 44.39 10.52 35.61
CA GLU E 86 44.25 9.71 36.81
C GLU E 86 45.11 10.23 37.96
N GLU E 87 46.32 10.67 37.64
CA GLU E 87 47.23 11.21 38.65
C GLU E 87 46.61 12.46 39.26
N PHE E 88 45.97 13.27 38.41
CA PHE E 88 45.34 14.49 38.86
C PHE E 88 44.19 14.21 39.82
N LEU E 89 43.33 13.25 39.46
CA LEU E 89 42.21 12.90 40.32
C LEU E 89 42.67 12.32 41.65
N LEU E 90 43.73 11.50 41.62
CA LEU E 90 44.26 10.90 42.84
C LEU E 90 44.69 11.99 43.81
N ARG E 91 45.38 13.01 43.30
CA ARG E 91 45.83 14.11 44.14
C ARG E 91 44.65 14.85 44.76
N LEU E 92 43.57 15.01 43.99
CA LEU E 92 42.38 15.69 44.48
C LEU E 92 41.71 14.87 45.58
N GLY E 93 41.58 13.57 45.33
CA GLY E 93 40.95 12.69 46.30
C GLY E 93 41.70 12.65 47.63
N LYS E 94 43.02 12.54 47.54
CA LYS E 94 43.88 12.51 48.72
C LYS E 94 43.74 13.80 49.50
N HIS E 95 43.74 14.92 48.79
CA HIS E 95 43.62 16.22 49.42
C HIS E 95 42.39 16.37 50.30
N PHE E 96 41.21 16.16 49.73
CA PHE E 96 39.96 16.32 50.48
C PHE E 96 39.77 15.33 51.62
N THR E 97 40.08 14.05 51.39
CA THR E 97 39.90 13.05 52.43
C THR E 97 40.84 13.30 53.62
N GLU E 98 42.10 13.57 53.34
CA GLU E 98 43.06 13.81 54.42
C GLU E 98 42.97 15.22 54.99
N GLY E 99 42.51 16.16 54.18
CA GLY E 99 42.42 17.54 54.65
C GLY E 99 41.23 17.83 55.56
N PHE E 100 40.26 16.92 55.59
CA PHE E 100 39.08 17.13 56.41
C PHE E 100 38.67 15.88 57.18
N ASP E 101 38.63 16.02 58.50
CA ASP E 101 38.28 14.92 59.39
C ASP E 101 36.93 14.24 59.08
N TRP E 102 35.91 15.05 58.77
CA TRP E 102 34.59 14.52 58.47
C TRP E 102 34.44 13.97 57.05
N VAL E 103 35.38 14.28 56.17
CA VAL E 103 35.32 13.77 54.79
C VAL E 103 36.01 12.41 54.77
N THR E 104 35.21 11.36 54.63
CA THR E 104 35.74 10.00 54.62
C THR E 104 35.99 9.41 53.24
N GLY E 105 35.50 10.08 52.20
CA GLY E 105 35.71 9.60 50.86
C GLY E 105 35.12 10.54 49.83
N GLY E 106 34.83 10.00 48.65
CA GLY E 106 34.25 10.83 47.60
C GLY E 106 34.39 10.22 46.22
N ARG E 107 34.00 11.02 45.22
CA ARG E 107 34.07 10.59 43.83
C ARG E 107 34.58 11.74 42.97
N TRP E 108 35.69 11.49 42.28
CA TRP E 108 36.30 12.48 41.42
C TRP E 108 36.36 11.90 40.02
N ALA E 109 35.76 12.61 39.07
CA ALA E 109 35.72 12.14 37.70
C ALA E 109 36.14 13.22 36.72
N ALA E 110 36.51 12.79 35.51
CA ALA E 110 36.93 13.72 34.49
C ALA E 110 36.87 13.11 33.10
N GLN E 111 36.57 13.96 32.14
CA GLN E 111 36.55 13.57 30.74
C GLN E 111 37.80 14.25 30.20
N GLN E 112 38.58 13.53 29.41
CA GLN E 112 39.77 14.12 28.83
C GLN E 112 39.51 14.28 27.34
N PHE E 113 39.71 15.50 26.84
CA PHE E 113 39.49 15.79 25.43
C PHE E 113 40.81 15.80 24.69
N PHE E 114 40.85 15.16 23.53
CA PHE E 114 42.08 15.09 22.75
C PHE E 114 42.29 16.19 21.72
N TRP E 115 43.54 16.64 21.62
CA TRP E 115 43.91 17.68 20.68
C TRP E 115 45.09 17.23 19.84
N ASP E 116 45.14 17.72 18.60
CA ASP E 116 46.25 17.38 17.71
C ASP E 116 46.89 18.68 17.21
N ARG E 117 48.20 18.65 17.01
CA ARG E 117 48.90 19.82 16.51
C ARG E 117 48.46 20.06 15.08
N ILE E 118 48.47 21.32 14.66
CA ILE E 118 48.09 21.65 13.30
C ILE E 118 49.39 21.67 12.51
N ASN E 119 49.57 20.71 11.61
CA ASN E 119 50.79 20.66 10.80
C ASN E 119 52.02 20.66 11.72
N ASP E 120 51.90 20.01 12.88
CA ASP E 120 53.00 19.92 13.85
C ASP E 120 53.42 21.27 14.41
N HIS E 121 52.50 22.24 14.42
CA HIS E 121 52.79 23.57 14.93
C HIS E 121 53.12 23.51 16.43
N ASP E 122 53.96 24.44 16.88
CA ASP E 122 54.37 24.50 18.28
C ASP E 122 53.29 24.90 19.26
N HIS E 123 52.34 25.74 18.82
CA HIS E 123 51.30 26.18 19.71
C HIS E 123 49.92 26.37 19.05
N ALA E 124 49.64 25.59 18.02
CA ALA E 124 48.36 25.65 17.31
C ALA E 124 47.83 24.22 17.24
N PHE E 125 46.58 24.03 17.68
CA PHE E 125 46.01 22.69 17.69
C PHE E 125 44.58 22.63 17.19
N SER E 126 44.15 21.43 16.83
CA SER E 126 42.79 21.19 16.38
C SER E 126 42.27 20.04 17.23
N ARG E 127 40.98 20.12 17.57
CA ARG E 127 40.34 19.12 18.41
C ARG E 127 40.03 17.80 17.70
N ASN E 128 40.33 16.68 18.37
CA ASN E 128 40.05 15.35 17.85
C ASN E 128 38.82 14.90 18.63
N LYS E 129 37.65 15.04 18.02
CA LYS E 129 36.39 14.70 18.69
C LYS E 129 35.90 13.26 18.50
N SER E 130 36.72 12.40 17.91
CA SER E 130 36.27 11.03 17.63
C SER E 130 36.12 10.08 18.83
N GLU E 131 36.49 10.55 20.01
CA GLU E 131 36.37 9.76 21.23
C GLU E 131 36.68 10.64 22.42
N VAL E 132 36.10 10.29 23.57
CA VAL E 132 36.34 11.03 24.79
C VAL E 132 36.79 10.00 25.82
N ARG E 133 37.87 10.31 26.52
CA ARG E 133 38.42 9.43 27.52
C ARG E 133 37.90 9.82 28.89
N THR E 134 37.62 8.83 29.73
CA THR E 134 37.11 9.13 31.07
C THR E 134 37.94 8.46 32.17
N ALA E 135 37.74 8.94 33.38
CA ALA E 135 38.44 8.41 34.54
C ALA E 135 37.60 8.75 35.75
N VAL E 136 37.45 7.79 36.65
CA VAL E 136 36.67 8.00 37.85
C VAL E 136 37.40 7.39 39.02
N LEU E 137 37.59 8.18 40.07
CA LEU E 137 38.24 7.72 41.28
C LEU E 137 37.26 7.78 42.42
N GLU E 138 37.15 6.69 43.16
CA GLU E 138 36.28 6.66 44.32
C GLU E 138 37.13 6.25 45.50
N ILE E 139 36.96 6.94 46.60
CA ILE E 139 37.70 6.64 47.82
C ILE E 139 36.69 6.37 48.92
N SER E 140 36.93 5.29 49.66
CA SER E 140 36.07 4.91 50.77
C SER E 140 37.00 4.57 51.92
N GLY E 141 37.11 5.50 52.86
CA GLY E 141 37.98 5.28 54.00
C GLY E 141 39.43 5.13 53.54
N SER E 142 40.00 3.96 53.83
CA SER E 142 41.38 3.69 53.48
C SER E 142 41.54 3.05 52.09
N GLU E 143 40.42 2.71 51.47
CA GLU E 143 40.45 2.07 50.15
C GLU E 143 40.08 3.03 49.03
N GLN E 144 40.61 2.76 47.83
CA GLN E 144 40.31 3.59 46.66
C GLN E 144 40.35 2.75 45.38
N ALA E 145 39.55 3.13 44.40
CA ALA E 145 39.49 2.41 43.13
C ALA E 145 39.40 3.35 41.93
N ILE E 146 39.96 2.92 40.81
CA ILE E 146 39.92 3.72 39.59
C ILE E 146 39.32 2.94 38.42
N VAL E 147 38.42 3.60 37.71
CA VAL E 147 37.78 3.02 36.53
C VAL E 147 38.12 3.97 35.39
N ALA E 148 38.70 3.44 34.33
CA ALA E 148 39.05 4.24 33.16
C ALA E 148 38.02 3.91 32.10
N GLY E 149 37.86 4.79 31.11
CA GLY E 149 36.88 4.48 30.09
C GLY E 149 37.03 5.23 28.78
N ILE E 150 36.17 4.87 27.83
CA ILE E 150 36.16 5.49 26.53
C ILE E 150 34.70 5.57 26.08
N GLU E 151 34.35 6.66 25.41
CA GLU E 151 32.97 6.83 24.95
C GLU E 151 32.93 7.73 23.72
N GLY E 152 31.82 7.68 22.98
CA GLY E 152 31.70 8.50 21.79
C GLY E 152 32.46 7.99 20.59
N LEU E 153 33.02 6.78 20.68
CA LEU E 153 33.76 6.22 19.56
C LEU E 153 32.82 5.35 18.72
N THR E 154 32.34 5.91 17.62
CA THR E 154 31.41 5.19 16.76
C THR E 154 32.16 4.32 15.76
N VAL E 155 31.69 3.10 15.59
CA VAL E 155 32.31 2.15 14.67
C VAL E 155 31.26 1.47 13.82
N LEU E 156 31.68 0.95 12.68
CA LEU E 156 30.76 0.30 11.75
C LEU E 156 31.44 -0.66 10.81
N LYS E 157 30.84 -1.83 10.62
CA LYS E 157 31.39 -2.78 9.65
C LYS E 157 30.26 -3.09 8.68
N SER E 158 30.56 -2.90 7.39
CA SER E 158 29.61 -3.10 6.31
C SER E 158 29.26 -4.55 6.02
N THR E 159 29.97 -5.48 6.62
CA THR E 159 29.70 -6.89 6.44
C THR E 159 30.40 -7.64 7.55
N GLY E 160 30.35 -8.97 7.52
CA GLY E 160 31.00 -9.73 8.57
C GLY E 160 30.15 -9.69 9.83
N SER E 161 28.83 -9.68 9.64
CA SER E 161 27.88 -9.66 10.74
C SER E 161 26.62 -10.41 10.35
N GLU E 162 26.19 -11.33 11.20
CA GLU E 162 24.99 -12.12 10.94
C GLU E 162 24.07 -12.15 12.16
N PHE E 163 22.82 -12.52 11.94
CA PHE E 163 21.87 -12.66 13.03
C PHE E 163 20.75 -13.60 12.62
N HIS E 164 20.80 -14.82 13.16
CA HIS E 164 19.80 -15.84 12.86
C HIS E 164 19.80 -16.89 13.98
N GLY E 165 18.80 -17.75 13.97
CA GLY E 165 18.74 -18.77 15.01
C GLY E 165 17.96 -18.31 16.23
N PHE E 166 17.42 -17.10 16.17
CA PHE E 166 16.66 -16.58 17.29
C PHE E 166 15.22 -17.13 17.28
N PRO E 167 14.64 -17.33 18.47
CA PRO E 167 13.28 -17.86 18.59
C PRO E 167 12.24 -16.94 17.90
N ARG E 168 11.18 -17.53 17.38
CA ARG E 168 10.14 -16.75 16.70
C ARG E 168 8.77 -16.93 17.34
N ASP E 169 8.28 -15.91 18.03
CA ASP E 169 6.96 -15.98 18.65
C ASP E 169 5.97 -15.22 17.77
N LYS E 170 4.75 -15.03 18.25
CA LYS E 170 3.74 -14.33 17.47
C LYS E 170 4.07 -12.86 17.17
N TYR E 171 5.05 -12.31 17.88
CA TYR E 171 5.44 -10.91 17.65
C TYR E 171 6.74 -10.80 16.87
N THR E 172 7.25 -11.92 16.38
CA THR E 172 8.49 -11.92 15.62
C THR E 172 8.26 -11.79 14.12
N THR E 173 8.89 -10.79 13.53
CA THR E 173 8.77 -10.54 12.10
C THR E 173 10.14 -10.35 11.46
N LEU E 174 11.16 -10.18 12.30
CA LEU E 174 12.50 -9.99 11.80
C LEU E 174 12.94 -11.19 10.96
N GLN E 175 13.55 -10.92 9.81
CA GLN E 175 14.02 -12.00 8.94
C GLN E 175 15.47 -12.31 9.28
N GLU E 176 15.82 -13.59 9.27
CA GLU E 176 17.20 -13.99 9.57
C GLU E 176 18.10 -13.51 8.45
N THR E 177 19.37 -13.25 8.78
CA THR E 177 20.30 -12.77 7.77
C THR E 177 21.72 -13.25 8.04
N THR E 178 22.53 -13.27 6.99
CA THR E 178 23.93 -13.68 7.12
C THR E 178 24.82 -12.51 6.71
N ASP E 179 24.21 -11.44 6.22
CA ASP E 179 24.95 -10.26 5.80
C ASP E 179 24.18 -9.00 6.19
N ARG E 180 24.69 -8.27 7.18
CA ARG E 180 24.04 -7.03 7.62
C ARG E 180 25.11 -6.10 8.13
N ILE E 181 24.74 -4.83 8.31
CA ILE E 181 25.66 -3.85 8.84
C ILE E 181 25.60 -3.91 10.35
N LEU E 182 26.75 -3.76 11.00
CA LEU E 182 26.79 -3.75 12.46
C LEU E 182 27.46 -2.43 12.84
N ALA E 183 26.69 -1.53 13.44
CA ALA E 183 27.19 -0.22 13.84
C ALA E 183 26.81 0.07 15.29
N THR E 184 27.76 0.63 16.04
CA THR E 184 27.50 0.93 17.45
C THR E 184 28.42 2.05 17.94
N ASP E 185 28.18 2.48 19.17
CA ASP E 185 29.00 3.51 19.80
C ASP E 185 29.73 2.77 20.90
N VAL E 186 31.05 2.67 20.78
CA VAL E 186 31.84 1.97 21.79
C VAL E 186 31.89 2.75 23.09
N SER E 187 31.18 2.24 24.09
CA SER E 187 31.16 2.83 25.42
C SER E 187 31.65 1.74 26.35
N ALA E 188 32.87 1.90 26.86
CA ALA E 188 33.46 0.90 27.74
C ALA E 188 34.15 1.50 28.94
N ARG E 189 34.06 0.79 30.06
CA ARG E 189 34.67 1.21 31.30
C ARG E 189 35.30 0.00 31.96
N TRP E 190 36.54 0.16 32.41
CA TRP E 190 37.26 -0.93 33.04
C TRP E 190 37.88 -0.51 34.36
N ARG E 191 37.72 -1.37 35.37
CA ARG E 191 38.23 -1.12 36.70
C ARG E 191 39.63 -1.70 36.92
N TYR E 192 40.54 -0.87 37.43
CA TYR E 192 41.91 -1.31 37.71
C TYR E 192 41.98 -1.97 39.08
N ASN E 193 42.84 -2.97 39.21
CA ASN E 193 42.99 -3.66 40.48
C ASN E 193 44.15 -3.11 41.29
N THR E 194 44.67 -1.97 40.84
CA THR E 194 45.78 -1.30 41.49
C THR E 194 45.97 0.08 40.87
N VAL E 195 46.50 1.03 41.63
CA VAL E 195 46.73 2.38 41.11
C VAL E 195 48.10 2.48 40.44
N GLU E 196 48.88 1.41 40.52
CA GLU E 196 50.20 1.40 39.91
C GLU E 196 50.05 0.93 38.47
N VAL E 197 49.60 1.83 37.61
CA VAL E 197 49.37 1.51 36.21
C VAL E 197 49.90 2.63 35.30
N ASP E 198 50.26 2.28 34.07
CA ASP E 198 50.74 3.26 33.09
C ASP E 198 49.48 3.70 32.35
N PHE E 199 48.62 4.43 33.05
CA PHE E 199 47.35 4.91 32.53
C PHE E 199 47.27 5.23 31.04
N ASP E 200 48.20 6.03 30.52
CA ASP E 200 48.16 6.37 29.11
C ASP E 200 48.42 5.16 28.21
N ALA E 201 49.40 4.34 28.56
CA ALA E 201 49.73 3.14 27.78
C ALA E 201 48.56 2.17 27.74
N VAL E 202 48.00 1.88 28.91
CA VAL E 202 46.88 0.95 29.01
C VAL E 202 45.69 1.45 28.21
N TYR E 203 45.36 2.74 28.36
CA TYR E 203 44.24 3.31 27.62
C TYR E 203 44.41 3.10 26.12
N ALA E 204 45.59 3.41 25.61
CA ALA E 204 45.87 3.26 24.19
C ALA E 204 45.71 1.79 23.78
N SER E 205 46.21 0.89 24.62
CA SER E 205 46.13 -0.53 24.36
C SER E 205 44.67 -1.02 24.37
N VAL E 206 43.93 -0.68 25.41
CA VAL E 206 42.52 -1.10 25.51
C VAL E 206 41.74 -0.61 24.29
N ARG E 207 41.96 0.64 23.92
CA ARG E 207 41.28 1.22 22.77
C ARG E 207 41.55 0.39 21.52
N GLY E 208 42.82 0.12 21.27
CA GLY E 208 43.19 -0.67 20.11
C GLY E 208 42.62 -2.08 20.14
N LEU E 209 42.56 -2.68 21.32
CA LEU E 209 42.03 -4.03 21.46
C LEU E 209 40.54 -4.11 21.16
N LEU E 210 39.79 -3.13 21.67
CA LEU E 210 38.35 -3.09 21.45
C LEU E 210 38.07 -2.98 19.96
N LEU E 211 38.75 -2.04 19.31
CA LEU E 211 38.58 -1.81 17.87
C LEU E 211 38.94 -3.06 17.06
N LYS E 212 40.08 -3.66 17.40
CA LYS E 212 40.52 -4.87 16.70
C LYS E 212 39.51 -6.00 16.83
N ALA E 213 39.04 -6.23 18.06
CA ALA E 213 38.06 -7.28 18.32
C ALA E 213 36.74 -7.02 17.61
N PHE E 214 36.33 -5.76 17.56
CA PHE E 214 35.09 -5.39 16.89
C PHE E 214 35.19 -5.68 15.39
N ALA E 215 36.27 -5.23 14.80
CA ALA E 215 36.49 -5.38 13.36
C ALA E 215 36.80 -6.79 12.89
N GLU E 216 37.62 -7.51 13.63
CA GLU E 216 38.03 -8.85 13.24
C GLU E 216 37.11 -10.00 13.60
N THR E 217 36.26 -9.80 14.60
CA THR E 217 35.34 -10.86 15.00
C THR E 217 34.21 -11.01 13.99
N HIS E 218 33.97 -12.23 13.53
CA HIS E 218 32.89 -12.47 12.60
C HIS E 218 31.67 -12.56 13.50
N SER E 219 30.90 -11.49 13.55
CA SER E 219 29.74 -11.38 14.43
C SER E 219 28.49 -12.18 14.09
N LEU E 220 28.06 -13.01 15.06
CA LEU E 220 26.84 -13.79 14.89
C LEU E 220 25.78 -13.10 15.74
N ALA E 221 26.23 -12.11 16.52
CA ALA E 221 25.36 -11.33 17.38
C ALA E 221 26.17 -10.22 18.05
N LEU E 222 25.55 -9.08 18.30
CA LEU E 222 26.26 -7.97 18.93
C LEU E 222 26.81 -8.47 20.26
N GLN E 223 26.04 -9.32 20.92
CA GLN E 223 26.45 -9.89 22.20
C GLN E 223 27.78 -10.62 22.10
N GLN E 224 27.94 -11.44 21.06
CA GLN E 224 29.18 -12.19 20.87
C GLN E 224 30.33 -11.23 20.61
N THR E 225 30.08 -10.23 19.77
CA THR E 225 31.09 -9.24 19.45
C THR E 225 31.57 -8.55 20.72
N MET E 226 30.62 -8.14 21.55
CA MET E 226 30.95 -7.47 22.81
C MET E 226 31.73 -8.37 23.76
N TYR E 227 31.44 -9.66 23.73
CA TYR E 227 32.13 -10.60 24.60
C TYR E 227 33.58 -10.74 24.18
N GLU E 228 33.82 -10.78 22.86
CA GLU E 228 35.17 -10.91 22.35
C GLU E 228 35.99 -9.66 22.64
N MET E 229 35.34 -8.50 22.55
CA MET E 229 36.01 -7.24 22.84
C MET E 229 36.47 -7.23 24.29
N GLY E 230 35.55 -7.56 25.19
CA GLY E 230 35.88 -7.59 26.60
C GLY E 230 36.93 -8.62 26.95
N ARG E 231 36.84 -9.80 26.33
CA ARG E 231 37.80 -10.87 26.59
C ARG E 231 39.21 -10.44 26.23
N ALA E 232 39.33 -9.79 25.06
CA ALA E 232 40.62 -9.31 24.58
C ALA E 232 41.28 -8.40 25.60
N VAL E 233 40.49 -7.52 26.21
CA VAL E 233 41.02 -6.60 27.21
C VAL E 233 41.53 -7.31 28.46
N ILE E 234 40.71 -8.20 29.02
CA ILE E 234 41.12 -8.92 30.21
C ILE E 234 42.32 -9.83 29.98
N GLU E 235 42.33 -10.52 28.85
CA GLU E 235 43.42 -11.43 28.52
C GLU E 235 44.75 -10.71 28.29
N THR E 236 44.69 -9.42 27.98
CA THR E 236 45.90 -8.66 27.71
C THR E 236 46.40 -7.84 28.89
N HIS E 237 45.50 -7.38 29.75
CA HIS E 237 45.90 -6.56 30.88
C HIS E 237 45.61 -7.16 32.25
N PRO E 238 46.67 -7.59 32.96
CA PRO E 238 46.56 -8.19 34.29
C PRO E 238 46.03 -7.20 35.32
N GLU E 239 46.30 -5.91 35.10
CA GLU E 239 45.86 -4.87 36.02
C GLU E 239 44.37 -4.52 35.93
N ILE E 240 43.64 -5.21 35.06
CA ILE E 240 42.21 -4.97 34.91
C ILE E 240 41.41 -6.18 35.39
N ASP E 241 40.49 -5.96 36.33
CA ASP E 241 39.67 -7.03 36.88
C ASP E 241 38.34 -7.23 36.16
N GLU E 242 37.83 -6.17 35.54
CA GLU E 242 36.57 -6.27 34.82
C GLU E 242 36.35 -5.10 33.89
N ILE E 243 35.50 -5.30 32.89
CA ILE E 243 35.19 -4.27 31.93
C ILE E 243 33.70 -4.32 31.62
N LYS E 244 33.06 -3.17 31.61
CA LYS E 244 31.65 -3.08 31.32
C LYS E 244 31.47 -2.34 30.01
N MET E 245 30.51 -2.79 29.22
CA MET E 245 30.23 -2.16 27.94
C MET E 245 28.75 -2.01 27.71
N SER E 246 28.40 -0.93 27.02
CA SER E 246 27.02 -0.60 26.67
C SER E 246 27.11 -0.26 25.19
N LEU E 247 26.65 -1.19 24.36
CA LEU E 247 26.72 -0.99 22.92
C LEU E 247 25.35 -0.96 22.25
N PRO E 248 25.02 0.17 21.61
CA PRO E 248 23.71 0.25 20.95
C PRO E 248 23.81 -0.38 19.56
N ASN E 249 22.74 -1.04 19.12
CA ASN E 249 22.79 -1.60 17.77
C ASN E 249 22.09 -0.52 16.95
N LYS E 250 22.87 0.30 16.27
CA LYS E 250 22.34 1.39 15.47
C LYS E 250 21.95 0.87 14.10
N HIS E 251 20.65 0.61 13.95
CA HIS E 251 20.12 0.05 12.71
C HIS E 251 20.35 0.81 11.42
N HIS E 252 20.84 0.07 10.44
CA HIS E 252 21.07 0.58 9.10
C HIS E 252 20.19 -0.35 8.26
N PHE E 253 18.98 0.12 7.96
CA PHE E 253 18.03 -0.66 7.21
C PHE E 253 18.32 -0.70 5.72
N LEU E 254 18.34 -1.90 5.15
CA LEU E 254 18.58 -2.08 3.72
C LEU E 254 17.29 -1.64 3.04
N VAL E 255 17.37 -0.56 2.27
CA VAL E 255 16.21 -0.01 1.59
C VAL E 255 15.67 -0.91 0.49
N ASP E 256 14.36 -1.10 0.48
CA ASP E 256 13.72 -1.93 -0.53
C ASP E 256 13.46 -1.08 -1.76
N LEU E 257 14.21 -1.34 -2.82
CA LEU E 257 14.06 -0.59 -4.06
C LEU E 257 13.37 -1.42 -5.14
N GLN E 258 12.99 -2.65 -4.78
CA GLN E 258 12.31 -3.53 -5.74
C GLN E 258 11.02 -2.92 -6.31
N PRO E 259 10.30 -2.11 -5.52
CA PRO E 259 9.08 -1.52 -6.07
C PRO E 259 9.38 -0.64 -7.28
N PHE E 260 10.65 -0.29 -7.43
CA PHE E 260 11.10 0.56 -8.52
C PHE E 260 11.87 -0.26 -9.56
N GLY E 261 11.80 -1.58 -9.44
CA GLY E 261 12.49 -2.44 -10.37
C GLY E 261 14.00 -2.42 -10.20
N GLN E 262 14.44 -1.94 -9.03
CA GLN E 262 15.87 -1.87 -8.73
C GLN E 262 16.19 -2.80 -7.57
N ASP E 263 17.31 -3.49 -7.65
CA ASP E 263 17.72 -4.37 -6.56
C ASP E 263 18.65 -3.56 -5.68
N ASN E 264 18.97 -4.10 -4.51
CA ASN E 264 19.87 -3.41 -3.58
C ASN E 264 20.79 -4.46 -2.96
N PRO E 265 21.94 -4.72 -3.61
CA PRO E 265 22.92 -5.71 -3.13
C PRO E 265 23.73 -5.25 -1.93
N ASN E 266 23.04 -4.99 -0.82
CA ASN E 266 23.67 -4.55 0.42
C ASN E 266 24.44 -3.24 0.24
N GLU E 267 23.86 -2.29 -0.50
CA GLU E 267 24.54 -1.02 -0.72
C GLU E 267 23.88 0.27 -0.23
N VAL E 268 22.56 0.35 -0.36
CA VAL E 268 21.84 1.54 0.07
C VAL E 268 21.10 1.33 1.38
N PHE E 269 21.46 2.13 2.38
CA PHE E 269 20.87 2.02 3.70
C PHE E 269 20.28 3.29 4.29
N TYR E 270 19.31 3.10 5.19
CA TYR E 270 18.68 4.19 5.91
C TYR E 270 19.18 4.01 7.34
N ALA E 271 19.87 5.03 7.85
CA ALA E 271 20.41 4.98 9.21
C ALA E 271 19.40 5.60 10.17
N ALA E 272 18.66 4.75 10.87
CA ALA E 272 17.62 5.19 11.81
C ALA E 272 18.19 5.68 13.13
N ASP E 273 17.54 6.68 13.71
CA ASP E 273 17.98 7.25 14.99
C ASP E 273 17.49 6.37 16.14
N ARG E 274 16.17 6.26 16.25
CA ARG E 274 15.54 5.48 17.30
C ARG E 274 14.37 4.72 16.70
N PRO E 275 14.02 3.55 17.26
CA PRO E 275 14.70 2.96 18.42
C PRO E 275 16.01 2.29 18.01
N TYR E 276 16.74 1.79 18.99
CA TYR E 276 17.98 1.10 18.73
C TYR E 276 18.17 -0.01 19.74
N GLY E 277 18.87 -1.07 19.34
CA GLY E 277 19.11 -2.16 20.25
C GLY E 277 20.12 -1.69 21.27
N LEU E 278 20.10 -2.26 22.46
CA LEU E 278 21.03 -1.86 23.51
C LEU E 278 21.51 -3.11 24.22
N ILE E 279 22.74 -3.50 23.89
CA ILE E 279 23.39 -4.69 24.45
C ILE E 279 24.40 -4.26 25.50
N GLU E 280 24.29 -4.83 26.69
CA GLU E 280 25.20 -4.48 27.77
C GLU E 280 25.65 -5.69 28.58
N ALA E 281 26.89 -5.65 29.04
CA ALA E 281 27.43 -6.76 29.84
C ALA E 281 28.74 -6.40 30.54
N THR E 282 29.09 -7.22 31.52
CA THR E 282 30.32 -7.06 32.26
C THR E 282 31.15 -8.31 32.04
N ILE E 283 32.37 -8.13 31.54
CA ILE E 283 33.28 -9.23 31.30
C ILE E 283 34.34 -9.09 32.39
N GLN E 284 34.48 -10.13 33.22
CA GLN E 284 35.43 -10.07 34.32
C GLN E 284 36.40 -11.23 34.43
N ARG E 285 37.54 -10.96 35.06
CA ARG E 285 38.57 -11.95 35.30
C ARG E 285 38.00 -12.91 36.34
N GLU E 286 38.09 -14.21 36.08
CA GLU E 286 37.56 -15.17 37.04
C GLU E 286 38.21 -14.96 38.41
N GLY E 287 37.37 -14.84 39.44
CA GLY E 287 37.88 -14.63 40.78
C GLY E 287 37.78 -13.20 41.27
N SER E 288 37.85 -12.25 40.34
CA SER E 288 37.78 -10.84 40.69
C SER E 288 36.48 -10.52 41.44
N ARG E 289 36.46 -9.38 42.12
CA ARG E 289 35.29 -8.97 42.88
C ARG E 289 34.02 -8.99 42.04
N ALA E 290 32.91 -9.36 42.66
CA ALA E 290 31.63 -9.46 41.97
C ALA E 290 30.85 -8.16 41.80
N ASP E 291 30.82 -7.33 42.84
CA ASP E 291 30.06 -6.09 42.76
C ASP E 291 30.72 -4.90 43.48
N HIS E 292 31.80 -4.39 42.91
CA HIS E 292 32.51 -3.25 43.50
C HIS E 292 31.57 -2.05 43.60
N PRO E 293 31.66 -1.30 44.72
CA PRO E 293 30.82 -0.12 44.95
C PRO E 293 31.04 1.05 43.98
N ILE E 294 32.19 1.06 43.30
CA ILE E 294 32.50 2.15 42.38
C ILE E 294 31.54 2.19 41.21
N TRP E 295 30.76 1.13 41.02
CA TRP E 295 29.81 1.08 39.92
C TRP E 295 28.44 1.65 40.28
N SER E 296 28.23 1.95 41.56
CA SER E 296 26.96 2.50 42.02
C SER E 296 26.87 4.00 41.75
N THR F 11 -6.03 44.73 3.71
CA THR F 11 -6.80 43.61 4.32
C THR F 11 -6.66 42.33 3.49
N LYS F 12 -5.87 42.40 2.42
CA LYS F 12 -5.66 41.24 1.56
C LYS F 12 -4.37 40.50 1.88
N VAL F 13 -4.48 39.19 2.04
CA VAL F 13 -3.36 38.33 2.35
C VAL F 13 -2.86 37.60 1.10
N VAL F 14 -1.55 37.46 0.98
CA VAL F 14 -0.99 36.78 -0.18
C VAL F 14 0.18 35.86 0.22
N LEU F 15 0.33 34.78 -0.52
CA LEU F 15 1.40 33.82 -0.29
C LEU F 15 2.66 34.38 -0.91
N GLY F 16 3.73 34.44 -0.12
CA GLY F 16 4.99 34.95 -0.62
C GLY F 16 5.94 33.80 -0.89
N GLN F 17 7.21 34.00 -0.55
CA GLN F 17 8.21 32.95 -0.75
C GLN F 17 7.80 31.71 0.01
N ASN F 18 8.11 30.55 -0.56
CA ASN F 18 7.78 29.29 0.08
C ASN F 18 8.57 28.14 -0.52
N GLN F 19 8.75 27.08 0.26
CA GLN F 19 9.47 25.89 -0.17
C GLN F 19 9.10 24.76 0.77
N TYR F 20 9.19 23.52 0.30
CA TYR F 20 8.86 22.39 1.15
C TYR F 20 9.56 21.13 0.66
N GLY F 21 9.75 20.17 1.56
CA GLY F 21 10.40 18.93 1.17
C GLY F 21 10.68 18.04 2.37
N LYS F 22 11.54 17.06 2.17
CA LYS F 22 11.90 16.15 3.25
C LYS F 22 13.27 16.55 3.77
N ALA F 23 13.38 16.67 5.09
CA ALA F 23 14.63 17.08 5.71
C ALA F 23 15.29 15.95 6.49
N GLU F 24 16.62 15.99 6.51
CA GLU F 24 17.45 15.03 7.22
C GLU F 24 17.19 13.56 6.93
N VAL F 25 17.38 13.21 5.66
CA VAL F 25 17.23 11.85 5.18
C VAL F 25 18.62 11.25 5.33
N ARG F 26 18.77 10.37 6.32
CA ARG F 26 20.05 9.73 6.60
C ARG F 26 20.33 8.57 5.66
N LEU F 27 21.34 8.79 4.82
CA LEU F 27 21.76 7.83 3.83
C LEU F 27 23.18 7.34 4.03
N VAL F 28 23.35 6.03 3.87
CA VAL F 28 24.66 5.42 3.96
C VAL F 28 24.76 4.56 2.71
N LYS F 29 25.74 4.87 1.88
CA LYS F 29 25.97 4.13 0.64
C LYS F 29 27.26 3.35 0.76
N VAL F 30 27.16 2.03 0.65
CA VAL F 30 28.33 1.17 0.72
C VAL F 30 28.70 0.72 -0.68
N THR F 31 29.96 0.91 -1.04
CA THR F 31 30.43 0.49 -2.35
C THR F 31 31.13 -0.82 -2.08
N ARG F 32 30.61 -1.92 -2.63
CA ARG F 32 31.22 -3.21 -2.39
C ARG F 32 31.29 -4.15 -3.59
N ASN F 33 31.62 -3.60 -4.75
CA ASN F 33 31.76 -4.43 -5.94
C ASN F 33 33.03 -5.28 -5.78
N THR F 34 33.84 -4.90 -4.79
CA THR F 34 35.07 -5.61 -4.47
C THR F 34 35.10 -5.86 -2.96
N ALA F 35 36.13 -6.53 -2.47
CA ALA F 35 36.25 -6.82 -1.04
C ALA F 35 36.60 -5.56 -0.25
N ARG F 36 37.11 -4.57 -0.97
CA ARG F 36 37.51 -3.30 -0.35
C ARG F 36 36.29 -2.37 -0.35
N HIS F 37 35.54 -2.39 0.74
CA HIS F 37 34.34 -1.57 0.83
C HIS F 37 34.62 -0.09 1.07
N GLU F 38 33.78 0.76 0.50
CA GLU F 38 33.88 2.21 0.65
C GLU F 38 32.59 2.68 1.32
N ILE F 39 32.67 3.73 2.13
CA ILE F 39 31.50 4.24 2.82
C ILE F 39 31.23 5.71 2.54
N GLN F 40 29.98 6.03 2.22
CA GLN F 40 29.56 7.40 1.99
C GLN F 40 28.38 7.59 2.93
N ASP F 41 28.51 8.52 3.87
CA ASP F 41 27.50 8.78 4.88
C ASP F 41 26.97 10.20 4.73
N LEU F 42 25.68 10.34 4.43
CA LEU F 42 25.04 11.65 4.22
C LEU F 42 23.75 11.92 4.98
N ASN F 43 23.52 13.20 5.27
CA ASN F 43 22.28 13.65 5.92
C ASN F 43 21.75 14.60 4.85
N VAL F 44 20.76 14.16 4.10
CA VAL F 44 20.20 14.93 2.97
C VAL F 44 18.88 15.65 3.18
N THR F 45 18.78 16.85 2.63
CA THR F 45 17.56 17.64 2.72
C THR F 45 17.19 18.13 1.32
N SER F 46 15.93 17.89 0.95
CA SER F 46 15.40 18.29 -0.34
C SER F 46 14.18 19.17 -0.19
N GLN F 47 14.21 20.33 -0.84
CA GLN F 47 13.08 21.25 -0.81
C GLN F 47 12.83 21.82 -2.20
N LEU F 48 11.56 21.87 -2.58
CA LEU F 48 11.17 22.34 -3.89
C LEU F 48 10.58 23.75 -3.89
N ARG F 49 10.77 24.46 -5.00
CA ARG F 49 10.23 25.79 -5.19
C ARG F 49 9.50 25.85 -6.52
N GLY F 50 8.44 26.66 -6.57
CA GLY F 50 7.67 26.79 -7.78
C GLY F 50 6.28 27.33 -7.51
N ASP F 51 5.32 26.88 -8.30
CA ASP F 51 3.93 27.32 -8.15
C ASP F 51 3.16 26.37 -7.24
N PHE F 52 3.04 26.75 -5.98
CA PHE F 52 2.33 25.95 -4.99
C PHE F 52 1.20 26.75 -4.35
N GLU F 53 0.70 27.72 -5.11
CA GLU F 53 -0.38 28.60 -4.69
C GLU F 53 -1.62 27.85 -4.23
N ALA F 54 -2.14 26.98 -5.09
CA ALA F 54 -3.34 26.20 -4.77
C ALA F 54 -3.18 25.31 -3.55
N ALA F 55 -2.00 24.71 -3.39
CA ALA F 55 -1.73 23.84 -2.25
C ALA F 55 -1.90 24.60 -0.93
N HIS F 56 -1.44 25.84 -0.90
CA HIS F 56 -1.54 26.62 0.34
C HIS F 56 -2.92 27.24 0.55
N THR F 57 -3.46 27.86 -0.50
CA THR F 57 -4.75 28.54 -0.42
C THR F 57 -6.00 27.67 -0.47
N ALA F 58 -5.95 26.59 -1.25
CA ALA F 58 -7.11 25.73 -1.38
C ALA F 58 -6.95 24.33 -0.85
N GLY F 59 -5.72 23.89 -0.62
CA GLY F 59 -5.52 22.54 -0.13
C GLY F 59 -5.52 21.57 -1.31
N ASP F 60 -5.33 22.12 -2.51
CA ASP F 60 -5.27 21.31 -3.72
C ASP F 60 -3.83 20.82 -3.84
N ASN F 61 -3.64 19.52 -3.74
CA ASN F 61 -2.31 18.94 -3.78
C ASN F 61 -1.81 18.42 -5.12
N ALA F 62 -2.44 18.86 -6.21
CA ALA F 62 -2.05 18.43 -7.55
C ALA F 62 -0.57 18.70 -7.85
N HIS F 63 -0.06 19.84 -7.37
CA HIS F 63 1.34 20.20 -7.60
C HIS F 63 2.28 19.71 -6.51
N VAL F 64 1.74 19.10 -5.46
CA VAL F 64 2.58 18.69 -4.36
C VAL F 64 3.23 17.31 -4.42
N VAL F 65 4.48 17.28 -4.90
CA VAL F 65 5.22 16.03 -4.93
C VAL F 65 5.46 15.76 -3.44
N ALA F 66 4.88 14.69 -2.92
CA ALA F 66 4.98 14.36 -1.50
C ALA F 66 6.41 14.36 -0.96
N THR F 67 6.55 14.77 0.31
CA THR F 67 7.87 14.77 0.92
C THR F 67 8.37 13.33 0.96
N ASP F 68 7.45 12.38 1.13
CA ASP F 68 7.80 10.96 1.17
C ASP F 68 8.40 10.55 -0.18
N THR F 69 7.85 11.09 -1.27
CA THR F 69 8.35 10.79 -2.61
C THR F 69 9.75 11.37 -2.80
N GLN F 70 9.96 12.59 -2.29
CA GLN F 70 11.27 13.21 -2.38
C GLN F 70 12.27 12.32 -1.63
N LYS F 71 11.84 11.79 -0.49
CA LYS F 71 12.67 10.89 0.32
C LYS F 71 13.03 9.63 -0.48
N ASN F 72 12.04 9.00 -1.10
CA ASN F 72 12.28 7.79 -1.89
C ASN F 72 13.25 8.05 -3.03
N THR F 73 13.15 9.24 -3.62
CA THR F 73 14.02 9.58 -4.74
C THR F 73 15.49 9.60 -4.34
N VAL F 74 15.76 10.11 -3.13
CA VAL F 74 17.11 10.16 -2.61
C VAL F 74 17.70 8.75 -2.55
N TYR F 75 16.94 7.81 -1.99
CA TYR F 75 17.42 6.44 -1.89
C TYR F 75 17.53 5.72 -3.24
N ALA F 76 16.58 5.96 -4.13
CA ALA F 76 16.63 5.34 -5.45
C ALA F 76 17.84 5.84 -6.24
N PHE F 77 18.08 7.14 -6.14
CA PHE F 77 19.22 7.75 -6.83
C PHE F 77 20.55 7.29 -6.24
N ALA F 78 20.56 6.98 -4.95
CA ALA F 78 21.78 6.55 -4.28
C ALA F 78 22.28 5.22 -4.81
N ARG F 79 21.35 4.39 -5.30
CA ARG F 79 21.69 3.06 -5.83
C ARG F 79 22.73 3.11 -6.95
N ASP F 80 22.61 4.09 -7.85
CA ASP F 80 23.55 4.21 -8.95
C ASP F 80 24.91 4.68 -8.46
N GLY F 81 24.95 5.16 -7.22
CA GLY F 81 26.19 5.64 -6.68
C GLY F 81 26.43 7.06 -7.12
N PHE F 82 27.45 7.70 -6.56
CA PHE F 82 27.79 9.07 -6.89
C PHE F 82 29.24 9.32 -6.52
N ALA F 83 29.92 10.14 -7.31
CA ALA F 83 31.33 10.44 -7.08
C ALA F 83 31.55 11.37 -5.89
N THR F 84 30.70 12.39 -5.77
CA THR F 84 30.84 13.35 -4.68
C THR F 84 29.45 13.76 -4.18
N THR F 85 29.43 14.41 -3.02
CA THR F 85 28.16 14.86 -2.45
C THR F 85 27.54 15.92 -3.34
N GLU F 86 28.35 16.82 -3.86
CA GLU F 86 27.81 17.87 -4.73
C GLU F 86 27.16 17.32 -5.99
N GLU F 87 27.77 16.30 -6.60
CA GLU F 87 27.21 15.74 -7.80
C GLU F 87 25.92 14.97 -7.53
N PHE F 88 25.79 14.45 -6.31
CA PHE F 88 24.57 13.73 -5.95
C PHE F 88 23.43 14.74 -5.85
N LEU F 89 23.70 15.87 -5.21
CA LEU F 89 22.69 16.92 -5.06
C LEU F 89 22.31 17.49 -6.43
N LEU F 90 23.29 17.58 -7.31
CA LEU F 90 23.05 18.10 -8.66
C LEU F 90 22.06 17.22 -9.40
N ARG F 91 22.22 15.92 -9.26
CA ARG F 91 21.32 14.96 -9.91
C ARG F 91 19.91 15.11 -9.37
N LEU F 92 19.79 15.27 -8.05
CA LEU F 92 18.49 15.42 -7.42
C LEU F 92 17.82 16.71 -7.88
N GLY F 93 18.57 17.81 -7.88
CA GLY F 93 18.03 19.08 -8.28
C GLY F 93 17.52 19.11 -9.72
N LYS F 94 18.29 18.54 -10.63
CA LYS F 94 17.89 18.50 -12.03
C LYS F 94 16.68 17.58 -12.23
N HIS F 95 16.61 16.52 -11.44
CA HIS F 95 15.48 15.60 -11.56
C HIS F 95 14.15 16.27 -11.22
N PHE F 96 14.11 17.00 -10.11
CA PHE F 96 12.86 17.66 -9.71
C PHE F 96 12.49 18.86 -10.58
N THR F 97 13.47 19.69 -10.92
CA THR F 97 13.21 20.86 -11.73
C THR F 97 12.76 20.48 -13.15
N GLU F 98 13.39 19.46 -13.72
CA GLU F 98 13.03 19.03 -15.08
C GLU F 98 11.82 18.10 -15.11
N GLY F 99 11.61 17.35 -14.03
CA GLY F 99 10.50 16.40 -14.00
C GLY F 99 9.10 16.94 -13.75
N PHE F 100 9.00 18.16 -13.25
CA PHE F 100 7.70 18.75 -12.95
C PHE F 100 7.70 20.19 -13.44
N ASP F 101 6.82 20.47 -14.40
CA ASP F 101 6.73 21.81 -14.98
C ASP F 101 6.51 22.94 -13.99
N TRP F 102 5.73 22.68 -12.95
CA TRP F 102 5.44 23.70 -11.94
C TRP F 102 6.56 23.91 -10.93
N VAL F 103 7.54 23.00 -10.92
CA VAL F 103 8.70 23.12 -10.02
C VAL F 103 9.79 23.88 -10.76
N THR F 104 10.04 25.12 -10.36
CA THR F 104 11.04 25.95 -11.03
C THR F 104 12.42 25.95 -10.40
N GLY F 105 12.52 25.50 -9.15
CA GLY F 105 13.81 25.48 -8.49
C GLY F 105 13.73 24.77 -7.16
N GLY F 106 14.68 25.08 -6.28
CA GLY F 106 14.68 24.45 -4.97
C GLY F 106 16.05 24.51 -4.31
N ARG F 107 16.14 23.92 -3.13
CA ARG F 107 17.38 23.89 -2.36
C ARG F 107 17.63 22.46 -1.90
N TRP F 108 18.79 21.93 -2.27
CA TRP F 108 19.16 20.57 -1.88
C TRP F 108 20.48 20.67 -1.11
N ALA F 109 20.43 20.22 0.14
CA ALA F 109 21.59 20.29 1.01
C ALA F 109 21.97 18.94 1.60
N ALA F 110 23.20 18.83 2.06
CA ALA F 110 23.67 17.60 2.68
C ALA F 110 24.87 17.81 3.58
N GLN F 111 24.94 17.00 4.63
CA GLN F 111 26.06 17.03 5.55
C GLN F 111 26.75 15.72 5.22
N GLN F 112 28.07 15.74 5.12
CA GLN F 112 28.82 14.54 4.81
C GLN F 112 29.65 14.21 6.04
N PHE F 113 29.50 13.00 6.53
CA PHE F 113 30.21 12.54 7.72
C PHE F 113 31.38 11.66 7.29
N PHE F 114 32.53 11.85 7.92
CA PHE F 114 33.72 11.09 7.54
C PHE F 114 34.01 9.86 8.39
N TRP F 115 34.49 8.83 7.71
CA TRP F 115 34.85 7.56 8.36
C TRP F 115 36.29 7.18 8.02
N ASP F 116 36.95 6.52 8.97
CA ASP F 116 38.32 6.06 8.77
C ASP F 116 38.34 4.54 8.96
N ARG F 117 39.11 3.84 8.14
CA ARG F 117 39.22 2.40 8.29
C ARG F 117 39.86 2.08 9.63
N ILE F 118 39.46 0.95 10.23
CA ILE F 118 40.06 0.53 11.48
C ILE F 118 41.28 -0.30 11.11
N ASN F 119 42.47 0.28 11.26
CA ASN F 119 43.71 -0.40 10.92
C ASN F 119 43.71 -0.89 9.47
N ASP F 120 43.22 -0.05 8.58
CA ASP F 120 43.16 -0.36 7.15
C ASP F 120 42.33 -1.62 6.85
N HIS F 121 41.35 -1.90 7.69
CA HIS F 121 40.49 -3.07 7.47
C HIS F 121 39.65 -2.82 6.22
N ASP F 122 39.35 -3.90 5.50
CA ASP F 122 38.57 -3.81 4.28
C ASP F 122 37.11 -3.37 4.46
N HIS F 123 36.52 -3.67 5.61
CA HIS F 123 35.12 -3.32 5.83
C HIS F 123 34.71 -2.96 7.28
N ALA F 124 35.62 -2.36 8.02
CA ALA F 124 35.35 -1.94 9.39
C ALA F 124 35.85 -0.50 9.51
N PHE F 125 35.00 0.40 10.01
CA PHE F 125 35.39 1.80 10.11
C PHE F 125 35.02 2.46 11.42
N SER F 126 35.64 3.60 11.68
CA SER F 126 35.35 4.38 12.87
C SER F 126 35.08 5.80 12.38
N ARG F 127 34.12 6.47 13.02
CA ARG F 127 33.75 7.82 12.64
C ARG F 127 34.80 8.86 12.98
N ASN F 128 35.02 9.78 12.05
CA ASN F 128 35.95 10.87 12.27
C ASN F 128 35.00 12.03 12.55
N LYS F 129 34.79 12.34 13.82
CA LYS F 129 33.86 13.40 14.20
C LYS F 129 34.47 14.79 14.36
N SER F 130 35.73 14.97 13.95
CA SER F 130 36.40 16.26 14.11
C SER F 130 35.90 17.39 13.21
N GLU F 131 35.14 17.05 12.18
CA GLU F 131 34.59 18.06 11.28
C GLU F 131 33.45 17.44 10.51
N VAL F 132 32.59 18.29 9.97
CA VAL F 132 31.45 17.85 9.18
C VAL F 132 31.48 18.69 7.91
N ARG F 133 31.45 18.01 6.77
CA ARG F 133 31.46 18.69 5.48
C ARG F 133 30.04 19.00 5.03
N THR F 134 29.85 20.14 4.40
CA THR F 134 28.50 20.53 3.95
C THR F 134 28.44 20.94 2.49
N ALA F 135 27.24 20.86 1.92
CA ALA F 135 27.03 21.25 0.53
C ALA F 135 25.58 21.68 0.38
N VAL F 136 25.37 22.75 -0.36
CA VAL F 136 24.04 23.26 -0.61
C VAL F 136 23.94 23.64 -2.09
N LEU F 137 22.91 23.13 -2.75
CA LEU F 137 22.68 23.45 -4.15
C LEU F 137 21.35 24.17 -4.26
N GLU F 138 21.35 25.35 -4.87
CA GLU F 138 20.13 26.08 -5.09
C GLU F 138 19.94 26.28 -6.59
N ILE F 139 18.74 25.97 -7.07
CA ILE F 139 18.44 26.13 -8.48
C ILE F 139 17.31 27.15 -8.58
N SER F 140 17.46 28.09 -9.50
CA SER F 140 16.47 29.12 -9.73
C SER F 140 16.34 29.24 -11.24
N GLY F 141 15.39 28.49 -11.81
CA GLY F 141 15.22 28.52 -13.25
C GLY F 141 16.43 27.85 -13.88
N SER F 142 17.13 28.56 -14.75
CA SER F 142 18.30 27.98 -15.40
C SER F 142 19.57 28.16 -14.58
N GLU F 143 19.50 28.95 -13.52
CA GLU F 143 20.67 29.19 -12.68
C GLU F 143 20.91 28.09 -11.64
N GLN F 144 22.18 27.75 -11.45
CA GLN F 144 22.57 26.74 -10.48
C GLN F 144 23.71 27.30 -9.64
N ALA F 145 23.59 27.22 -8.34
CA ALA F 145 24.64 27.74 -7.46
C ALA F 145 24.95 26.72 -6.38
N ILE F 146 26.23 26.46 -6.19
CA ILE F 146 26.68 25.50 -5.17
C ILE F 146 27.58 26.15 -4.13
N VAL F 147 27.28 25.90 -2.86
CA VAL F 147 28.06 26.42 -1.76
C VAL F 147 28.55 25.23 -0.94
N ALA F 148 29.86 25.12 -0.76
CA ALA F 148 30.44 24.02 0.01
C ALA F 148 30.90 24.59 1.33
N GLY F 149 31.07 23.73 2.34
CA GLY F 149 31.50 24.24 3.61
C GLY F 149 32.03 23.22 4.59
N ILE F 150 32.48 23.71 5.73
CA ILE F 150 33.00 22.86 6.78
C ILE F 150 32.52 23.45 8.10
N GLU F 151 32.32 22.58 9.09
CA GLU F 151 31.86 23.06 10.39
C GLU F 151 32.25 22.07 11.48
N GLY F 152 32.20 22.53 12.73
CA GLY F 152 32.53 21.69 13.86
C GLY F 152 34.01 21.37 14.03
N LEU F 153 34.87 22.09 13.31
CA LEU F 153 36.31 21.88 13.41
C LEU F 153 36.88 22.87 14.43
N THR F 154 37.07 22.40 15.66
CA THR F 154 37.56 23.24 16.74
C THR F 154 39.08 23.37 16.74
N VAL F 155 39.56 24.61 16.81
CA VAL F 155 40.98 24.90 16.80
C VAL F 155 41.36 25.84 17.94
N LEU F 156 42.62 25.78 18.35
CA LEU F 156 43.10 26.61 19.45
C LEU F 156 44.58 26.92 19.35
N LYS F 157 44.93 28.18 19.65
CA LYS F 157 46.31 28.65 19.68
C LYS F 157 46.53 29.04 21.12
N SER F 158 47.59 28.50 21.73
CA SER F 158 47.89 28.79 23.13
C SER F 158 48.67 30.09 23.30
N THR F 159 49.12 30.64 22.18
CA THR F 159 49.85 31.91 22.16
C THR F 159 49.81 32.43 20.72
N GLY F 160 50.50 33.52 20.44
CA GLY F 160 50.50 34.06 19.09
C GLY F 160 49.18 34.77 18.80
N SER F 161 48.63 35.37 19.85
CA SER F 161 47.36 36.09 19.76
C SER F 161 47.40 37.26 20.72
N GLU F 162 46.99 38.43 20.24
CA GLU F 162 46.96 39.64 21.06
C GLU F 162 45.64 40.36 20.82
N PHE F 163 45.32 41.31 21.70
CA PHE F 163 44.14 42.13 21.54
C PHE F 163 44.29 43.40 22.36
N HIS F 164 44.69 44.46 21.67
CA HIS F 164 44.89 45.75 22.32
C HIS F 164 44.59 46.87 21.32
N GLY F 165 44.47 48.09 21.83
CA GLY F 165 44.20 49.21 20.95
C GLY F 165 42.74 49.46 20.71
N PHE F 166 41.87 48.68 21.36
CA PHE F 166 40.43 48.87 21.20
C PHE F 166 40.01 50.10 22.00
N PRO F 167 38.94 50.78 21.57
CA PRO F 167 38.48 51.97 22.29
C PRO F 167 37.98 51.61 23.69
N ARG F 168 38.01 52.58 24.59
CA ARG F 168 37.56 52.34 25.95
C ARG F 168 36.51 53.35 26.36
N ASP F 169 35.28 52.87 26.55
CA ASP F 169 34.21 53.77 26.99
C ASP F 169 33.93 53.43 28.44
N LYS F 170 32.87 53.99 29.01
CA LYS F 170 32.54 53.75 30.40
C LYS F 170 32.17 52.31 30.74
N TYR F 171 31.87 51.49 29.75
CA TYR F 171 31.51 50.10 30.00
C TYR F 171 32.64 49.14 29.68
N THR F 172 33.82 49.69 29.41
CA THR F 172 34.99 48.88 29.09
C THR F 172 35.83 48.56 30.32
N THR F 173 36.07 47.27 30.54
CA THR F 173 36.85 46.79 31.67
C THR F 173 37.95 45.85 31.19
N LEU F 174 37.79 45.35 29.97
CA LEU F 174 38.75 44.41 29.38
C LEU F 174 40.16 44.96 29.37
N GLN F 175 41.10 44.16 29.88
CA GLN F 175 42.49 44.56 29.90
C GLN F 175 43.14 44.20 28.58
N GLU F 176 43.97 45.10 28.08
CA GLU F 176 44.69 44.88 26.84
C GLU F 176 45.69 43.76 27.08
N THR F 177 46.02 43.00 26.04
CA THR F 177 46.96 41.89 26.20
C THR F 177 47.75 41.62 24.95
N THR F 178 48.95 41.07 25.14
CA THR F 178 49.85 40.72 24.04
C THR F 178 50.05 39.20 24.00
N ASP F 179 49.33 38.49 24.84
CA ASP F 179 49.46 37.02 24.91
C ASP F 179 48.20 36.39 25.52
N ARG F 180 47.38 35.79 24.67
CA ARG F 180 46.15 35.15 25.14
C ARG F 180 45.87 33.91 24.29
N ILE F 181 44.92 33.10 24.74
CA ILE F 181 44.56 31.91 23.99
C ILE F 181 43.52 32.34 22.95
N LEU F 182 43.63 31.78 21.76
CA LEU F 182 42.68 32.07 20.69
C LEU F 182 42.09 30.72 20.29
N ALA F 183 40.82 30.52 20.63
CA ALA F 183 40.13 29.29 20.33
C ALA F 183 38.81 29.57 19.64
N THR F 184 38.49 28.77 18.63
CA THR F 184 37.24 28.96 17.89
C THR F 184 36.81 27.65 17.25
N ASP F 185 35.65 27.68 16.60
CA ASP F 185 35.12 26.53 15.88
C ASP F 185 35.06 27.02 14.45
N VAL F 186 35.87 26.44 13.57
CA VAL F 186 35.87 26.89 12.19
C VAL F 186 34.59 26.53 11.46
N SER F 187 33.82 27.55 11.12
CA SER F 187 32.59 27.37 10.37
C SER F 187 32.78 28.24 9.13
N ALA F 188 32.89 27.60 7.98
CA ALA F 188 33.11 28.32 6.73
C ALA F 188 32.31 27.73 5.57
N ARG F 189 31.87 28.61 4.68
CA ARG F 189 31.11 28.22 3.50
C ARG F 189 31.61 29.06 2.34
N TRP F 190 31.86 28.41 1.21
CA TRP F 190 32.35 29.10 0.03
C TRP F 190 31.53 28.76 -1.20
N ARG F 191 31.30 29.77 -2.04
CA ARG F 191 30.49 29.64 -3.25
C ARG F 191 31.33 29.45 -4.50
N TYR F 192 31.00 28.40 -5.25
CA TYR F 192 31.71 28.09 -6.50
C TYR F 192 31.11 28.89 -7.64
N ASN F 193 31.96 29.30 -8.58
CA ASN F 193 31.50 30.07 -9.74
C ASN F 193 31.30 29.18 -10.96
N THR F 194 31.39 27.87 -10.74
CA THR F 194 31.21 26.87 -11.80
C THR F 194 30.97 25.49 -11.20
N VAL F 195 30.35 24.60 -11.98
CA VAL F 195 30.10 23.25 -11.48
C VAL F 195 31.25 22.34 -11.87
N GLU F 196 32.11 22.82 -12.78
CA GLU F 196 33.26 22.04 -13.22
C GLU F 196 34.38 22.15 -12.19
N VAL F 197 34.16 21.54 -11.03
CA VAL F 197 35.13 21.58 -9.94
C VAL F 197 35.43 20.18 -9.41
N ASP F 198 36.66 19.96 -8.98
CA ASP F 198 37.05 18.68 -8.39
C ASP F 198 36.68 18.90 -6.92
N PHE F 199 35.38 18.73 -6.62
CA PHE F 199 34.87 18.96 -5.28
C PHE F 199 35.66 18.40 -4.10
N ASP F 200 36.04 17.12 -4.14
CA ASP F 200 36.80 16.55 -3.03
C ASP F 200 38.19 17.17 -2.86
N ALA F 201 38.85 17.49 -3.96
CA ALA F 201 40.18 18.09 -3.88
C ALA F 201 40.14 19.51 -3.33
N VAL F 202 39.20 20.31 -3.81
CA VAL F 202 39.09 21.67 -3.33
C VAL F 202 38.70 21.73 -1.86
N TYR F 203 37.85 20.81 -1.43
CA TYR F 203 37.46 20.78 -0.02
C TYR F 203 38.70 20.48 0.82
N ALA F 204 39.46 19.46 0.44
CA ALA F 204 40.66 19.12 1.19
C ALA F 204 41.63 20.29 1.20
N SER F 205 41.71 20.99 0.06
CA SER F 205 42.60 22.14 -0.05
C SER F 205 42.15 23.32 0.82
N VAL F 206 40.87 23.66 0.75
CA VAL F 206 40.33 24.76 1.53
C VAL F 206 40.56 24.48 3.02
N ARG F 207 40.19 23.28 3.44
CA ARG F 207 40.36 22.90 4.84
C ARG F 207 41.80 23.18 5.31
N GLY F 208 42.77 22.72 4.53
CA GLY F 208 44.17 22.92 4.89
C GLY F 208 44.63 24.36 4.88
N LEU F 209 44.02 25.19 4.03
CA LEU F 209 44.39 26.59 3.95
C LEU F 209 43.83 27.37 5.13
N LEU F 210 42.61 27.05 5.52
CA LEU F 210 41.98 27.71 6.65
C LEU F 210 42.79 27.41 7.92
N LEU F 211 43.15 26.15 8.08
CA LEU F 211 43.92 25.72 9.24
C LEU F 211 45.29 26.42 9.27
N LYS F 212 45.99 26.36 8.15
CA LYS F 212 47.31 26.97 8.03
C LYS F 212 47.27 28.46 8.39
N ALA F 213 46.32 29.19 7.83
CA ALA F 213 46.21 30.62 8.11
C ALA F 213 45.86 30.88 9.57
N PHE F 214 45.04 30.01 10.17
CA PHE F 214 44.68 30.21 11.57
C PHE F 214 45.92 30.03 12.44
N ALA F 215 46.64 28.94 12.20
CA ALA F 215 47.83 28.60 12.96
C ALA F 215 49.02 29.53 12.80
N GLU F 216 49.33 29.91 11.57
CA GLU F 216 50.51 30.74 11.30
C GLU F 216 50.35 32.25 11.33
N THR F 217 49.12 32.75 11.35
CA THR F 217 48.93 34.19 11.40
C THR F 217 49.08 34.70 12.84
N HIS F 218 49.99 35.65 13.06
CA HIS F 218 50.13 36.22 14.40
C HIS F 218 48.90 37.10 14.52
N SER F 219 47.93 36.66 15.31
CA SER F 219 46.67 37.38 15.44
C SER F 219 46.64 38.62 16.32
N LEU F 220 46.16 39.72 15.73
CA LEU F 220 46.01 40.97 16.46
C LEU F 220 44.52 41.16 16.78
N ALA F 221 43.72 40.23 16.26
CA ALA F 221 42.27 40.21 16.46
C ALA F 221 41.71 39.02 15.70
N LEU F 222 40.58 38.48 16.17
CA LEU F 222 39.98 37.33 15.50
C LEU F 222 39.56 37.81 14.11
N GLN F 223 39.18 39.07 14.00
CA GLN F 223 38.77 39.63 12.71
C GLN F 223 39.91 39.52 11.69
N GLN F 224 41.13 39.81 12.15
CA GLN F 224 42.31 39.78 11.29
C GLN F 224 42.65 38.36 10.87
N THR F 225 42.59 37.44 11.81
CA THR F 225 42.87 36.03 11.53
C THR F 225 41.87 35.52 10.50
N MET F 226 40.60 35.88 10.67
CA MET F 226 39.56 35.45 9.75
C MET F 226 39.80 35.98 8.34
N TYR F 227 40.20 37.24 8.26
CA TYR F 227 40.49 37.85 6.97
C TYR F 227 41.58 37.08 6.23
N GLU F 228 42.66 36.73 6.93
CA GLU F 228 43.77 35.99 6.33
C GLU F 228 43.35 34.60 5.88
N MET F 229 42.49 33.95 6.68
CA MET F 229 41.98 32.62 6.36
C MET F 229 41.20 32.70 5.05
N GLY F 230 40.39 33.75 4.92
CA GLY F 230 39.59 33.93 3.72
C GLY F 230 40.41 34.31 2.51
N ARG F 231 41.38 35.21 2.71
CA ARG F 231 42.24 35.66 1.63
C ARG F 231 43.00 34.49 1.03
N ALA F 232 43.49 33.61 1.89
CA ALA F 232 44.25 32.44 1.43
C ALA F 232 43.42 31.55 0.51
N VAL F 233 42.14 31.37 0.85
CA VAL F 233 41.25 30.55 0.03
C VAL F 233 41.00 31.17 -1.35
N ILE F 234 40.61 32.44 -1.37
CA ILE F 234 40.31 33.12 -2.62
C ILE F 234 41.53 33.23 -3.54
N GLU F 235 42.67 33.57 -2.95
CA GLU F 235 43.90 33.70 -3.75
C GLU F 235 44.30 32.37 -4.38
N THR F 236 43.98 31.26 -3.72
CA THR F 236 44.35 29.95 -4.23
C THR F 236 43.37 29.27 -5.20
N HIS F 237 42.07 29.52 -5.05
CA HIS F 237 41.08 28.84 -5.90
C HIS F 237 40.23 29.72 -6.83
N PRO F 238 40.53 29.72 -8.13
CA PRO F 238 39.80 30.50 -9.14
C PRO F 238 38.31 30.15 -9.20
N GLU F 239 37.96 28.91 -8.85
CA GLU F 239 36.57 28.48 -8.91
C GLU F 239 35.72 28.98 -7.73
N ILE F 240 36.35 29.66 -6.78
CA ILE F 240 35.61 30.18 -5.63
C ILE F 240 35.48 31.70 -5.76
N ASP F 241 34.27 32.22 -5.65
CA ASP F 241 34.08 33.67 -5.74
C ASP F 241 34.01 34.37 -4.39
N GLU F 242 33.70 33.62 -3.34
CA GLU F 242 33.63 34.21 -2.01
C GLU F 242 33.57 33.14 -0.94
N ILE F 243 33.94 33.51 0.28
CA ILE F 243 33.91 32.59 1.39
C ILE F 243 33.41 33.34 2.60
N LYS F 244 32.46 32.74 3.31
CA LYS F 244 31.91 33.34 4.51
C LYS F 244 32.35 32.51 5.71
N MET F 245 32.59 33.20 6.83
CA MET F 245 33.00 32.53 8.04
C MET F 245 32.26 33.10 9.23
N SER F 246 31.98 32.23 10.20
CA SER F 246 31.30 32.60 11.42
C SER F 246 32.15 31.94 12.49
N LEU F 247 32.98 32.74 13.15
CA LEU F 247 33.90 32.24 14.17
C LEU F 247 33.65 32.77 15.56
N PRO F 248 33.31 31.87 16.49
CA PRO F 248 33.07 32.30 17.88
C PRO F 248 34.41 32.44 18.59
N ASN F 249 34.49 33.37 19.54
CA ASN F 249 35.71 33.53 20.29
C ASN F 249 35.42 32.79 21.60
N LYS F 250 35.87 31.55 21.67
CA LYS F 250 35.64 30.72 22.85
C LYS F 250 36.63 31.09 23.94
N HIS F 251 36.14 31.86 24.90
CA HIS F 251 36.97 32.37 25.97
C HIS F 251 37.60 31.35 26.89
N HIS F 252 38.90 31.51 27.06
CA HIS F 252 39.70 30.69 27.95
C HIS F 252 40.28 31.71 28.94
N PHE F 253 39.61 31.86 30.08
CA PHE F 253 40.02 32.83 31.09
C PHE F 253 41.18 32.36 31.95
N LEU F 254 42.22 33.19 32.01
CA LEU F 254 43.39 32.90 32.83
C LEU F 254 42.93 33.07 34.27
N VAL F 255 42.86 31.97 35.00
CA VAL F 255 42.41 31.96 36.38
C VAL F 255 43.31 32.71 37.36
N ASP F 256 42.71 33.40 38.32
CA ASP F 256 43.46 34.13 39.33
C ASP F 256 43.77 33.15 40.46
N LEU F 257 45.03 32.75 40.56
CA LEU F 257 45.44 31.81 41.59
C LEU F 257 46.12 32.47 42.78
N GLN F 258 46.17 33.81 42.77
CA GLN F 258 46.80 34.55 43.85
C GLN F 258 46.16 34.27 45.22
N PRO F 259 44.83 34.10 45.27
CA PRO F 259 44.25 33.84 46.59
C PRO F 259 44.78 32.52 47.17
N PHE F 260 45.36 31.70 46.30
CA PHE F 260 45.87 30.39 46.71
C PHE F 260 47.39 30.40 46.86
N GLY F 261 47.97 31.60 46.81
CA GLY F 261 49.41 31.74 46.95
C GLY F 261 50.19 31.28 45.73
N GLN F 262 49.60 31.42 44.56
CA GLN F 262 50.29 31.01 43.33
C GLN F 262 50.15 32.07 42.25
N ASP F 263 51.05 32.02 41.27
CA ASP F 263 51.00 32.92 40.14
C ASP F 263 50.46 32.06 38.98
N ASN F 264 50.13 32.68 37.86
CA ASN F 264 49.60 31.93 36.73
C ASN F 264 50.19 32.48 35.44
N PRO F 265 51.40 32.03 35.09
CA PRO F 265 52.10 32.48 33.88
C PRO F 265 51.52 31.90 32.59
N ASN F 266 50.27 32.28 32.30
CA ASN F 266 49.56 31.85 31.10
C ASN F 266 49.46 30.34 30.96
N GLU F 267 49.19 29.67 32.09
CA GLU F 267 49.11 28.20 32.12
C GLU F 267 47.78 27.56 32.50
N VAL F 268 47.08 28.13 33.48
CA VAL F 268 45.81 27.57 33.95
C VAL F 268 44.60 28.37 33.50
N PHE F 269 43.73 27.72 32.71
CA PHE F 269 42.55 28.39 32.17
C PHE F 269 41.20 27.75 32.44
N TYR F 270 40.18 28.61 32.46
CA TYR F 270 38.79 28.21 32.63
C TYR F 270 38.16 28.38 31.24
N ALA F 271 37.68 27.29 30.65
CA ALA F 271 37.07 27.36 29.33
C ALA F 271 35.58 27.60 29.48
N ALA F 272 35.15 28.86 29.34
CA ALA F 272 33.76 29.23 29.49
C ALA F 272 32.89 28.85 28.30
N ASP F 273 31.65 28.44 28.58
CA ASP F 273 30.71 28.04 27.53
C ASP F 273 30.06 29.26 26.88
N ARG F 274 29.40 30.07 27.69
CA ARG F 274 28.73 31.26 27.21
C ARG F 274 28.91 32.37 28.24
N PRO F 275 28.92 33.63 27.80
CA PRO F 275 28.76 34.02 26.39
C PRO F 275 30.06 33.82 25.63
N TYR F 276 30.04 34.12 24.34
CA TYR F 276 31.23 33.99 23.52
C TYR F 276 31.16 35.03 22.42
N GLY F 277 32.31 35.51 21.99
CA GLY F 277 32.31 36.48 20.92
C GLY F 277 31.93 35.72 19.65
N LEU F 278 31.35 36.44 18.69
CA LEU F 278 30.98 35.84 17.42
C LEU F 278 31.40 36.85 16.36
N ILE F 279 32.46 36.50 15.64
CA ILE F 279 33.03 37.35 14.59
C ILE F 279 32.70 36.71 13.25
N GLU F 280 32.07 37.48 12.36
CA GLU F 280 31.68 36.95 11.06
C GLU F 280 32.00 37.89 9.90
N ALA F 281 32.35 37.33 8.75
CA ALA F 281 32.68 38.16 7.60
C ALA F 281 32.66 37.43 6.28
N THR F 282 32.63 38.22 5.20
CA THR F 282 32.63 37.68 3.86
C THR F 282 33.88 38.22 3.19
N ILE F 283 34.65 37.33 2.57
CA ILE F 283 35.85 37.74 1.86
C ILE F 283 35.52 37.36 0.42
N GLN F 284 35.53 38.35 -0.47
CA GLN F 284 35.17 38.10 -1.86
C GLN F 284 36.25 38.39 -2.88
N ARG F 285 36.10 37.77 -4.05
CA ARG F 285 37.01 37.99 -5.17
C ARG F 285 36.54 39.37 -5.64
N GLU F 286 37.47 40.26 -5.95
CA GLU F 286 37.07 41.60 -6.39
C GLU F 286 36.16 41.57 -7.62
N GLY F 287 35.09 42.35 -7.56
CA GLY F 287 34.17 42.41 -8.69
C GLY F 287 33.13 41.32 -8.76
N SER F 288 33.19 40.34 -7.87
CA SER F 288 32.22 39.25 -7.89
C SER F 288 30.87 39.71 -7.34
N ARG F 289 29.86 38.84 -7.47
CA ARG F 289 28.51 39.16 -7.03
C ARG F 289 28.45 39.54 -5.55
N ALA F 290 27.78 40.66 -5.27
CA ALA F 290 27.66 41.17 -3.91
C ALA F 290 26.82 40.36 -2.94
N ASP F 291 25.59 40.02 -3.34
CA ASP F 291 24.72 39.27 -2.44
C ASP F 291 23.90 38.19 -3.16
N HIS F 292 24.55 37.08 -3.45
CA HIS F 292 23.90 35.95 -4.13
C HIS F 292 22.75 35.45 -3.27
N PRO F 293 21.58 35.20 -3.88
CA PRO F 293 20.38 34.71 -3.18
C PRO F 293 20.58 33.43 -2.38
N ILE F 294 21.54 32.60 -2.78
CA ILE F 294 21.75 31.34 -2.07
C ILE F 294 22.02 31.53 -0.58
N TRP F 295 22.58 32.68 -0.21
CA TRP F 295 22.89 32.95 1.19
C TRP F 295 21.68 33.21 2.08
N SER F 296 20.55 33.53 1.46
CA SER F 296 19.34 33.79 2.23
C SER F 296 18.61 32.50 2.62
N ASN F 297 18.34 31.66 1.62
CA ASN F 297 17.66 30.38 1.84
C ASN F 297 16.18 30.54 2.17
N THR G 11 43.21 37.11 -7.58
CA THR G 11 44.37 37.92 -7.15
C THR G 11 43.97 38.99 -6.13
N LYS G 12 43.01 39.84 -6.51
CA LYS G 12 42.54 40.90 -5.62
C LYS G 12 41.39 40.41 -4.73
N VAL G 13 41.57 40.58 -3.43
CA VAL G 13 40.57 40.15 -2.46
C VAL G 13 39.92 41.35 -1.78
N VAL G 14 38.63 41.23 -1.47
CA VAL G 14 37.91 42.32 -0.84
C VAL G 14 37.09 41.88 0.37
N LEU G 15 37.07 42.73 1.40
CA LEU G 15 36.30 42.47 2.60
C LEU G 15 34.85 42.83 2.25
N GLY G 16 33.93 41.90 2.46
CA GLY G 16 32.53 42.16 2.17
C GLY G 16 31.75 42.41 3.45
N GLN G 17 30.50 41.94 3.48
CA GLN G 17 29.67 42.14 4.66
C GLN G 17 30.36 41.49 5.85
N ASN G 18 30.18 42.09 7.02
CA ASN G 18 30.77 41.59 8.24
C ASN G 18 30.04 42.17 9.43
N GLN G 19 30.13 41.48 10.55
CA GLN G 19 29.51 41.89 11.79
C GLN G 19 30.17 41.12 12.89
N TYR G 20 30.11 41.64 14.12
CA TYR G 20 30.75 40.98 15.25
C TYR G 20 30.17 41.49 16.55
N GLY G 21 30.30 40.68 17.59
CA GLY G 21 29.80 41.09 18.90
C GLY G 21 29.87 39.94 19.89
N LYS G 22 29.07 40.04 20.94
CA LYS G 22 29.01 39.00 21.96
C LYS G 22 27.70 38.25 21.81
N ALA G 23 27.80 36.92 21.71
CA ALA G 23 26.61 36.10 21.55
C ALA G 23 26.25 35.35 22.82
N GLU G 24 24.94 35.14 23.00
CA GLU G 24 24.39 34.41 24.12
C GLU G 24 24.78 34.88 25.51
N VAL G 25 24.48 36.14 25.78
CA VAL G 25 24.74 36.72 27.09
C VAL G 25 23.48 36.36 27.87
N ARG G 26 23.62 35.49 28.88
CA ARG G 26 22.49 35.05 29.70
C ARG G 26 22.23 36.02 30.84
N LEU G 27 21.06 36.64 30.80
CA LEU G 27 20.68 37.62 31.79
C LEU G 27 19.38 37.30 32.52
N VAL G 28 19.41 37.46 33.83
CA VAL G 28 18.23 37.26 34.64
C VAL G 28 18.09 38.55 35.43
N LYS G 29 16.96 39.24 35.23
CA LYS G 29 16.69 40.50 35.93
C LYS G 29 15.56 40.26 36.91
N VAL G 30 15.82 40.54 38.19
CA VAL G 30 14.81 40.37 39.22
C VAL G 30 14.25 41.71 39.63
N THR G 31 12.93 41.84 39.60
CA THR G 31 12.30 43.09 40.04
C THR G 31 11.82 42.81 41.45
N ARG G 32 12.33 43.55 42.42
CA ARG G 32 11.92 43.32 43.80
C ARG G 32 11.65 44.61 44.57
N ASN G 33 10.86 45.50 43.96
CA ASN G 33 10.48 46.76 44.60
C ASN G 33 9.67 46.37 45.83
N THR G 34 8.74 45.45 45.62
CA THR G 34 7.88 44.95 46.68
C THR G 34 8.30 43.53 47.04
N ALA G 35 7.47 42.85 47.82
CA ALA G 35 7.75 41.47 48.22
C ALA G 35 7.37 40.54 47.08
N ARG G 36 6.57 41.07 46.15
CA ARG G 36 6.12 40.33 44.97
C ARG G 36 7.20 40.43 43.89
N HIS G 37 8.14 39.50 43.92
CA HIS G 37 9.22 39.52 42.94
C HIS G 37 8.78 39.14 41.54
N GLU G 38 9.47 39.71 40.55
CA GLU G 38 9.21 39.46 39.13
C GLU G 38 10.52 39.00 38.49
N ILE G 39 10.42 38.13 37.51
CA ILE G 39 11.59 37.61 36.83
C ILE G 39 11.52 37.82 35.31
N GLN G 40 12.64 38.25 34.73
CA GLN G 40 12.78 38.43 33.29
C GLN G 40 14.05 37.65 32.99
N ASP G 41 13.97 36.73 32.04
CA ASP G 41 15.08 35.85 31.71
C ASP G 41 15.40 35.90 30.21
N LEU G 42 16.57 36.39 29.85
CA LEU G 42 16.94 36.53 28.44
C LEU G 42 18.28 35.93 28.03
N ASN G 43 18.42 35.65 26.74
CA ASN G 43 19.66 35.15 26.16
C ASN G 43 19.86 36.19 25.06
N VAL G 44 20.80 37.11 25.28
CA VAL G 44 21.04 38.23 24.36
C VAL G 44 22.29 38.16 23.50
N THR G 45 22.13 38.50 22.22
CA THR G 45 23.25 38.52 21.29
C THR G 45 23.33 39.93 20.68
N SER G 46 24.53 40.51 20.71
CA SER G 46 24.75 41.85 20.18
C SER G 46 25.83 41.83 19.12
N GLN G 47 25.52 42.37 17.94
CA GLN G 47 26.50 42.42 16.86
C GLN G 47 26.44 43.77 16.15
N LEU G 48 27.63 44.33 15.89
CA LEU G 48 27.75 45.63 15.26
C LEU G 48 28.21 45.57 13.80
N ARG G 49 27.78 46.59 13.06
CA ARG G 49 28.13 46.73 11.64
C ARG G 49 28.62 48.17 11.43
N GLY G 50 29.55 48.35 10.51
CA GLY G 50 30.08 49.67 10.24
C GLY G 50 31.41 49.58 9.52
N ASP G 51 32.29 50.54 9.77
CA ASP G 51 33.61 50.52 9.12
C ASP G 51 34.62 49.77 9.96
N PHE G 52 34.83 48.49 9.64
CA PHE G 52 35.79 47.66 10.36
C PHE G 52 36.85 47.15 9.40
N GLU G 53 37.06 47.88 8.31
CA GLU G 53 38.02 47.52 7.28
C GLU G 53 39.42 47.31 7.86
N ALA G 54 39.94 48.31 8.56
CA ALA G 54 41.28 48.23 9.15
C ALA G 54 41.44 47.09 10.15
N ALA G 55 40.40 46.82 10.91
CA ALA G 55 40.46 45.75 11.90
C ALA G 55 40.72 44.41 11.20
N HIS G 56 40.04 44.18 10.08
CA HIS G 56 40.21 42.94 9.35
C HIS G 56 41.50 42.85 8.53
N THR G 57 41.81 43.89 7.77
CA THR G 57 42.99 43.87 6.92
C THR G 57 44.34 44.16 7.58
N ALA G 58 44.33 44.90 8.69
CA ALA G 58 45.59 45.26 9.35
C ALA G 58 45.62 45.01 10.85
N GLY G 59 44.52 44.53 11.42
CA GLY G 59 44.50 44.29 12.85
C GLY G 59 44.49 45.57 13.66
N ASP G 60 44.01 46.66 13.05
CA ASP G 60 43.94 47.95 13.74
C ASP G 60 42.60 47.94 14.48
N ASN G 61 42.65 47.84 15.81
CA ASN G 61 41.42 47.77 16.59
C ASN G 61 40.83 49.08 17.07
N ALA G 62 41.29 50.19 16.50
CA ALA G 62 40.79 51.50 16.88
C ALA G 62 39.25 51.58 16.83
N HIS G 63 38.62 50.86 15.90
CA HIS G 63 37.17 50.89 15.78
C HIS G 63 36.46 49.70 16.44
N VAL G 64 37.23 48.76 16.98
CA VAL G 64 36.64 47.57 17.58
C VAL G 64 36.19 47.68 19.02
N VAL G 65 34.91 47.99 19.22
CA VAL G 65 34.36 48.05 20.56
C VAL G 65 34.37 46.59 21.00
N ALA G 66 35.17 46.29 22.02
CA ALA G 66 35.33 44.93 22.52
C ALA G 66 34.01 44.20 22.74
N THR G 67 34.00 42.91 22.42
CA THR G 67 32.81 42.10 22.61
C THR G 67 32.59 42.05 24.12
N ASP G 68 33.67 42.09 24.89
CA ASP G 68 33.55 42.07 26.34
C ASP G 68 32.82 43.34 26.76
N THR G 69 33.06 44.43 26.03
CA THR G 69 32.43 45.71 26.33
C THR G 69 30.94 45.67 26.00
N GLN G 70 30.59 44.99 24.91
CA GLN G 70 29.20 44.87 24.53
C GLN G 70 28.47 44.06 25.60
N LYS G 71 29.12 43.03 26.10
CA LYS G 71 28.54 42.20 27.15
C LYS G 71 28.25 43.06 28.39
N ASN G 72 29.23 43.85 28.82
CA ASN G 72 29.06 44.71 30.00
C ASN G 72 27.89 45.67 29.84
N THR G 73 27.73 46.20 28.63
CA THR G 73 26.67 47.15 28.34
C THR G 73 25.30 46.50 28.55
N VAL G 74 25.17 45.24 28.14
CA VAL G 74 23.92 44.51 28.30
C VAL G 74 23.52 44.46 29.79
N TYR G 75 24.46 44.08 30.65
CA TYR G 75 24.19 43.99 32.08
C TYR G 75 23.97 45.37 32.71
N ALA G 76 24.83 46.31 32.35
CA ALA G 76 24.72 47.67 32.87
C ALA G 76 23.34 48.22 32.55
N PHE G 77 22.90 48.02 31.30
CA PHE G 77 21.59 48.51 30.87
C PHE G 77 20.43 47.80 31.55
N ALA G 78 20.62 46.54 31.92
CA ALA G 78 19.55 45.78 32.58
C ALA G 78 19.23 46.34 33.97
N ARG G 79 20.19 47.03 34.57
CA ARG G 79 19.98 47.60 35.90
C ARG G 79 18.82 48.57 35.95
N ASP G 80 18.63 49.32 34.87
CA ASP G 80 17.57 50.31 34.80
C ASP G 80 16.19 49.69 34.63
N GLY G 81 16.15 48.43 34.25
CA GLY G 81 14.87 47.79 34.05
C GLY G 81 14.34 48.05 32.66
N PHE G 82 13.43 47.20 32.22
CA PHE G 82 12.84 47.30 30.89
C PHE G 82 11.48 46.63 30.89
N ALA G 83 10.50 47.25 30.22
CA ALA G 83 9.16 46.70 30.18
C ALA G 83 9.07 45.46 29.30
N THR G 84 9.70 45.49 28.14
CA THR G 84 9.67 44.35 27.23
C THR G 84 11.05 44.06 26.66
N THR G 85 11.19 42.86 26.11
CA THR G 85 12.44 42.43 25.50
C THR G 85 12.79 43.34 24.33
N GLU G 86 11.79 43.67 23.51
CA GLU G 86 12.03 44.55 22.36
C GLU G 86 12.53 45.93 22.79
N GLU G 87 11.98 46.46 23.87
CA GLU G 87 12.40 47.77 24.36
C GLU G 87 13.87 47.73 24.77
N PHE G 88 14.25 46.65 25.45
CA PHE G 88 15.61 46.48 25.89
C PHE G 88 16.54 46.50 24.67
N LEU G 89 16.17 45.75 23.63
CA LEU G 89 16.98 45.69 22.42
C LEU G 89 17.07 47.06 21.76
N LEU G 90 15.94 47.77 21.70
CA LEU G 90 15.91 49.09 21.09
C LEU G 90 16.92 50.01 21.76
N ARG G 91 17.03 49.90 23.08
CA ARG G 91 17.96 50.72 23.84
C ARG G 91 19.42 50.38 23.52
N LEU G 92 19.71 49.08 23.39
CA LEU G 92 21.07 48.64 23.07
C LEU G 92 21.47 49.13 21.67
N GLY G 93 20.56 49.00 20.71
CA GLY G 93 20.85 49.42 19.36
C GLY G 93 21.11 50.90 19.24
N LYS G 94 20.27 51.71 19.87
CA LYS G 94 20.45 53.15 19.83
C LYS G 94 21.77 53.55 20.48
N HIS G 95 22.13 52.91 21.57
CA HIS G 95 23.38 53.21 22.26
C HIS G 95 24.61 53.02 21.36
N PHE G 96 24.74 51.84 20.75
CA PHE G 96 25.89 51.53 19.90
C PHE G 96 25.98 52.31 18.59
N THR G 97 24.86 52.51 17.93
CA THR G 97 24.88 53.24 16.66
C THR G 97 25.16 54.73 16.89
N GLU G 98 24.54 55.30 17.92
CA GLU G 98 24.72 56.71 18.23
C GLU G 98 25.99 57.00 19.02
N GLY G 99 26.45 56.01 19.79
CA GLY G 99 27.64 56.20 20.59
C GLY G 99 28.96 56.13 19.84
N PHE G 100 28.95 55.55 18.65
CA PHE G 100 30.17 55.42 17.85
C PHE G 100 29.93 55.78 16.40
N ASP G 101 30.68 56.75 15.90
CA ASP G 101 30.54 57.21 14.53
C ASP G 101 30.79 56.15 13.46
N TRP G 102 31.76 55.28 13.71
CA TRP G 102 32.08 54.23 12.75
C TRP G 102 31.09 53.06 12.77
N VAL G 103 30.20 53.05 13.76
CA VAL G 103 29.18 52.01 13.88
C VAL G 103 27.89 52.52 13.25
N THR G 104 27.56 52.00 12.07
CA THR G 104 26.38 52.44 11.33
C THR G 104 25.13 51.60 11.54
N GLY G 105 25.28 50.46 12.20
CA GLY G 105 24.13 49.62 12.43
C GLY G 105 24.49 48.35 13.17
N GLY G 106 23.62 47.36 13.09
CA GLY G 106 23.88 46.10 13.74
C GLY G 106 22.64 45.24 13.87
N ARG G 107 22.81 44.14 14.57
CA ARG G 107 21.74 43.18 14.79
C ARG G 107 21.78 42.75 16.25
N TRP G 108 20.69 42.98 16.95
CA TRP G 108 20.58 42.60 18.35
C TRP G 108 19.42 41.64 18.49
N ALA G 109 19.67 40.48 19.08
CA ALA G 109 18.64 39.48 19.22
C ALA G 109 18.57 38.92 20.63
N ALA G 110 17.38 38.42 20.99
CA ALA G 110 17.19 37.83 22.30
C ALA G 110 16.13 36.75 22.30
N GLN G 111 16.33 35.79 23.19
CA GLN G 111 15.39 34.70 23.40
C GLN G 111 14.88 35.06 24.78
N GLN G 112 13.57 34.92 24.99
CA GLN G 112 12.99 35.23 26.29
C GLN G 112 12.41 33.92 26.81
N PHE G 113 12.77 33.56 28.04
CA PHE G 113 12.30 32.32 28.66
C PHE G 113 11.23 32.65 29.69
N PHE G 114 10.19 31.84 29.76
CA PHE G 114 9.10 32.08 30.68
C PHE G 114 9.16 31.34 32.00
N TRP G 115 8.63 31.99 33.04
CA TRP G 115 8.59 31.43 34.38
C TRP G 115 7.19 31.57 34.95
N ASP G 116 6.77 30.58 35.75
CA ASP G 116 5.47 30.61 36.40
C ASP G 116 5.74 30.53 37.89
N ARG G 117 4.93 31.21 38.69
CA ARG G 117 5.11 31.16 40.14
C ARG G 117 4.70 29.78 40.62
N ILE G 118 5.35 29.33 41.68
CA ILE G 118 5.02 28.04 42.28
C ILE G 118 3.87 28.35 43.25
N ASN G 119 2.65 27.97 42.85
CA ASN G 119 1.46 28.23 43.65
C ASN G 119 1.37 29.68 44.11
N ASP G 120 1.52 30.59 43.15
CA ASP G 120 1.44 32.02 43.41
C ASP G 120 2.43 32.57 44.43
N HIS G 121 3.51 31.83 44.70
CA HIS G 121 4.52 32.27 45.65
C HIS G 121 5.12 33.61 45.24
N ASP G 122 5.45 34.46 46.22
CA ASP G 122 6.03 35.79 45.95
C ASP G 122 7.41 35.78 45.29
N HIS G 123 8.25 34.80 45.62
CA HIS G 123 9.59 34.74 45.03
C HIS G 123 10.12 33.35 44.70
N ALA G 124 9.23 32.43 44.31
CA ALA G 124 9.66 31.08 43.94
C ALA G 124 8.95 30.74 42.64
N PHE G 125 9.73 30.37 41.62
CA PHE G 125 9.17 30.09 40.31
C PHE G 125 9.65 28.78 39.67
N SER G 126 8.87 28.30 38.69
CA SER G 126 9.23 27.10 37.96
C SER G 126 9.22 27.51 36.50
N ARG G 127 10.17 26.95 35.74
CA ARG G 127 10.32 27.27 34.34
C ARG G 127 9.25 26.67 33.43
N ASN G 128 8.71 27.49 32.54
CA ASN G 128 7.72 27.04 31.56
C ASN G 128 8.53 26.88 30.27
N LYS G 129 8.89 25.63 29.96
CA LYS G 129 9.70 25.33 28.78
C LYS G 129 8.94 25.02 27.50
N SER G 130 7.63 25.15 27.52
CA SER G 130 6.82 24.81 26.36
C SER G 130 6.97 25.68 25.12
N GLU G 131 7.58 26.85 25.26
CA GLU G 131 7.78 27.74 24.12
C GLU G 131 8.85 28.77 24.46
N VAL G 132 9.48 29.33 23.45
CA VAL G 132 10.50 30.36 23.64
C VAL G 132 10.16 31.54 22.75
N ARG G 133 10.18 32.73 23.35
CA ARG G 133 9.87 33.94 22.62
C ARG G 133 11.16 34.54 22.09
N THR G 134 11.13 35.06 20.88
CA THR G 134 12.33 35.67 20.32
C THR G 134 12.04 37.06 19.77
N ALA G 135 13.09 37.88 19.70
CA ALA G 135 12.99 39.22 19.17
C ALA G 135 14.30 39.57 18.51
N VAL G 136 14.24 40.23 17.36
CA VAL G 136 15.48 40.63 16.69
C VAL G 136 15.33 42.06 16.20
N LEU G 137 16.34 42.86 16.47
CA LEU G 137 16.34 44.25 16.05
C LEU G 137 17.50 44.50 15.11
N GLU G 138 17.19 45.00 13.92
CA GLU G 138 18.26 45.31 12.98
C GLU G 138 18.21 46.79 12.66
N ILE G 139 19.38 47.44 12.75
CA ILE G 139 19.47 48.86 12.46
C ILE G 139 20.44 49.06 11.30
N SER G 140 20.07 49.92 10.37
CA SER G 140 20.89 50.24 9.21
C SER G 140 20.79 51.74 8.98
N GLY G 141 21.79 52.47 9.47
CA GLY G 141 21.77 53.92 9.32
C GLY G 141 20.57 54.50 10.04
N SER G 142 19.72 55.19 9.29
CA SER G 142 18.52 55.82 9.83
C SER G 142 17.34 54.86 10.03
N GLU G 143 17.35 53.75 9.29
CA GLU G 143 16.27 52.77 9.36
C GLU G 143 16.48 51.69 10.42
N GLN G 144 15.37 51.14 10.92
CA GLN G 144 15.43 50.08 11.91
C GLN G 144 14.15 49.24 11.82
N ALA G 145 14.26 47.96 12.18
CA ALA G 145 13.12 47.06 12.12
C ALA G 145 13.18 45.98 13.18
N ILE G 146 12.01 45.51 13.59
CA ILE G 146 11.93 44.47 14.60
C ILE G 146 11.11 43.29 14.11
N VAL G 147 11.61 42.10 14.42
CA VAL G 147 10.93 40.86 14.07
C VAL G 147 10.78 40.11 15.37
N ALA G 148 9.55 39.77 15.74
CA ALA G 148 9.32 39.01 16.95
C ALA G 148 8.96 37.61 16.50
N GLY G 149 9.03 36.65 17.41
CA GLY G 149 8.69 35.30 17.01
C GLY G 149 8.48 34.35 18.17
N ILE G 150 8.19 33.10 17.82
CA ILE G 150 7.99 32.06 18.80
C ILE G 150 8.60 30.80 18.23
N GLU G 151 9.11 29.93 19.09
CA GLU G 151 9.73 28.69 18.65
C GLU G 151 9.64 27.62 19.74
N GLY G 152 9.82 26.36 19.36
CA GLY G 152 9.79 25.28 20.33
C GLY G 152 8.41 24.92 20.87
N LEU G 153 7.37 25.45 20.23
CA LEU G 153 6.02 25.15 20.66
C LEU G 153 5.52 23.95 19.85
N THR G 154 5.55 22.78 20.46
CA THR G 154 5.14 21.55 19.79
C THR G 154 3.64 21.31 19.88
N VAL G 155 3.01 21.10 18.72
CA VAL G 155 1.57 20.86 18.67
C VAL G 155 1.22 19.59 17.93
N LEU G 156 0.01 19.10 18.15
CA LEU G 156 -0.45 17.87 17.51
C LEU G 156 -1.97 17.76 17.44
N LYS G 157 -2.45 17.26 16.30
CA LYS G 157 -3.87 17.01 16.08
C LYS G 157 -3.93 15.50 15.87
N SER G 158 -4.75 14.81 16.64
CA SER G 158 -4.88 13.36 16.52
C SER G 158 -5.82 12.97 15.36
N THR G 159 -6.53 13.95 14.84
CA THR G 159 -7.42 13.74 13.70
C THR G 159 -7.70 15.10 13.06
N GLY G 160 -8.53 15.12 12.02
CA GLY G 160 -8.81 16.37 11.36
C GLY G 160 -7.66 16.79 10.45
N SER G 161 -7.00 15.78 9.89
CA SER G 161 -5.88 15.99 8.98
C SER G 161 -5.95 14.93 7.89
N GLU G 162 -5.79 15.36 6.65
CA GLU G 162 -5.82 14.48 5.50
C GLU G 162 -4.68 14.86 4.56
N PHE G 163 -4.35 13.97 3.64
CA PHE G 163 -3.35 14.25 2.62
C PHE G 163 -3.61 13.31 1.45
N HIS G 164 -4.20 13.86 0.39
CA HIS G 164 -4.51 13.08 -0.78
C HIS G 164 -4.54 13.97 -2.03
N GLY G 165 -4.65 13.34 -3.20
CA GLY G 165 -4.68 14.09 -4.43
C GLY G 165 -3.32 14.55 -4.93
N PHE G 166 -2.24 14.03 -4.36
CA PHE G 166 -0.90 14.40 -4.81
C PHE G 166 -0.55 13.52 -6.01
N PRO G 167 0.37 13.98 -6.88
CA PRO G 167 0.75 13.21 -8.05
C PRO G 167 1.51 11.95 -7.65
N ARG G 168 1.30 10.86 -8.39
CA ARG G 168 1.99 9.62 -8.10
C ARG G 168 3.00 9.36 -9.19
N ASP G 169 4.22 9.85 -9.00
CA ASP G 169 5.27 9.68 -9.99
C ASP G 169 5.91 8.30 -9.82
N LYS G 170 6.95 8.01 -10.61
CA LYS G 170 7.58 6.69 -10.55
C LYS G 170 8.23 6.27 -9.24
N TYR G 171 8.44 7.20 -8.32
CA TYR G 171 9.05 6.89 -7.03
C TYR G 171 8.08 7.09 -5.88
N THR G 172 6.79 7.27 -6.20
CA THR G 172 5.80 7.50 -5.17
C THR G 172 5.17 6.22 -4.63
N THR G 173 5.23 6.06 -3.30
CA THR G 173 4.67 4.89 -2.63
C THR G 173 3.67 5.31 -1.56
N LEU G 174 3.70 6.58 -1.16
CA LEU G 174 2.79 7.09 -0.14
C LEU G 174 1.34 6.88 -0.56
N GLN G 175 0.53 6.34 0.33
CA GLN G 175 -0.88 6.13 0.04
C GLN G 175 -1.70 7.33 0.49
N GLU G 176 -2.80 7.60 -0.20
CA GLU G 176 -3.68 8.70 0.16
C GLU G 176 -4.34 8.37 1.51
N THR G 177 -4.65 9.39 2.30
CA THR G 177 -5.32 9.13 3.58
C THR G 177 -6.26 10.27 3.94
N THR G 178 -7.38 9.94 4.60
CA THR G 178 -8.32 10.98 5.01
C THR G 178 -8.31 11.13 6.53
N ASP G 179 -7.38 10.45 7.19
CA ASP G 179 -7.27 10.53 8.65
C ASP G 179 -5.84 10.20 9.09
N ARG G 180 -5.12 11.21 9.54
CA ARG G 180 -3.75 11.00 10.00
C ARG G 180 -3.48 12.00 11.12
N ILE G 181 -2.39 11.78 11.83
CA ILE G 181 -1.98 12.70 12.88
C ILE G 181 -1.19 13.80 12.19
N LEU G 182 -1.35 15.04 12.67
CA LEU G 182 -0.61 16.16 12.14
C LEU G 182 0.12 16.77 13.32
N ALA G 183 1.44 16.59 13.37
CA ALA G 183 2.24 17.12 14.47
C ALA G 183 3.39 17.97 13.94
N THR G 184 3.63 19.10 14.58
CA THR G 184 4.73 19.96 14.15
C THR G 184 5.28 20.78 15.32
N ASP G 185 6.36 21.53 15.05
CA ASP G 185 6.96 22.40 16.05
C ASP G 185 6.69 23.78 15.50
N VAL G 186 5.89 24.57 16.18
CA VAL G 186 5.58 25.90 15.71
C VAL G 186 6.76 26.84 15.82
N SER G 187 7.28 27.25 14.66
CA SER G 187 8.39 28.17 14.60
C SER G 187 7.89 29.28 13.67
N ALA G 188 7.65 30.45 14.24
CA ALA G 188 7.13 31.57 13.46
C ALA G 188 7.79 32.89 13.82
N ARG G 189 7.97 33.74 12.83
CA ARG G 189 8.60 35.05 13.00
C ARG G 189 7.87 36.09 12.16
N TRP G 190 7.48 37.20 12.78
CA TRP G 190 6.76 38.25 12.07
C TRP G 190 7.43 39.61 12.18
N ARG G 191 7.38 40.37 11.10
CA ARG G 191 7.99 41.69 11.02
C ARG G 191 6.98 42.81 11.23
N TYR G 192 7.27 43.69 12.18
CA TYR G 192 6.39 44.82 12.46
C TYR G 192 6.72 45.96 11.50
N ASN G 193 5.70 46.73 11.11
CA ASN G 193 5.92 47.84 10.21
C ASN G 193 6.07 49.15 10.97
N THR G 194 6.08 49.06 12.30
CA THR G 194 6.25 50.20 13.19
C THR G 194 6.86 49.72 14.49
N VAL G 195 7.62 50.59 15.16
CA VAL G 195 8.25 50.20 16.42
C VAL G 195 7.30 50.51 17.57
N GLU G 196 6.21 51.21 17.26
CA GLU G 196 5.22 51.56 18.26
C GLU G 196 4.22 50.42 18.36
N VAL G 197 4.56 49.43 19.16
CA VAL G 197 3.71 48.25 19.33
C VAL G 197 3.67 47.78 20.78
N ASP G 198 2.50 47.31 21.21
CA ASP G 198 2.38 46.76 22.54
C ASP G 198 2.94 45.35 22.35
N PHE G 199 4.26 45.26 22.35
CA PHE G 199 4.95 43.99 22.13
C PHE G 199 4.41 42.77 22.86
N ASP G 200 4.16 42.89 24.15
CA ASP G 200 3.64 41.75 24.92
C ASP G 200 2.23 41.35 24.51
N ALA G 201 1.37 42.34 24.23
CA ALA G 201 0.00 42.06 23.83
C ALA G 201 -0.06 41.37 22.47
N VAL G 202 0.72 41.85 21.52
CA VAL G 202 0.72 41.25 20.19
C VAL G 202 1.28 39.84 20.22
N TYR G 203 2.35 39.63 20.99
CA TYR G 203 2.93 38.29 21.09
C TYR G 203 1.89 37.27 21.58
N ALA G 204 1.13 37.64 22.62
CA ALA G 204 0.13 36.75 23.18
C ALA G 204 -0.99 36.50 22.17
N SER G 205 -1.37 37.56 21.47
CA SER G 205 -2.42 37.47 20.47
C SER G 205 -2.00 36.59 19.31
N VAL G 206 -0.78 36.81 18.80
CA VAL G 206 -0.27 36.03 17.69
C VAL G 206 -0.16 34.56 18.07
N ARG G 207 0.36 34.29 19.25
CA ARG G 207 0.50 32.90 19.71
C ARG G 207 -0.87 32.24 19.68
N GLY G 208 -1.87 32.96 20.20
CA GLY G 208 -3.22 32.43 20.24
C GLY G 208 -3.80 32.19 18.86
N LEU G 209 -3.59 33.12 17.95
CA LEU G 209 -4.12 32.99 16.59
C LEU G 209 -3.51 31.79 15.88
N LEU G 210 -2.21 31.57 16.07
CA LEU G 210 -1.51 30.45 15.44
C LEU G 210 -2.07 29.13 15.94
N LEU G 211 -2.18 28.99 17.26
CA LEU G 211 -2.70 27.76 17.84
C LEU G 211 -4.15 27.53 17.45
N LYS G 212 -4.93 28.60 17.33
CA LYS G 212 -6.33 28.45 16.96
C LYS G 212 -6.43 27.95 15.52
N ALA G 213 -5.69 28.58 14.61
CA ALA G 213 -5.74 28.16 13.21
C ALA G 213 -5.22 26.74 13.03
N PHE G 214 -4.19 26.36 13.79
CA PHE G 214 -3.65 25.01 13.68
C PHE G 214 -4.71 23.99 14.12
N ALA G 215 -5.33 24.26 15.26
CA ALA G 215 -6.32 23.37 15.83
C ALA G 215 -7.67 23.30 15.13
N GLU G 216 -8.17 24.44 14.65
CA GLU G 216 -9.49 24.47 14.04
C GLU G 216 -9.58 24.28 12.53
N THR G 217 -8.45 24.35 11.83
CA THR G 217 -8.46 24.18 10.39
C THR G 217 -8.45 22.69 10.05
N HIS G 218 -9.42 22.25 9.27
CA HIS G 218 -9.45 20.85 8.87
C HIS G 218 -8.38 20.82 7.78
N SER G 219 -7.23 20.26 8.14
CA SER G 219 -6.07 20.20 7.26
C SER G 219 -6.10 19.21 6.09
N LEU G 220 -5.86 19.74 4.89
CA LEU G 220 -5.80 18.91 3.69
C LEU G 220 -4.33 18.85 3.26
N ALA G 221 -3.49 19.56 4.02
CA ALA G 221 -2.05 19.63 3.79
C ALA G 221 -1.44 20.56 4.84
N LEU G 222 -0.20 20.28 5.24
CA LEU G 222 0.47 21.14 6.22
C LEU G 222 0.60 22.52 5.61
N GLN G 223 0.78 22.56 4.28
CA GLN G 223 0.90 23.83 3.56
C GLN G 223 -0.35 24.68 3.80
N GLN G 224 -1.52 24.07 3.70
CA GLN G 224 -2.79 24.77 3.89
C GLN G 224 -2.96 25.21 5.35
N THR G 225 -2.59 24.36 6.29
CA THR G 225 -2.70 24.71 7.71
C THR G 225 -1.81 25.93 7.99
N MET G 226 -0.60 25.91 7.45
CA MET G 226 0.34 26.99 7.65
C MET G 226 -0.21 28.30 7.08
N TYR G 227 -0.77 28.21 5.87
CA TYR G 227 -1.33 29.38 5.22
C TYR G 227 -2.42 30.00 6.10
N GLU G 228 -3.33 29.18 6.62
CA GLU G 228 -4.40 29.69 7.48
C GLU G 228 -3.84 30.31 8.76
N MET G 229 -2.76 29.75 9.29
CA MET G 229 -2.15 30.28 10.50
C MET G 229 -1.63 31.69 10.24
N GLY G 230 -0.93 31.87 9.12
CA GLY G 230 -0.38 33.17 8.78
C GLY G 230 -1.46 34.17 8.40
N ARG G 231 -2.52 33.69 7.75
CA ARG G 231 -3.61 34.56 7.34
C ARG G 231 -4.33 35.17 8.54
N ALA G 232 -4.53 34.37 9.58
CA ALA G 232 -5.21 34.85 10.78
C ALA G 232 -4.41 36.01 11.40
N VAL G 233 -3.09 35.86 11.42
CA VAL G 233 -2.20 36.89 11.99
C VAL G 233 -2.24 38.20 11.19
N ILE G 234 -2.00 38.11 9.89
CA ILE G 234 -2.01 39.29 9.05
C ILE G 234 -3.36 40.01 9.07
N GLU G 235 -4.44 39.26 9.09
CA GLU G 235 -5.77 39.85 9.11
C GLU G 235 -6.12 40.50 10.45
N THR G 236 -5.56 39.97 11.53
CA THR G 236 -5.82 40.50 12.87
C THR G 236 -4.91 41.66 13.29
N HIS G 237 -3.66 41.68 12.81
CA HIS G 237 -2.75 42.73 13.21
C HIS G 237 -2.20 43.64 12.12
N PRO G 238 -2.67 44.90 12.08
CA PRO G 238 -2.28 45.93 11.11
C PRO G 238 -0.78 46.26 11.21
N GLU G 239 -0.22 46.14 12.40
CA GLU G 239 1.20 46.45 12.61
C GLU G 239 2.16 45.37 12.10
N ILE G 240 1.62 44.30 11.54
CA ILE G 240 2.45 43.22 11.01
C ILE G 240 2.38 43.17 9.47
N ASP G 241 3.54 43.24 8.83
CA ASP G 241 3.59 43.22 7.38
C ASP G 241 3.70 41.82 6.79
N GLU G 242 4.36 40.91 7.50
CA GLU G 242 4.53 39.53 7.03
C GLU G 242 4.94 38.61 8.15
N ILE G 243 4.67 37.31 7.97
CA ILE G 243 5.05 36.33 8.96
C ILE G 243 5.63 35.13 8.24
N LYS G 244 6.80 34.68 8.70
CA LYS G 244 7.47 33.54 8.12
C LYS G 244 7.35 32.37 9.08
N MET G 245 7.01 31.20 8.53
CA MET G 245 6.85 30.01 9.33
C MET G 245 7.67 28.86 8.76
N SER G 246 8.22 28.05 9.67
CA SER G 246 9.01 26.89 9.31
C SER G 246 8.38 25.78 10.14
N LEU G 247 7.64 24.90 9.47
CA LEU G 247 6.92 23.82 10.14
C LEU G 247 7.30 22.41 9.72
N PRO G 248 7.94 21.66 10.64
CA PRO G 248 8.31 20.29 10.26
C PRO G 248 7.09 19.41 10.38
N ASN G 249 6.99 18.39 9.54
CA ASN G 249 5.88 17.45 9.62
C ASN G 249 6.49 16.29 10.40
N LYS G 250 6.25 16.26 11.70
CA LYS G 250 6.80 15.21 12.56
C LYS G 250 5.93 13.97 12.47
N HIS G 251 6.39 13.05 11.64
CA HIS G 251 5.67 11.83 11.36
C HIS G 251 5.36 10.89 12.52
N HIS G 252 4.08 10.58 12.63
CA HIS G 252 3.58 9.62 13.61
C HIS G 252 2.99 8.52 12.74
N PHE G 253 3.76 7.44 12.57
CA PHE G 253 3.32 6.35 11.72
C PHE G 253 2.37 5.41 12.41
N LEU G 254 1.22 5.21 11.77
CA LEU G 254 0.22 4.29 12.28
C LEU G 254 0.87 2.91 12.15
N VAL G 255 1.07 2.23 13.26
CA VAL G 255 1.73 0.94 13.24
C VAL G 255 0.89 -0.17 12.64
N ASP G 256 1.53 -1.02 11.85
CA ASP G 256 0.83 -2.14 11.23
C ASP G 256 0.86 -3.32 12.21
N LEU G 257 -0.28 -3.64 12.79
CA LEU G 257 -0.38 -4.74 13.74
C LEU G 257 -1.07 -5.97 13.15
N GLN G 258 -1.42 -5.91 11.86
CA GLN G 258 -2.08 -7.04 11.23
C GLN G 258 -1.26 -8.32 11.31
N PRO G 259 0.08 -8.21 11.18
CA PRO G 259 0.91 -9.41 11.27
C PRO G 259 0.73 -10.10 12.63
N PHE G 260 0.26 -9.35 13.63
CA PHE G 260 0.04 -9.89 14.97
C PHE G 260 -1.44 -10.19 15.17
N GLY G 261 -2.20 -10.17 14.07
CA GLY G 261 -3.61 -10.47 14.15
C GLY G 261 -4.48 -9.40 14.78
N GLN G 262 -4.04 -8.15 14.73
CA GLN G 262 -4.82 -7.06 15.31
C GLN G 262 -5.04 -5.93 14.31
N ASP G 263 -6.05 -5.13 14.56
CA ASP G 263 -6.31 -3.97 13.73
C ASP G 263 -5.72 -2.80 14.51
N ASN G 264 -5.75 -1.62 13.94
CA ASN G 264 -5.22 -0.42 14.60
C ASN G 264 -6.03 0.77 14.11
N PRO G 265 -7.17 1.04 14.75
CA PRO G 265 -8.06 2.15 14.38
C PRO G 265 -7.54 3.55 14.75
N ASN G 266 -6.42 3.93 14.15
CA ASN G 266 -5.83 5.23 14.40
C ASN G 266 -5.51 5.45 15.88
N GLU G 267 -4.98 4.42 16.52
CA GLU G 267 -4.67 4.50 17.94
C GLU G 267 -3.20 4.36 18.32
N VAL G 268 -2.49 3.43 17.67
CA VAL G 268 -1.09 3.17 18.00
C VAL G 268 -0.09 3.71 16.97
N PHE G 269 0.77 4.61 17.40
CA PHE G 269 1.74 5.23 16.50
C PHE G 269 3.19 5.16 16.93
N TYR G 270 4.06 5.25 15.93
CA TYR G 270 5.50 5.27 16.13
C TYR G 270 5.89 6.70 15.80
N ALA G 271 6.42 7.42 16.78
CA ALA G 271 6.85 8.81 16.59
C ALA G 271 8.29 8.82 16.09
N ALA G 272 8.45 8.97 14.78
CA ALA G 272 9.76 8.99 14.15
C ALA G 272 10.52 10.29 14.36
N ASP G 273 11.83 10.18 14.44
CA ASP G 273 12.71 11.33 14.65
C ASP G 273 13.05 11.98 13.31
N ARG G 274 13.75 11.23 12.47
CA ARG G 274 14.16 11.70 11.15
C ARG G 274 13.95 10.56 10.15
N PRO G 275 13.67 10.90 8.89
CA PRO G 275 13.54 12.27 8.40
C PRO G 275 12.18 12.85 8.74
N TYR G 276 11.97 14.11 8.41
CA TYR G 276 10.70 14.77 8.66
C TYR G 276 10.45 15.75 7.52
N GLY G 277 9.18 16.04 7.25
CA GLY G 277 8.90 16.99 6.20
C GLY G 277 9.20 18.38 6.74
N LEU G 278 9.52 19.32 5.86
CA LEU G 278 9.80 20.68 6.31
C LEU G 278 9.06 21.60 5.37
N ILE G 279 7.98 22.18 5.87
CA ILE G 279 7.14 23.07 5.09
C ILE G 279 7.36 24.50 5.56
N GLU G 280 7.79 25.37 4.65
CA GLU G 280 8.07 26.75 5.02
C GLU G 280 7.43 27.73 4.05
N ALA G 281 6.98 28.87 4.57
CA ALA G 281 6.35 29.89 3.73
C ALA G 281 6.23 31.24 4.41
N THR G 282 6.11 32.27 3.58
CA THR G 282 5.93 33.64 4.03
C THR G 282 4.53 34.09 3.63
N ILE G 283 3.73 34.48 4.62
CA ILE G 283 2.39 34.97 4.36
C ILE G 283 2.52 36.46 4.63
N GLN G 284 2.19 37.28 3.64
CA GLN G 284 2.33 38.71 3.82
C GLN G 284 1.13 39.55 3.44
N ARG G 285 1.20 40.82 3.82
CA ARG G 285 0.16 41.79 3.56
C ARG G 285 0.36 42.22 2.11
N GLU G 286 -0.72 42.29 1.36
CA GLU G 286 -0.65 42.70 -0.04
C GLU G 286 0.08 44.03 -0.20
N GLY G 287 1.13 44.03 -1.03
CA GLY G 287 1.88 45.25 -1.27
C GLY G 287 3.02 45.53 -0.30
N SER G 288 3.47 44.50 0.43
CA SER G 288 4.57 44.69 1.37
C SER G 288 5.89 44.22 0.76
N ARG G 289 7.00 44.68 1.32
CA ARG G 289 8.33 44.33 0.82
C ARG G 289 8.53 42.83 0.65
N ALA G 290 9.30 42.46 -0.37
CA ALA G 290 9.57 41.06 -0.68
C ALA G 290 10.76 40.48 0.06
N ASP G 291 11.89 41.20 0.08
CA ASP G 291 13.07 40.72 0.77
C ASP G 291 13.69 41.76 1.68
N HIS G 292 13.11 41.94 2.86
CA HIS G 292 13.62 42.90 3.83
C HIS G 292 14.99 42.40 4.29
N PRO G 293 15.94 43.32 4.49
CA PRO G 293 17.29 42.95 4.93
C PRO G 293 17.35 42.18 6.25
N ILE G 294 16.36 42.40 7.11
CA ILE G 294 16.34 41.73 8.41
C ILE G 294 16.30 40.20 8.33
N TRP G 295 15.86 39.68 7.18
CA TRP G 295 15.78 38.23 6.98
C TRP G 295 17.11 37.64 6.52
N SER G 296 18.09 38.51 6.27
CA SER G 296 19.41 38.07 5.82
C SER G 296 20.49 38.42 6.85
N ASN G 297 21.73 38.12 6.50
CA ASN G 297 22.87 38.41 7.37
C ASN G 297 23.69 39.56 6.79
N THR H 11 43.13 -15.66 35.05
CA THR H 11 43.58 -16.04 33.68
C THR H 11 42.38 -16.38 32.79
N LYS H 12 41.28 -16.80 33.42
CA LYS H 12 40.07 -17.17 32.68
C LYS H 12 39.04 -16.04 32.67
N VAL H 13 38.37 -15.88 31.54
CA VAL H 13 37.35 -14.85 31.38
C VAL H 13 35.96 -15.38 31.74
N VAL H 14 35.18 -14.56 32.45
CA VAL H 14 33.84 -14.95 32.87
C VAL H 14 32.79 -13.89 32.52
N LEU H 15 31.64 -14.34 32.02
CA LEU H 15 30.56 -13.43 31.66
C LEU H 15 29.85 -13.05 32.95
N GLY H 16 29.76 -11.76 33.23
CA GLY H 16 29.10 -11.28 34.44
C GLY H 16 27.68 -10.81 34.17
N GLN H 17 27.22 -9.83 34.95
CA GLN H 17 25.87 -9.30 34.77
C GLN H 17 25.70 -8.81 33.35
N ASN H 18 24.51 -9.03 32.78
CA ASN H 18 24.22 -8.62 31.41
C ASN H 18 22.73 -8.45 31.17
N GLN H 19 22.40 -7.68 30.15
CA GLN H 19 21.01 -7.43 29.77
C GLN H 19 21.03 -6.83 28.37
N TYR H 20 19.93 -6.99 27.65
CA TYR H 20 19.85 -6.47 26.30
C TYR H 20 18.39 -6.28 25.91
N GLY H 21 18.14 -5.41 24.93
CA GLY H 21 16.78 -5.18 24.50
C GLY H 21 16.69 -4.01 23.56
N LYS H 22 15.48 -3.49 23.37
CA LYS H 22 15.28 -2.37 22.48
C LYS H 22 15.09 -1.12 23.32
N ALA H 23 15.91 -0.10 23.05
CA ALA H 23 15.84 1.15 23.77
C ALA H 23 15.18 2.27 22.97
N GLU H 24 14.51 3.14 23.69
CA GLU H 24 13.83 4.31 23.13
C GLU H 24 12.86 4.05 21.98
N VAL H 25 11.82 3.29 22.30
CA VAL H 25 10.76 3.00 21.35
C VAL H 25 9.74 4.10 21.63
N ARG H 26 9.59 5.03 20.69
CA ARG H 26 8.66 6.15 20.83
C ARG H 26 7.25 5.76 20.47
N LEU H 27 6.39 5.77 21.48
CA LEU H 27 4.99 5.37 21.33
C LEU H 27 4.01 6.49 21.65
N VAL H 28 3.02 6.66 20.77
CA VAL H 28 1.97 7.63 21.02
C VAL H 28 0.70 6.82 20.88
N LYS H 29 -0.05 6.75 21.97
CA LYS H 29 -1.30 6.00 22.01
C LYS H 29 -2.46 6.98 22.11
N VAL H 30 -3.31 6.97 21.12
CA VAL H 30 -4.46 7.86 21.13
C VAL H 30 -5.72 7.11 21.55
N THR H 31 -6.45 7.67 22.50
CA THR H 31 -7.70 7.04 22.94
C THR H 31 -8.79 7.81 22.21
N ARG H 32 -9.54 7.15 21.34
CA ARG H 32 -10.61 7.84 20.63
C ARG H 32 -11.92 7.06 20.49
N ASN H 33 -12.42 6.54 21.61
CA ASN H 33 -13.69 5.80 21.61
C ASN H 33 -14.76 6.85 21.37
N THR H 34 -14.53 8.04 21.91
CA THR H 34 -15.45 9.16 21.76
C THR H 34 -14.72 10.27 21.04
N ALA H 35 -15.42 11.37 20.79
CA ALA H 35 -14.84 12.52 20.10
C ALA H 35 -13.81 13.20 21.00
N ARG H 36 -13.82 12.85 22.28
CA ARG H 36 -12.88 13.43 23.24
C ARG H 36 -11.62 12.58 23.26
N HIS H 37 -10.68 12.90 22.38
CA HIS H 37 -9.44 12.16 22.28
C HIS H 37 -8.50 12.37 23.46
N GLU H 38 -7.77 11.33 23.82
CA GLU H 38 -6.81 11.39 24.90
C GLU H 38 -5.46 10.99 24.32
N ILE H 39 -4.40 11.62 24.79
CA ILE H 39 -3.06 11.30 24.31
C ILE H 39 -2.15 10.76 25.41
N GLN H 40 -1.43 9.71 25.08
CA GLN H 40 -0.44 9.11 25.97
C GLN H 40 0.79 9.02 25.09
N ASP H 41 1.89 9.60 25.57
CA ASP H 41 3.13 9.67 24.81
C ASP H 41 4.29 9.11 25.63
N LEU H 42 4.89 8.04 25.15
CA LEU H 42 5.99 7.39 25.87
C LEU H 42 7.25 7.14 25.05
N ASN H 43 8.36 6.96 25.76
CA ASN H 43 9.65 6.63 25.17
C ASN H 43 10.01 5.41 26.02
N VAL H 44 9.79 4.23 25.44
CA VAL H 44 9.99 2.97 26.14
C VAL H 44 11.28 2.20 25.86
N THR H 45 11.82 1.58 26.90
CA THR H 45 13.02 0.78 26.77
C THR H 45 12.77 -0.58 27.44
N SER H 46 13.08 -1.66 26.72
CA SER H 46 12.89 -3.02 27.22
C SER H 46 14.20 -3.79 27.20
N GLN H 47 14.57 -4.35 28.35
CA GLN H 47 15.78 -5.15 28.44
C GLN H 47 15.52 -6.41 29.26
N LEU H 48 16.00 -7.53 28.74
CA LEU H 48 15.81 -8.82 29.38
C LEU H 48 17.05 -9.30 30.11
N ARG H 49 16.81 -10.11 31.13
CA ARG H 49 17.89 -10.69 31.92
C ARG H 49 17.61 -12.17 32.06
N GLY H 50 18.66 -12.97 32.17
CA GLY H 50 18.49 -14.40 32.29
C GLY H 50 19.72 -15.15 31.83
N ASP H 51 19.52 -16.32 31.25
CA ASP H 51 20.63 -17.13 30.78
C ASP H 51 20.93 -16.84 29.32
N PHE H 52 21.97 -16.04 29.10
CA PHE H 52 22.40 -15.67 27.75
C PHE H 52 23.88 -15.93 27.59
N GLU H 53 24.37 -16.92 28.32
CA GLU H 53 25.78 -17.31 28.28
C GLU H 53 26.22 -17.74 26.88
N ALA H 54 25.41 -18.59 26.26
CA ALA H 54 25.73 -19.10 24.92
C ALA H 54 25.71 -18.01 23.87
N ALA H 55 24.81 -17.05 24.02
CA ALA H 55 24.70 -15.97 23.05
C ALA H 55 26.00 -15.17 23.01
N HIS H 56 26.60 -14.97 24.18
CA HIS H 56 27.84 -14.20 24.27
C HIS H 56 29.10 -14.98 23.94
N THR H 57 29.24 -16.18 24.51
CA THR H 57 30.44 -17.00 24.30
C THR H 57 30.47 -17.82 23.01
N ALA H 58 29.30 -18.20 22.50
CA ALA H 58 29.27 -19.01 21.29
C ALA H 58 28.58 -18.35 20.10
N GLY H 59 27.70 -17.40 20.37
CA GLY H 59 26.99 -16.75 19.28
C GLY H 59 25.74 -17.55 18.94
N ASP H 60 25.30 -18.35 19.90
CA ASP H 60 24.10 -19.17 19.74
C ASP H 60 22.92 -18.31 20.21
N ASN H 61 22.03 -17.97 19.29
CA ASN H 61 20.89 -17.12 19.61
C ASN H 61 19.57 -17.80 19.92
N ALA H 62 19.62 -19.04 20.38
CA ALA H 62 18.40 -19.76 20.71
C ALA H 62 17.60 -19.08 21.82
N HIS H 63 18.28 -18.43 22.76
CA HIS H 63 17.58 -17.76 23.86
C HIS H 63 17.38 -16.28 23.60
N VAL H 64 17.89 -15.78 22.48
CA VAL H 64 17.81 -14.36 22.17
C VAL H 64 16.54 -13.82 21.52
N VAL H 65 15.57 -13.42 22.33
CA VAL H 65 14.34 -12.83 21.81
C VAL H 65 14.84 -11.54 21.14
N ALA H 66 14.76 -11.48 19.82
CA ALA H 66 15.24 -10.32 19.06
C ALA H 66 14.78 -8.97 19.62
N THR H 67 15.65 -7.97 19.55
CA THR H 67 15.25 -6.65 20.06
C THR H 67 14.11 -6.14 19.18
N ASP H 68 14.11 -6.54 17.91
CA ASP H 68 13.05 -6.11 17.01
C ASP H 68 11.72 -6.71 17.51
N THR H 69 11.79 -7.93 18.05
CA THR H 69 10.60 -8.59 18.58
C THR H 69 10.12 -7.88 19.84
N GLN H 70 11.05 -7.42 20.66
CA GLN H 70 10.68 -6.72 21.88
C GLN H 70 9.98 -5.44 21.46
N LYS H 71 10.48 -4.81 20.40
CA LYS H 71 9.88 -3.59 19.90
C LYS H 71 8.45 -3.83 19.44
N ASN H 72 8.23 -4.88 18.64
CA ASN H 72 6.90 -5.20 18.14
C ASN H 72 5.92 -5.45 19.28
N THR H 73 6.40 -6.09 20.34
CA THR H 73 5.55 -6.41 21.48
C THR H 73 5.05 -5.14 22.16
N VAL H 74 5.91 -4.13 22.25
CA VAL H 74 5.53 -2.86 22.87
C VAL H 74 4.32 -2.29 22.13
N TYR H 75 4.43 -2.15 20.81
CA TYR H 75 3.32 -1.61 20.02
C TYR H 75 2.08 -2.52 20.06
N ALA H 76 2.29 -3.84 20.00
CA ALA H 76 1.16 -4.76 20.05
C ALA H 76 0.39 -4.62 21.36
N PHE H 77 1.12 -4.46 22.46
CA PHE H 77 0.47 -4.33 23.76
C PHE H 77 -0.23 -2.97 23.92
N ALA H 78 0.33 -1.94 23.28
CA ALA H 78 -0.25 -0.60 23.36
C ALA H 78 -1.67 -0.56 22.78
N ARG H 79 -1.96 -1.49 21.86
CA ARG H 79 -3.27 -1.54 21.22
C ARG H 79 -4.40 -1.67 22.25
N ASP H 80 -4.18 -2.47 23.28
CA ASP H 80 -5.22 -2.68 24.29
C ASP H 80 -5.33 -1.49 25.23
N GLY H 81 -4.38 -0.58 25.14
CA GLY H 81 -4.41 0.59 26.00
C GLY H 81 -3.87 0.25 27.38
N PHE H 82 -3.72 1.28 28.20
CA PHE H 82 -3.20 1.12 29.55
C PHE H 82 -3.60 2.33 30.37
N ALA H 83 -3.91 2.13 31.65
CA ALA H 83 -4.33 3.24 32.50
C ALA H 83 -3.17 4.13 32.90
N THR H 84 -2.00 3.53 33.16
CA THR H 84 -0.83 4.30 33.55
C THR H 84 0.44 3.73 32.94
N THR H 85 1.48 4.55 32.92
CA THR H 85 2.76 4.14 32.38
C THR H 85 3.27 2.92 33.14
N GLU H 86 3.16 2.94 34.47
CA GLU H 86 3.61 1.83 35.30
C GLU H 86 2.84 0.54 34.98
N GLU H 87 1.54 0.67 34.74
CA GLU H 87 0.70 -0.48 34.41
C GLU H 87 1.17 -1.10 33.09
N PHE H 88 1.60 -0.24 32.17
CA PHE H 88 2.06 -0.70 30.86
C PHE H 88 3.37 -1.49 31.02
N LEU H 89 4.30 -0.95 31.80
CA LEU H 89 5.58 -1.61 32.03
C LEU H 89 5.41 -2.96 32.74
N LEU H 90 4.46 -3.04 33.66
CA LEU H 90 4.22 -4.29 34.38
C LEU H 90 3.76 -5.37 33.41
N ARG H 91 2.85 -5.01 32.51
CA ARG H 91 2.36 -5.98 31.55
C ARG H 91 3.51 -6.52 30.70
N LEU H 92 4.36 -5.61 30.22
CA LEU H 92 5.52 -6.01 29.41
C LEU H 92 6.46 -6.94 30.18
N GLY H 93 6.84 -6.53 31.38
CA GLY H 93 7.75 -7.33 32.20
C GLY H 93 7.23 -8.74 32.47
N LYS H 94 5.95 -8.86 32.78
CA LYS H 94 5.38 -10.17 33.06
C LYS H 94 5.33 -11.02 31.80
N HIS H 95 5.06 -10.39 30.66
CA HIS H 95 5.01 -11.10 29.41
C HIS H 95 6.33 -11.79 29.10
N PHE H 96 7.42 -11.03 29.16
CA PHE H 96 8.73 -11.59 28.84
C PHE H 96 9.27 -12.58 29.86
N THR H 97 9.09 -12.32 31.15
CA THR H 97 9.61 -13.24 32.15
C THR H 97 8.82 -14.55 32.15
N GLU H 98 7.50 -14.43 32.13
CA GLU H 98 6.65 -15.62 32.14
C GLU H 98 6.59 -16.31 30.79
N GLY H 99 6.87 -15.57 29.72
CA GLY H 99 6.81 -16.16 28.39
C GLY H 99 8.02 -16.95 27.94
N PHE H 100 9.17 -16.75 28.60
CA PHE H 100 10.38 -17.46 28.22
C PHE H 100 11.09 -18.02 29.45
N ASP H 101 11.34 -19.32 29.44
CA ASP H 101 11.99 -20.01 30.55
C ASP H 101 13.33 -19.41 30.96
N TRP H 102 14.18 -19.14 29.97
CA TRP H 102 15.50 -18.61 30.23
C TRP H 102 15.51 -17.13 30.64
N VAL H 103 14.38 -16.46 30.50
CA VAL H 103 14.28 -15.06 30.91
C VAL H 103 13.75 -15.05 32.33
N THR H 104 14.61 -14.70 33.27
CA THR H 104 14.24 -14.68 34.69
C THR H 104 13.85 -13.30 35.22
N GLY H 105 14.10 -12.25 34.45
CA GLY H 105 13.75 -10.91 34.90
C GLY H 105 14.15 -9.88 33.86
N GLY H 106 14.26 -8.62 34.27
CA GLY H 106 14.64 -7.59 33.33
C GLY H 106 14.38 -6.19 33.84
N ARG H 107 14.55 -5.22 32.95
CA ARG H 107 14.34 -3.82 33.29
C ARG H 107 13.55 -3.16 32.17
N TRP H 108 12.44 -2.55 32.54
CA TRP H 108 11.59 -1.86 31.58
C TRP H 108 11.44 -0.43 32.09
N ALA H 109 11.78 0.52 31.24
CA ALA H 109 11.72 1.91 31.63
C ALA H 109 10.93 2.72 30.62
N ALA H 110 10.51 3.91 31.05
CA ALA H 110 9.77 4.77 30.17
C ALA H 110 9.75 6.22 30.62
N GLN H 111 9.76 7.11 29.64
CA GLN H 111 9.67 8.52 29.89
C GLN H 111 8.25 8.83 29.41
N GLN H 112 7.53 9.65 30.17
CA GLN H 112 6.17 10.01 29.80
C GLN H 112 6.19 11.52 29.57
N PHE H 113 5.67 11.93 28.41
CA PHE H 113 5.62 13.34 28.03
C PHE H 113 4.19 13.84 28.11
N PHE H 114 4.02 15.04 28.65
CA PHE H 114 2.71 15.62 28.84
C PHE H 114 2.22 16.55 27.73
N TRP H 115 0.91 16.53 27.51
CA TRP H 115 0.27 17.36 26.49
C TRP H 115 -0.93 18.07 27.12
N ASP H 116 -1.22 19.27 26.64
CA ASP H 116 -2.37 20.02 27.11
C ASP H 116 -3.27 20.28 25.90
N ARG H 117 -4.57 20.32 26.12
CA ARG H 117 -5.47 20.59 25.01
C ARG H 117 -5.32 22.06 24.62
N ILE H 118 -5.41 22.33 23.33
CA ILE H 118 -5.33 23.71 22.86
C ILE H 118 -6.74 24.26 23.09
N ASN H 119 -6.87 25.14 24.08
CA ASN H 119 -8.17 25.73 24.40
C ASN H 119 -9.28 24.69 24.49
N ASP H 120 -9.04 23.64 25.26
CA ASP H 120 -10.00 22.56 25.48
C ASP H 120 -10.51 21.85 24.23
N HIS H 121 -9.76 21.96 23.13
CA HIS H 121 -10.17 21.30 21.89
C HIS H 121 -10.22 19.78 22.10
N ASP H 122 -11.16 19.12 21.44
CA ASP H 122 -11.33 17.66 21.57
C ASP H 122 -10.17 16.82 21.03
N HIS H 123 -9.45 17.31 20.03
CA HIS H 123 -8.34 16.54 19.48
C HIS H 123 -7.15 17.37 18.98
N ALA H 124 -6.89 18.49 19.65
CA ALA H 124 -5.77 19.34 19.29
C ALA H 124 -5.02 19.64 20.60
N PHE H 125 -3.73 19.36 20.62
CA PHE H 125 -2.91 19.55 21.82
C PHE H 125 -1.57 20.24 21.60
N SER H 126 -0.94 20.65 22.70
CA SER H 126 0.37 21.27 22.65
C SER H 126 1.20 20.60 23.74
N ARG H 127 2.49 20.46 23.49
CA ARG H 127 3.40 19.83 24.43
C ARG H 127 3.69 20.66 25.66
N ASN H 128 3.61 20.04 26.84
CA ASN H 128 3.97 20.72 28.08
C ASN H 128 5.35 20.16 28.33
N LYS H 129 6.39 20.91 27.98
CA LYS H 129 7.77 20.46 28.12
C LYS H 129 8.41 20.82 29.45
N SER H 130 7.64 21.36 30.39
CA SER H 130 8.20 21.78 31.69
C SER H 130 8.68 20.67 32.63
N GLU H 131 8.37 19.43 32.31
CA GLU H 131 8.79 18.30 33.14
C GLU H 131 8.60 17.03 32.37
N VAL H 132 9.34 15.99 32.76
CA VAL H 132 9.22 14.69 32.12
C VAL H 132 9.08 13.66 33.22
N ARG H 133 8.05 12.82 33.12
CA ARG H 133 7.82 11.79 34.11
C ARG H 133 8.58 10.54 33.72
N THR H 134 9.10 9.83 34.71
CA THR H 134 9.84 8.61 34.45
C THR H 134 9.32 7.45 35.29
N ALA H 135 9.51 6.24 34.79
CA ALA H 135 9.10 5.04 35.49
C ALA H 135 10.06 3.93 35.09
N VAL H 136 10.46 3.14 36.06
CA VAL H 136 11.37 2.02 35.82
C VAL H 136 10.84 0.82 36.58
N LEU H 137 10.80 -0.32 35.91
CA LEU H 137 10.35 -1.57 36.50
C LEU H 137 11.44 -2.60 36.37
N GLU H 138 11.77 -3.25 37.48
CA GLU H 138 12.75 -4.31 37.44
C GLU H 138 12.12 -5.53 38.06
N ILE H 139 12.18 -6.63 37.34
CA ILE H 139 11.63 -7.88 37.83
C ILE H 139 12.79 -8.82 38.07
N SER H 140 12.75 -9.50 39.21
CA SER H 140 13.77 -10.46 39.58
C SER H 140 12.99 -11.59 40.23
N GLY H 141 12.72 -12.64 39.46
CA GLY H 141 11.95 -13.76 39.98
C GLY H 141 10.52 -13.29 40.17
N SER H 142 10.04 -13.34 41.42
CA SER H 142 8.68 -12.93 41.71
C SER H 142 8.65 -11.49 42.24
N GLU H 143 9.81 -10.90 42.47
CA GLU H 143 9.85 -9.52 42.96
C GLU H 143 9.69 -8.53 41.81
N GLN H 144 8.86 -7.53 42.03
CA GLN H 144 8.63 -6.49 41.05
C GLN H 144 8.93 -5.18 41.79
N ALA H 145 9.94 -4.46 41.34
CA ALA H 145 10.31 -3.20 41.97
C ALA H 145 10.06 -2.05 41.01
N ILE H 146 9.38 -1.01 41.50
CA ILE H 146 9.10 0.14 40.66
C ILE H 146 9.63 1.44 41.22
N VAL H 147 10.31 2.20 40.37
CA VAL H 147 10.83 3.51 40.75
C VAL H 147 10.21 4.51 39.79
N ALA H 148 9.59 5.54 40.33
CA ALA H 148 8.98 6.57 39.52
C ALA H 148 9.79 7.83 39.76
N GLY H 149 9.79 8.76 38.80
CA GLY H 149 10.56 9.96 39.00
C GLY H 149 10.08 11.15 38.20
N ILE H 150 10.78 12.25 38.37
CA ILE H 150 10.47 13.47 37.64
C ILE H 150 11.81 14.10 37.30
N GLU H 151 11.89 14.72 36.14
CA GLU H 151 13.13 15.35 35.72
C GLU H 151 12.84 16.52 34.80
N GLY H 152 13.85 17.37 34.62
CA GLY H 152 13.71 18.52 33.75
C GLY H 152 12.85 19.65 34.29
N LEU H 153 12.47 19.54 35.56
CA LEU H 153 11.65 20.57 36.17
C LEU H 153 12.56 21.63 36.81
N THR H 154 12.71 22.76 36.10
CA THR H 154 13.57 23.83 36.57
C THR H 154 12.86 24.79 37.52
N VAL H 155 13.51 25.08 38.65
CA VAL H 155 12.92 25.98 39.63
C VAL H 155 13.91 27.02 40.10
N LEU H 156 13.39 28.12 40.63
CA LEU H 156 14.24 29.20 41.12
C LEU H 156 13.50 30.08 42.11
N LYS H 157 14.20 30.50 43.15
CA LYS H 157 13.62 31.42 44.11
C LYS H 157 14.61 32.58 44.13
N SER H 158 14.10 33.80 43.98
CA SER H 158 14.92 34.99 43.92
C SER H 158 15.49 35.45 45.25
N THR H 159 14.99 34.89 46.33
CA THR H 159 15.46 35.20 47.67
C THR H 159 15.00 34.08 48.60
N GLY H 160 15.26 34.23 49.89
CA GLY H 160 14.87 33.19 50.82
C GLY H 160 15.90 32.08 50.79
N SER H 161 17.12 32.44 50.44
CA SER H 161 18.23 31.49 50.36
C SER H 161 19.48 32.11 50.94
N GLU H 162 20.14 31.38 51.83
CA GLU H 162 21.36 31.85 52.49
C GLU H 162 22.44 30.78 52.42
N PHE H 163 23.69 31.20 52.54
CA PHE H 163 24.81 30.26 52.57
C PHE H 163 25.99 30.89 53.29
N HIS H 164 26.22 30.43 54.52
CA HIS H 164 27.30 30.94 55.35
C HIS H 164 27.63 29.91 56.43
N GLY H 165 28.75 30.13 57.11
CA GLY H 165 29.14 29.21 58.18
C GLY H 165 29.98 28.05 57.69
N PHE H 166 30.32 28.04 56.41
CA PHE H 166 31.14 26.97 55.88
C PHE H 166 32.60 27.20 56.26
N PRO H 167 33.42 26.13 56.28
CA PRO H 167 34.83 26.26 56.65
C PRO H 167 35.64 27.04 55.60
N ARG H 168 36.63 27.80 56.05
CA ARG H 168 37.45 28.57 55.13
C ARG H 168 38.90 28.11 55.14
N ASP H 169 39.27 27.31 54.15
CA ASP H 169 40.64 26.83 54.05
C ASP H 169 41.37 27.75 53.08
N LYS H 170 42.60 27.43 52.71
CA LYS H 170 43.38 28.29 51.81
C LYS H 170 42.79 28.41 50.41
N TYR H 171 41.86 27.53 50.05
CA TYR H 171 41.26 27.55 48.73
C TYR H 171 39.84 28.13 48.75
N THR H 172 39.46 28.75 49.86
CA THR H 172 38.14 29.32 49.97
C THR H 172 38.17 30.83 49.72
N THR H 173 37.31 31.28 48.82
CA THR H 173 37.22 32.69 48.47
C THR H 173 35.76 33.13 48.51
N LEU H 174 34.85 32.15 48.47
CA LEU H 174 33.43 32.44 48.48
C LEU H 174 33.03 33.29 49.69
N GLN H 175 32.29 34.37 49.41
CA GLN H 175 31.85 35.25 50.47
C GLN H 175 30.51 34.77 51.02
N GLU H 176 30.36 34.80 52.34
CA GLU H 176 29.12 34.37 52.98
C GLU H 176 28.01 35.29 52.52
N THR H 177 26.78 34.79 52.53
CA THR H 177 25.64 35.59 52.12
C THR H 177 24.37 35.18 52.83
N THR H 178 23.44 36.12 52.95
CA THR H 178 22.16 35.84 53.59
C THR H 178 21.04 36.09 52.58
N ASP H 179 21.44 36.39 51.34
CA ASP H 179 20.47 36.65 50.27
C ASP H 179 21.10 36.27 48.93
N ARG H 180 20.61 35.20 48.32
CA ARG H 180 21.15 34.78 47.02
C ARG H 180 20.07 34.04 46.24
N ILE H 181 20.26 33.94 44.94
CA ILE H 181 19.31 33.20 44.14
C ILE H 181 19.63 31.72 44.29
N LEU H 182 18.59 30.90 44.38
CA LEU H 182 18.74 29.46 44.49
C LEU H 182 17.98 28.86 43.32
N ALA H 183 18.72 28.34 42.34
CA ALA H 183 18.12 27.76 41.14
C ALA H 183 18.64 26.34 40.90
N THR H 184 17.74 25.43 40.55
CA THR H 184 18.13 24.05 40.29
C THR H 184 17.15 23.35 39.35
N ASP H 185 17.52 22.15 38.94
CA ASP H 185 16.68 21.33 38.07
C ASP H 185 16.23 20.15 38.94
N VAL H 186 14.94 20.10 39.27
CA VAL H 186 14.45 19.02 40.12
C VAL H 186 14.50 17.65 39.46
N SER H 187 15.49 16.87 39.88
CA SER H 187 15.66 15.53 39.37
C SER H 187 15.44 14.60 40.56
N ALA H 188 14.29 13.92 40.59
CA ALA H 188 13.98 13.03 41.69
C ALA H 188 13.44 11.68 41.25
N ARG H 189 13.77 10.65 42.02
CA ARG H 189 13.32 9.30 41.76
C ARG H 189 13.01 8.61 43.08
N TRP H 190 11.85 7.98 43.17
CA TRP H 190 11.46 7.32 44.40
C TRP H 190 11.03 5.88 44.17
N ARG H 191 11.36 5.03 45.13
CA ARG H 191 11.05 3.61 45.04
C ARG H 191 9.86 3.19 45.88
N TYR H 192 8.90 2.54 45.25
CA TYR H 192 7.72 2.07 45.94
C TYR H 192 8.03 0.75 46.62
N ASN H 193 7.41 0.49 47.77
CA ASN H 193 7.65 -0.77 48.47
C ASN H 193 6.50 -1.74 48.20
N THR H 194 5.67 -1.38 47.23
CA THR H 194 4.52 -2.17 46.82
C THR H 194 4.06 -1.72 45.44
N VAL H 195 3.46 -2.62 44.68
CA VAL H 195 2.98 -2.28 43.35
C VAL H 195 1.53 -1.81 43.44
N GLU H 196 0.94 -1.95 44.62
CA GLU H 196 -0.43 -1.53 44.84
C GLU H 196 -0.42 -0.03 45.09
N VAL H 197 -0.21 0.73 44.03
CA VAL H 197 -0.12 2.19 44.13
C VAL H 197 -0.96 2.91 43.07
N ASP H 198 -1.57 4.03 43.48
CA ASP H 198 -2.35 4.86 42.55
C ASP H 198 -1.25 5.72 41.93
N PHE H 199 -0.54 5.14 40.96
CA PHE H 199 0.58 5.81 40.30
C PHE H 199 0.40 7.26 39.88
N ASP H 200 -0.68 7.58 39.16
CA ASP H 200 -0.88 8.95 38.73
C ASP H 200 -1.09 9.91 39.90
N ALA H 201 -1.91 9.52 40.86
CA ALA H 201 -2.18 10.37 42.01
C ALA H 201 -0.93 10.64 42.84
N VAL H 202 -0.14 9.60 43.08
CA VAL H 202 1.08 9.76 43.87
C VAL H 202 2.09 10.63 43.14
N TYR H 203 2.23 10.43 41.82
CA TYR H 203 3.16 11.25 41.06
C TYR H 203 2.78 12.72 41.24
N ALA H 204 1.49 13.02 41.07
CA ALA H 204 1.00 14.39 41.22
C ALA H 204 1.27 14.93 42.62
N SER H 205 1.06 14.10 43.63
CA SER H 205 1.29 14.53 45.00
C SER H 205 2.77 14.75 45.27
N VAL H 206 3.61 13.80 44.86
CA VAL H 206 5.05 13.92 45.06
C VAL H 206 5.57 15.20 44.41
N ARG H 207 5.13 15.45 43.18
CA ARG H 207 5.52 16.64 42.45
C ARG H 207 5.17 17.89 43.26
N GLY H 208 3.96 17.92 43.80
CA GLY H 208 3.52 19.05 44.61
C GLY H 208 4.34 19.24 45.87
N LEU H 209 4.60 18.15 46.57
CA LEU H 209 5.38 18.20 47.81
C LEU H 209 6.80 18.71 47.55
N LEU H 210 7.39 18.31 46.43
CA LEU H 210 8.75 18.75 46.10
C LEU H 210 8.79 20.26 45.85
N LEU H 211 7.85 20.75 45.05
CA LEU H 211 7.76 22.18 44.74
C LEU H 211 7.47 23.01 45.99
N LYS H 212 6.55 22.52 46.81
CA LYS H 212 6.17 23.20 48.04
C LYS H 212 7.35 23.32 49.00
N ALA H 213 8.05 22.21 49.22
CA ALA H 213 9.20 22.23 50.12
C ALA H 213 10.31 23.12 49.57
N PHE H 214 10.53 23.08 48.26
CA PHE H 214 11.57 23.91 47.66
C PHE H 214 11.24 25.39 47.85
N ALA H 215 10.00 25.75 47.56
CA ALA H 215 9.54 27.13 47.65
C ALA H 215 9.45 27.72 49.05
N GLU H 216 8.80 26.99 49.94
CA GLU H 216 8.58 27.46 51.30
C GLU H 216 9.71 27.30 52.31
N THR H 217 10.68 26.42 52.03
CA THR H 217 11.79 26.24 52.95
C THR H 217 12.77 27.41 52.89
N HIS H 218 12.98 28.11 54.00
CA HIS H 218 13.95 29.18 54.01
C HIS H 218 15.27 28.43 53.97
N SER H 219 15.94 28.46 52.83
CA SER H 219 17.17 27.70 52.62
C SER H 219 18.47 28.24 53.21
N LEU H 220 19.13 27.39 54.01
CA LEU H 220 20.40 27.74 54.61
C LEU H 220 21.50 27.04 53.81
N ALA H 221 21.06 26.17 52.90
CA ALA H 221 21.96 25.41 52.03
C ALA H 221 21.08 24.56 51.11
N LEU H 222 21.58 24.19 49.94
CA LEU H 222 20.80 23.36 49.02
C LEU H 222 20.55 22.01 49.70
N GLN H 223 21.57 21.51 50.37
CA GLN H 223 21.49 20.23 51.10
C GLN H 223 20.28 20.20 52.02
N GLN H 224 20.04 21.32 52.69
CA GLN H 224 18.93 21.46 53.62
C GLN H 224 17.60 21.48 52.88
N THR H 225 17.54 22.25 51.79
CA THR H 225 16.33 22.33 50.97
C THR H 225 15.98 20.94 50.43
N MET H 226 17.00 20.22 49.98
CA MET H 226 16.80 18.87 49.45
C MET H 226 16.24 17.94 50.53
N TYR H 227 16.81 18.01 51.73
CA TYR H 227 16.35 17.16 52.82
C TYR H 227 14.87 17.40 53.12
N GLU H 228 14.46 18.66 53.19
CA GLU H 228 13.07 18.98 53.47
C GLU H 228 12.16 18.50 52.33
N MET H 229 12.69 18.49 51.12
CA MET H 229 11.93 18.03 49.96
C MET H 229 11.69 16.53 50.08
N GLY H 230 12.73 15.79 50.44
CA GLY H 230 12.62 14.35 50.57
C GLY H 230 11.76 13.96 51.77
N ARG H 231 11.94 14.68 52.87
CA ARG H 231 11.20 14.41 54.09
C ARG H 231 9.70 14.53 53.88
N ALA H 232 9.27 15.59 53.20
CA ALA H 232 7.85 15.80 52.96
C ALA H 232 7.25 14.60 52.21
N VAL H 233 8.00 14.07 51.25
CA VAL H 233 7.54 12.93 50.47
C VAL H 233 7.42 11.66 51.31
N ILE H 234 8.46 11.35 52.07
CA ILE H 234 8.44 10.15 52.90
C ILE H 234 7.34 10.21 53.95
N GLU H 235 7.20 11.36 54.60
CA GLU H 235 6.17 11.52 55.63
C GLU H 235 4.75 11.39 55.09
N THR H 236 4.55 11.81 53.85
CA THR H 236 3.23 11.78 53.25
C THR H 236 2.80 10.46 52.60
N HIS H 237 3.76 9.72 52.05
CA HIS H 237 3.45 8.47 51.35
C HIS H 237 4.05 7.17 51.91
N PRO H 238 3.24 6.39 52.65
CA PRO H 238 3.69 5.12 53.23
C PRO H 238 4.22 4.11 52.19
N GLU H 239 3.77 4.24 50.94
CA GLU H 239 4.20 3.33 49.88
C GLU H 239 5.59 3.61 49.31
N ILE H 240 6.24 4.68 49.76
CA ILE H 240 7.56 5.03 49.28
C ILE H 240 8.61 4.73 50.34
N ASP H 241 9.60 3.91 50.01
CA ASP H 241 10.64 3.56 50.96
C ASP H 241 11.81 4.53 50.93
N GLU H 242 12.01 5.18 49.80
CA GLU H 242 13.12 6.12 49.64
C GLU H 242 12.97 6.98 48.41
N ILE H 243 13.60 8.15 48.45
CA ILE H 243 13.57 9.07 47.33
C ILE H 243 14.98 9.65 47.17
N LYS H 244 15.51 9.54 45.96
CA LYS H 244 16.84 10.06 45.66
C LYS H 244 16.69 11.33 44.82
N MET H 245 17.50 12.33 45.12
CA MET H 245 17.45 13.57 44.37
C MET H 245 18.85 13.98 43.93
N SER H 246 18.93 14.57 42.75
CA SER H 246 20.19 15.04 42.20
C SER H 246 19.89 16.47 41.78
N LEU H 247 20.27 17.42 42.63
CA LEU H 247 20.00 18.83 42.39
C LEU H 247 21.22 19.69 42.08
N PRO H 248 21.29 20.26 40.87
CA PRO H 248 22.44 21.09 40.54
C PRO H 248 22.21 22.49 41.11
N ASN H 249 23.27 23.18 41.50
CA ASN H 249 23.11 24.55 42.00
C ASN H 249 23.49 25.38 40.78
N LYS H 250 22.50 25.83 40.02
CA LYS H 250 22.72 26.61 38.82
C LYS H 250 23.03 28.06 39.18
N HIS H 251 24.32 28.36 39.22
CA HIS H 251 24.79 29.67 39.62
C HIS H 251 24.27 30.89 38.89
N HIS H 252 23.70 31.81 39.65
CA HIS H 252 23.22 33.08 39.12
C HIS H 252 24.05 34.12 39.84
N PHE H 253 25.15 34.51 39.20
CA PHE H 253 26.08 35.48 39.75
C PHE H 253 25.57 36.92 39.74
N LEU H 254 25.62 37.58 40.89
CA LEU H 254 25.22 38.97 41.00
C LEU H 254 26.31 39.75 40.25
N VAL H 255 25.95 40.40 39.16
CA VAL H 255 26.94 41.13 38.38
C VAL H 255 27.48 42.36 39.10
N ASP H 256 28.78 42.57 39.00
CA ASP H 256 29.38 43.74 39.63
C ASP H 256 29.28 44.90 38.66
N LEU H 257 28.37 45.82 38.96
CA LEU H 257 28.15 46.99 38.11
C LEU H 257 28.81 48.24 38.67
N GLN H 258 29.58 48.08 39.75
CA GLN H 258 30.25 49.22 40.37
C GLN H 258 31.21 49.92 39.41
N PRO H 259 31.94 49.15 38.59
CA PRO H 259 32.88 49.76 37.63
C PRO H 259 32.17 50.73 36.70
N PHE H 260 30.87 50.52 36.51
CA PHE H 260 30.06 51.36 35.64
C PHE H 260 29.35 52.45 36.45
N GLY H 261 29.68 52.52 37.73
CA GLY H 261 29.08 53.53 38.60
C GLY H 261 27.71 53.21 39.16
N GLN H 262 27.28 51.96 39.03
CA GLN H 262 25.97 51.54 39.51
C GLN H 262 26.05 50.51 40.63
N ASP H 263 25.00 50.44 41.44
CA ASP H 263 24.93 49.44 42.50
C ASP H 263 24.05 48.34 41.91
N ASN H 264 24.00 47.19 42.56
CA ASN H 264 23.19 46.07 42.07
C ASN H 264 22.54 45.42 43.28
N PRO H 265 21.36 45.91 43.68
CA PRO H 265 20.63 45.38 44.83
C PRO H 265 19.90 44.07 44.53
N ASN H 266 20.68 43.02 44.28
CA ASN H 266 20.14 41.69 43.97
C ASN H 266 19.13 41.76 42.81
N GLU H 267 19.50 42.42 41.72
CA GLU H 267 18.60 42.52 40.57
C GLU H 267 19.14 41.94 39.27
N VAL H 268 20.36 42.31 38.92
CA VAL H 268 20.98 41.85 37.68
C VAL H 268 21.91 40.66 37.89
N PHE H 269 21.59 39.55 37.22
CA PHE H 269 22.38 38.33 37.35
C PHE H 269 22.84 37.74 36.02
N TYR H 270 23.94 37.02 36.09
CA TYR H 270 24.52 36.31 34.96
C TYR H 270 24.25 34.84 35.28
N ALA H 271 23.55 34.15 34.38
CA ALA H 271 23.23 32.73 34.60
C ALA H 271 24.27 31.86 33.92
N ALA H 272 25.25 31.41 34.70
CA ALA H 272 26.34 30.59 34.19
C ALA H 272 25.91 29.17 33.85
N ASP H 273 26.50 28.62 32.78
CA ASP H 273 26.18 27.27 32.33
C ASP H 273 26.93 26.26 33.20
N ARG H 274 28.26 26.33 33.14
CA ARG H 274 29.13 25.44 33.92
C ARG H 274 30.29 26.26 34.48
N PRO H 275 30.89 25.79 35.59
CA PRO H 275 30.48 24.57 36.30
C PRO H 275 29.23 24.84 37.13
N TYR H 276 28.77 23.82 37.85
CA TYR H 276 27.59 23.97 38.70
C TYR H 276 27.75 23.05 39.90
N GLY H 277 27.16 23.44 41.02
CA GLY H 277 27.24 22.59 42.19
C GLY H 277 26.31 21.43 41.91
N LEU H 278 26.63 20.26 42.45
CA LEU H 278 25.78 19.08 42.28
C LEU H 278 25.63 18.47 43.66
N ILE H 279 24.45 18.64 44.24
CA ILE H 279 24.14 18.11 45.57
C ILE H 279 23.22 16.91 45.39
N GLU H 280 23.58 15.79 45.99
CA GLU H 280 22.80 14.57 45.84
C GLU H 280 22.62 13.85 47.16
N ALA H 281 21.44 13.25 47.36
CA ALA H 281 21.18 12.53 48.58
C ALA H 281 19.99 11.59 48.51
N THR H 282 19.99 10.62 49.42
CA THR H 282 18.92 9.64 49.52
C THR H 282 18.24 9.90 50.85
N ILE H 283 16.95 10.17 50.81
CA ILE H 283 16.17 10.40 52.02
C ILE H 283 15.32 9.14 52.12
N GLN H 284 15.45 8.40 53.21
CA GLN H 284 14.71 7.16 53.34
C GLN H 284 13.98 6.91 54.65
N ARG H 285 13.04 5.98 54.59
CA ARG H 285 12.25 5.57 55.74
C ARG H 285 13.23 4.79 56.61
N GLU H 286 13.28 5.10 57.90
CA GLU H 286 14.21 4.41 58.79
C GLU H 286 14.04 2.90 58.73
N GLY H 287 15.15 2.19 58.59
CA GLY H 287 15.12 0.74 58.55
C GLY H 287 14.90 0.13 57.19
N SER H 288 14.56 0.95 56.20
CA SER H 288 14.32 0.43 54.86
C SER H 288 15.62 0.01 54.18
N ARG H 289 15.49 -0.80 53.15
CA ARG H 289 16.63 -1.29 52.39
C ARG H 289 17.32 -0.09 51.75
N ALA H 290 18.64 -0.06 51.78
CA ALA H 290 19.38 1.05 51.19
C ALA H 290 20.24 0.61 50.01
N ASP H 291 20.15 -0.66 49.66
CA ASP H 291 20.96 -1.18 48.56
C ASP H 291 20.15 -1.95 47.53
N HIS H 292 18.90 -1.56 47.31
CA HIS H 292 18.06 -2.26 46.35
C HIS H 292 18.75 -2.25 44.99
N PRO H 293 18.79 -3.42 44.32
CA PRO H 293 19.42 -3.55 43.01
C PRO H 293 18.92 -2.60 41.91
N ILE H 294 17.64 -2.25 41.95
CA ILE H 294 17.07 -1.38 40.93
C ILE H 294 17.86 -0.08 40.71
N TRP H 295 18.64 0.33 41.71
CA TRP H 295 19.42 1.56 41.61
C TRP H 295 20.72 1.40 40.83
N SER H 296 21.12 0.15 40.57
CA SER H 296 22.35 -0.10 39.85
C SER H 296 22.21 0.14 38.34
N ASN H 297 21.49 -0.74 37.66
CA ASN H 297 21.29 -0.59 36.22
C ASN H 297 20.11 0.35 35.96
#